data_5M8Q
#
_entry.id   5M8Q
#
_cell.length_a   89.640
_cell.length_b   140.426
_cell.length_c   191.559
_cell.angle_alpha   90.000
_cell.angle_beta   90.000
_cell.angle_gamma   90.000
#
_symmetry.space_group_name_H-M   'P 21 21 21'
#
loop_
_entity.id
_entity.type
_entity.pdbx_description
1 polymer '5,6-dihydroxyindole-2-carboxylic acid oxidase'
2 branched 2-acetamido-2-deoxy-beta-D-glucopyranose-(1-4)-[alpha-L-fucopyranose-(1-6)]2-acetamido-2-deoxy-beta-D-glucopyranose
3 branched 2-acetamido-2-deoxy-beta-D-glucopyranose-(1-4)-2-acetamido-2-deoxy-beta-D-glucopyranose
4 branched alpha-D-mannopyranose-(1-3)-[alpha-D-mannopyranose-(1-6)]alpha-D-mannopyranose-(1-4)-2-acetamido-2-deoxy-beta-D-glucopyranose-(1-4)-2-acetamido-2-deoxy-beta-D-glucopyranose
5 branched alpha-L-fucopyranose-(1-6)-2-acetamido-2-deoxy-beta-D-glucopyranose
6 branched alpha-D-mannopyranose-(1-3)-[alpha-D-mannopyranose-(1-6)]alpha-D-mannopyranose-(1-3)-2-acetamido-2-deoxy-beta-D-glucopyranose-(1-4)-2-acetamido-2-deoxy-beta-D-glucopyranose
7 non-polymer 2-acetamido-2-deoxy-beta-D-glucopyranose
8 non-polymer 'ZINC ION'
9 non-polymer 5-HYDROXY-2-(HYDROXYMETHYL)-4H-PYRAN-4-ONE
10 water water
#
_entity_poly.entity_id   1
_entity_poly.type   'polypeptide(L)'
_entity_poly.pdbx_seq_one_letter_code
;QFPRQCATVEALRSGMCCPDLSPVSGPGTDRCGSSSGRGRCEAVTADSRPHSPQYPHDGRDDREVWPLRFFNRTCHCNGN
FSGHNCGTCRPGWRGAACDQRVLIVRRNLLDLSKEEKNHFVRALDMAKRTTHPLFVIATRRSEEILGPDGNTPQFENISI
YNYFVWTHYYSVKKTFLGVGQESFGEVDFSHEGPAFLTWHRYHLLRLEKDMQEMLQEPSFSLPYWNFATGKNVCDICTDD
LMGSRSNFDSTLISPNSVFSQWRVVCDSLEDYDTLGTLCNSTEDGPIRRNPAGNVARPMVQRLPEPQDVAQCLEVGLFDT
PPFYSNSTNSFRNTVEGFSDPTGKYDPAVSSLHNLAHLFLNGTGGQVHLSPNDPIFVLLHTFTDAVFDEWLRRYNADIST
FPLENAPIGHNRQYNMVPFWPPVTNTEMFVTAPDNLGYTYEIQWPS
;
_entity_poly.pdbx_strand_id   A,B,C,D
#
# COMPACT_ATOMS: atom_id res chain seq x y z
N GLN A 1 14.03 -18.94 10.09
CA GLN A 1 14.48 -17.56 10.33
C GLN A 1 13.33 -16.69 10.78
N PHE A 2 13.26 -15.44 10.32
CA PHE A 2 12.28 -14.61 11.03
C PHE A 2 11.21 -14.08 10.08
N PRO A 3 9.99 -13.92 10.58
CA PRO A 3 8.98 -13.20 9.80
C PRO A 3 9.54 -11.85 9.37
N ARG A 4 9.25 -11.47 8.12
CA ARG A 4 9.64 -10.14 7.66
C ARG A 4 9.10 -9.06 8.60
N GLN A 5 7.85 -9.21 9.07
CA GLN A 5 7.27 -8.27 10.02
C GLN A 5 8.21 -7.96 11.19
N CYS A 6 9.01 -8.95 11.64
CA CYS A 6 9.91 -8.79 12.78
C CYS A 6 11.35 -8.49 12.36
N ALA A 7 11.61 -8.40 11.06
CA ALA A 7 12.94 -8.12 10.53
C ALA A 7 13.25 -6.64 10.52
N THR A 8 12.74 -5.91 11.50
CA THR A 8 12.78 -4.46 11.53
C THR A 8 13.66 -3.98 12.67
N VAL A 9 13.97 -2.68 12.62
CA VAL A 9 14.59 -2.01 13.76
C VAL A 9 13.65 -2.01 14.95
N GLU A 10 12.38 -1.63 14.72
CA GLU A 10 11.35 -1.64 15.77
C GLU A 10 11.37 -2.95 16.54
N ALA A 11 11.19 -4.06 15.83
CA ALA A 11 10.98 -5.34 16.49
C ALA A 11 12.27 -5.91 17.06
N LEU A 12 13.40 -5.63 16.41
CA LEU A 12 14.66 -6.21 16.88
C LEU A 12 15.09 -5.64 18.24
N ARG A 13 14.74 -4.38 18.56
CA ARG A 13 15.10 -3.85 19.86
C ARG A 13 13.97 -3.91 20.88
N SER A 14 12.73 -4.18 20.44
CA SER A 14 11.72 -4.61 21.40
C SER A 14 12.07 -5.97 21.98
N GLY A 15 12.87 -6.75 21.24
CA GLY A 15 13.03 -8.16 21.53
C GLY A 15 11.74 -8.93 21.36
N MET A 16 10.86 -8.47 20.46
CA MET A 16 9.52 -9.00 20.36
C MET A 16 9.17 -9.27 18.90
N CYS A 17 8.59 -10.45 18.68
CA CYS A 17 8.13 -10.88 17.36
C CYS A 17 6.75 -11.43 17.62
N CYS A 18 5.76 -10.59 17.42
CA CYS A 18 4.36 -10.89 17.70
C CYS A 18 3.51 -10.17 16.68
N PRO A 19 3.67 -10.47 15.40
CA PRO A 19 3.05 -9.64 14.36
C PRO A 19 1.54 -9.77 14.37
N ASP A 20 0.90 -8.85 13.64
CA ASP A 20 -0.56 -8.82 13.60
C ASP A 20 -1.11 -9.91 12.69
N LEU A 21 -2.32 -10.36 13.00
CA LEU A 21 -3.03 -11.27 12.10
C LEU A 21 -4.01 -10.50 11.23
N SER A 22 -5.09 -9.96 11.81
CA SER A 22 -6.08 -9.18 11.06
C SER A 22 -6.45 -7.92 11.85
N PRO A 23 -5.60 -6.86 11.78
CA PRO A 23 -5.81 -5.69 12.64
C PRO A 23 -6.72 -4.63 12.02
N VAL A 24 -7.95 -4.51 12.54
CA VAL A 24 -8.90 -3.52 12.05
C VAL A 24 -9.14 -2.40 13.06
N SER A 25 -8.32 -2.29 14.13
CA SER A 25 -8.18 -1.05 14.89
C SER A 25 -6.81 -0.42 14.68
N GLY A 26 -6.14 -0.77 13.57
CA GLY A 26 -4.81 -0.26 13.28
C GLY A 26 -3.71 -1.25 13.65
N PRO A 27 -2.47 -0.86 13.40
CA PRO A 27 -1.33 -1.67 13.85
C PRO A 27 -1.35 -1.90 15.35
N GLY A 28 -0.82 -3.07 15.77
CA GLY A 28 -0.74 -3.46 17.18
C GLY A 28 -1.99 -4.12 17.74
N THR A 29 -3.08 -4.12 16.97
CA THR A 29 -4.39 -4.48 17.47
C THR A 29 -4.64 -5.97 17.57
N ASP A 30 -3.97 -6.79 16.75
CA ASP A 30 -4.27 -8.21 16.67
C ASP A 30 -3.00 -9.03 16.75
N ARG A 31 -2.08 -8.62 17.63
CA ARG A 31 -0.83 -9.33 17.78
C ARG A 31 -1.16 -10.75 18.23
N CYS A 32 -0.90 -11.73 17.34
CA CYS A 32 -1.06 -13.17 17.58
C CYS A 32 -2.52 -13.59 17.52
N GLY A 33 -3.33 -12.86 16.77
CA GLY A 33 -4.74 -13.20 16.67
C GLY A 33 -5.45 -13.10 18.00
N SER A 34 -4.98 -12.21 18.88
CA SER A 34 -5.49 -12.13 20.24
C SER A 34 -6.89 -11.53 20.32
N SER A 35 -7.29 -10.72 19.33
CA SER A 35 -8.67 -10.25 19.33
C SER A 35 -9.62 -11.44 19.27
N SER A 36 -9.45 -12.29 18.25
CA SER A 36 -10.01 -13.64 18.23
C SER A 36 -9.35 -14.48 19.33
N GLY A 37 -9.88 -15.65 19.60
CA GLY A 37 -9.33 -16.40 20.72
C GLY A 37 -7.99 -17.08 20.47
N ARG A 38 -7.21 -16.61 19.49
CA ARG A 38 -6.27 -17.48 18.76
C ARG A 38 -4.87 -17.55 19.37
N GLY A 39 -4.27 -16.44 19.77
CA GLY A 39 -2.95 -16.53 20.36
C GLY A 39 -2.67 -15.32 21.20
N ARG A 40 -1.49 -15.30 21.81
CA ARG A 40 -1.18 -14.27 22.80
C ARG A 40 0.33 -14.11 22.89
N CYS A 41 0.81 -12.90 22.63
CA CYS A 41 2.23 -12.60 22.72
C CYS A 41 2.76 -12.74 24.14
N GLU A 42 3.55 -13.77 24.39
CA GLU A 42 4.10 -14.02 25.72
C GLU A 42 5.57 -14.43 25.58
N ALA A 43 6.28 -14.46 26.72
CA ALA A 43 7.72 -14.64 26.70
C ALA A 43 8.10 -16.07 26.30
N VAL A 44 9.24 -16.19 25.60
CA VAL A 44 9.66 -17.45 25.00
C VAL A 44 10.34 -18.32 26.04
N THR A 45 10.00 -19.59 26.08
CA THR A 45 10.75 -20.51 26.91
C THR A 45 11.88 -21.10 26.08
N ALA A 46 13.10 -20.91 26.57
CA ALA A 46 14.29 -21.50 25.96
C ALA A 46 14.84 -22.55 26.90
N ASP A 47 15.53 -23.52 26.34
CA ASP A 47 16.19 -24.49 27.18
C ASP A 47 17.45 -23.86 27.75
N SER A 48 17.65 -24.10 29.03
CA SER A 48 18.72 -23.50 29.80
C SER A 48 19.70 -24.54 30.32
N ARG A 49 19.32 -25.81 30.27
CA ARG A 49 20.11 -26.93 30.78
C ARG A 49 21.47 -26.92 30.12
N PRO A 50 22.48 -27.55 30.72
CA PRO A 50 23.83 -27.47 30.16
C PRO A 50 24.07 -28.48 29.04
N HIS A 51 24.99 -28.11 28.15
CA HIS A 51 25.32 -28.91 27.00
C HIS A 51 26.63 -29.63 27.24
N SER A 52 27.07 -30.39 26.24
CA SER A 52 28.29 -31.17 26.35
C SER A 52 29.47 -30.23 26.57
N PRO A 53 30.52 -30.68 27.27
CA PRO A 53 31.75 -29.88 27.36
C PRO A 53 32.36 -29.58 26.02
N GLN A 54 31.82 -30.17 24.95
CA GLN A 54 32.43 -30.03 23.63
C GLN A 54 32.42 -28.60 23.14
N TYR A 55 31.38 -27.82 23.45
CA TYR A 55 31.27 -26.43 23.00
C TYR A 55 31.88 -25.48 24.03
N PRO A 56 33.01 -24.83 23.73
CA PRO A 56 33.68 -23.96 24.70
C PRO A 56 33.04 -22.60 24.86
N HIS A 57 32.56 -22.02 23.76
CA HIS A 57 32.42 -20.57 23.61
C HIS A 57 31.07 -19.98 24.08
N ASP A 58 30.46 -20.48 25.16
CA ASP A 58 29.18 -19.94 25.61
C ASP A 58 29.20 -18.42 25.71
N GLY A 59 28.43 -17.76 24.84
CA GLY A 59 28.29 -16.31 24.81
C GLY A 59 28.80 -15.64 23.54
N ARG A 60 29.30 -16.38 22.55
CA ARG A 60 29.87 -15.74 21.38
C ARG A 60 29.03 -15.86 20.12
N ASP A 61 28.00 -16.72 20.09
CA ASP A 61 27.29 -16.89 18.84
C ASP A 61 25.78 -16.96 19.03
N ASP A 62 25.08 -16.40 18.03
CA ASP A 62 23.66 -16.10 18.12
C ASP A 62 22.78 -17.35 18.20
N ARG A 63 23.32 -18.52 17.90
CA ARG A 63 22.45 -19.69 17.90
C ARG A 63 22.14 -20.17 19.30
N GLU A 64 23.00 -19.87 20.27
CA GLU A 64 22.80 -20.32 21.64
C GLU A 64 21.43 -19.89 22.17
N VAL A 65 20.97 -20.63 23.18
CA VAL A 65 19.68 -20.45 23.85
C VAL A 65 18.59 -19.92 22.91
N TRP A 66 18.55 -20.45 21.69
CA TRP A 66 17.61 -20.02 20.65
C TRP A 66 16.18 -19.85 21.17
N PRO A 67 15.52 -18.74 20.78
CA PRO A 67 16.08 -17.65 19.96
C PRO A 67 16.52 -16.41 20.75
N LEU A 68 16.95 -16.58 22.01
CA LEU A 68 16.98 -15.46 22.94
C LEU A 68 17.97 -14.36 22.57
N ARG A 69 18.89 -14.58 21.63
CA ARG A 69 19.73 -13.46 21.22
C ARG A 69 19.05 -12.57 20.22
N PHE A 70 17.78 -12.82 19.92
CA PHE A 70 17.01 -12.04 18.95
C PHE A 70 15.65 -11.62 19.47
N PHE A 71 14.97 -12.52 20.16
CA PHE A 71 13.57 -12.26 20.55
C PHE A 71 13.25 -12.95 21.86
N ASN A 72 12.45 -12.24 22.64
CA ASN A 72 12.22 -12.46 24.05
C ASN A 72 10.74 -12.77 24.22
N ARG A 73 9.90 -12.28 23.30
CA ARG A 73 8.56 -12.84 23.22
C ARG A 73 8.09 -13.08 21.80
N THR A 74 7.31 -14.15 21.68
CA THR A 74 6.82 -14.72 20.45
C THR A 74 5.33 -14.90 20.62
N CYS A 75 4.65 -15.26 19.54
CA CYS A 75 3.25 -15.64 19.70
C CYS A 75 3.19 -17.06 20.23
N HIS A 76 2.42 -17.28 21.28
CA HIS A 76 2.04 -18.61 21.71
C HIS A 76 0.57 -18.77 21.34
N CYS A 77 0.29 -19.72 20.45
CA CYS A 77 -1.08 -19.91 19.98
C CYS A 77 -1.86 -20.83 20.90
N ASN A 78 -3.18 -20.60 20.97
CA ASN A 78 -4.05 -21.38 21.83
C ASN A 78 -4.60 -22.58 21.08
N GLY A 79 -4.63 -23.72 21.78
CA GLY A 79 -5.17 -24.93 21.18
C GLY A 79 -4.33 -25.31 19.98
N ASN A 80 -4.98 -25.36 18.81
CA ASN A 80 -4.35 -25.89 17.62
C ASN A 80 -4.17 -24.84 16.55
N PHE A 81 -4.03 -23.60 16.96
CA PHE A 81 -3.50 -22.65 16.02
C PHE A 81 -1.98 -22.75 16.11
N SER A 82 -1.33 -22.25 15.07
CA SER A 82 0.11 -22.35 14.88
C SER A 82 0.50 -21.24 13.92
N GLY A 83 1.79 -20.93 13.87
CA GLY A 83 2.27 -19.91 12.97
C GLY A 83 2.81 -18.71 13.72
N HIS A 84 3.44 -17.82 12.95
CA HIS A 84 4.15 -16.70 13.56
C HIS A 84 3.19 -15.69 14.17
N ASN A 85 2.02 -15.54 13.56
CA ASN A 85 0.95 -14.70 14.07
C ASN A 85 -0.28 -15.55 14.38
N CYS A 86 -0.06 -16.83 14.69
CA CYS A 86 -1.14 -17.78 14.97
C CYS A 86 -2.18 -17.82 13.85
N GLY A 87 -1.72 -17.62 12.61
CA GLY A 87 -2.60 -17.50 11.46
C GLY A 87 -2.96 -18.79 10.76
N THR A 88 -2.26 -19.89 11.02
CA THR A 88 -2.57 -21.16 10.37
C THR A 88 -2.82 -22.21 11.47
N CYS A 89 -2.65 -23.49 11.16
CA CYS A 89 -2.94 -24.56 12.10
C CYS A 89 -1.68 -25.38 12.40
N ARG A 90 -1.70 -26.07 13.55
CA ARG A 90 -0.65 -27.01 13.85
C ARG A 90 -0.76 -28.22 12.92
N PRO A 91 0.34 -28.94 12.71
CA PRO A 91 0.31 -30.11 11.81
C PRO A 91 -0.82 -31.07 12.11
N GLY A 92 -1.61 -31.37 11.07
CA GLY A 92 -2.71 -32.29 11.21
C GLY A 92 -4.07 -31.66 11.47
N TRP A 93 -4.25 -30.38 11.16
CA TRP A 93 -5.54 -29.72 11.29
C TRP A 93 -5.71 -28.67 10.20
N ARG A 94 -6.95 -28.46 9.76
CA ARG A 94 -7.29 -27.40 8.81
C ARG A 94 -8.63 -26.79 9.20
N GLY A 95 -9.22 -26.06 8.27
CA GLY A 95 -10.43 -25.32 8.55
C GLY A 95 -10.14 -23.98 9.21
N ALA A 96 -11.15 -23.10 9.14
CA ALA A 96 -11.04 -21.78 9.75
C ALA A 96 -10.78 -21.87 11.24
N ALA A 97 -11.29 -22.92 11.89
CA ALA A 97 -11.20 -23.07 13.33
C ALA A 97 -10.13 -24.08 13.74
N CYS A 98 -9.32 -24.55 12.80
CA CYS A 98 -8.37 -25.63 13.06
C CYS A 98 -9.04 -26.75 13.85
N ASP A 99 -10.17 -27.23 13.33
CA ASP A 99 -10.94 -28.29 13.95
C ASP A 99 -11.15 -29.51 13.06
N GLN A 100 -10.83 -29.43 11.76
CA GLN A 100 -10.96 -30.56 10.84
C GLN A 100 -9.60 -31.22 10.69
N ARG A 101 -9.54 -32.52 10.97
CA ARG A 101 -8.27 -33.22 10.96
C ARG A 101 -7.91 -33.65 9.54
N VAL A 102 -6.60 -33.82 9.29
CA VAL A 102 -6.10 -34.23 7.98
C VAL A 102 -5.02 -35.29 8.17
N LEU A 103 -4.76 -36.01 7.09
CA LEU A 103 -3.72 -37.03 7.06
C LEU A 103 -3.26 -37.16 5.62
N ILE A 104 -2.08 -36.64 5.29
CA ILE A 104 -1.54 -36.83 3.95
C ILE A 104 -0.61 -38.03 3.95
N VAL A 105 -0.26 -38.50 2.75
CA VAL A 105 0.53 -39.71 2.56
C VAL A 105 1.76 -39.38 1.72
N ARG A 106 2.93 -39.80 2.20
CA ARG A 106 4.18 -39.67 1.47
C ARG A 106 4.54 -41.04 0.91
N ARG A 107 4.59 -41.14 -0.42
CA ARG A 107 4.80 -42.41 -1.09
C ARG A 107 6.19 -42.46 -1.73
N ASN A 108 6.68 -43.68 -2.01
CA ASN A 108 7.91 -43.83 -2.80
C ASN A 108 7.81 -43.08 -4.13
N LEU A 109 8.87 -42.37 -4.50
CA LEU A 109 8.81 -41.51 -5.70
C LEU A 109 8.61 -42.30 -6.99
N LEU A 110 8.96 -43.58 -6.99
CA LEU A 110 8.89 -44.41 -8.18
C LEU A 110 7.52 -45.05 -8.37
N ASP A 111 6.68 -45.07 -7.33
CA ASP A 111 5.29 -45.49 -7.42
C ASP A 111 4.36 -44.38 -7.93
N LEU A 112 4.89 -43.19 -8.20
CA LEU A 112 4.04 -42.06 -8.53
C LEU A 112 3.67 -42.10 -10.00
N SER A 113 2.48 -41.59 -10.31
CA SER A 113 2.05 -41.57 -11.70
C SER A 113 2.95 -40.69 -12.55
N LYS A 114 2.77 -40.81 -13.86
CA LYS A 114 3.50 -39.98 -14.82
C LYS A 114 3.27 -38.51 -14.52
N GLU A 115 2.02 -38.12 -14.27
CA GLU A 115 1.71 -36.71 -14.04
C GLU A 115 2.15 -36.26 -12.66
N GLU A 116 1.99 -37.14 -11.65
CA GLU A 116 2.42 -36.82 -10.30
C GLU A 116 3.91 -36.51 -10.27
N LYS A 117 4.72 -37.40 -10.84
CA LYS A 117 6.15 -37.14 -10.96
C LYS A 117 6.41 -35.77 -11.57
N ASN A 118 5.82 -35.49 -12.73
CA ASN A 118 6.04 -34.19 -13.38
C ASN A 118 5.65 -33.04 -12.47
N HIS A 119 4.54 -33.17 -11.74
CA HIS A 119 4.07 -32.05 -10.92
C HIS A 119 4.97 -31.83 -9.71
N PHE A 120 5.49 -32.92 -9.12
CA PHE A 120 6.45 -32.77 -8.03
C PHE A 120 7.67 -32.00 -8.51
N VAL A 121 8.31 -32.51 -9.55
CA VAL A 121 9.47 -31.84 -10.15
C VAL A 121 9.15 -30.38 -10.42
N ARG A 122 8.04 -30.11 -11.13
CA ARG A 122 7.67 -28.73 -11.41
C ARG A 122 7.36 -27.97 -10.14
N ALA A 123 6.90 -28.65 -9.09
CA ALA A 123 6.70 -27.97 -7.81
C ALA A 123 8.02 -27.59 -7.17
N LEU A 124 8.95 -28.55 -7.01
CA LEU A 124 10.28 -28.20 -6.50
C LEU A 124 10.87 -27.01 -7.25
N ASP A 125 10.86 -27.08 -8.59
CA ASP A 125 11.43 -26.00 -9.38
C ASP A 125 10.73 -24.68 -9.08
N MET A 126 9.40 -24.68 -8.99
CA MET A 126 8.70 -23.45 -8.68
C MET A 126 9.07 -22.94 -7.29
N ALA A 127 9.29 -23.85 -6.35
CA ALA A 127 9.71 -23.46 -5.01
C ALA A 127 11.08 -22.78 -5.04
N LYS A 128 11.95 -23.23 -5.93
CA LYS A 128 13.27 -22.60 -6.05
C LYS A 128 13.18 -21.17 -6.53
N ARG A 129 12.21 -20.86 -7.38
CA ARG A 129 12.15 -19.55 -8.04
C ARG A 129 11.23 -18.57 -7.33
N THR A 130 10.42 -19.03 -6.38
CA THR A 130 9.37 -18.23 -5.78
C THR A 130 9.80 -17.69 -4.43
N THR A 131 9.73 -16.37 -4.29
CA THR A 131 10.14 -15.72 -3.04
C THR A 131 9.29 -16.21 -1.87
N HIS A 132 9.94 -16.65 -0.80
CA HIS A 132 9.21 -17.04 0.39
C HIS A 132 8.31 -15.91 0.86
N PRO A 133 7.00 -16.14 1.05
CA PRO A 133 6.10 -15.05 1.46
C PRO A 133 6.41 -14.51 2.85
N LEU A 134 7.05 -15.30 3.68
CA LEU A 134 6.98 -15.05 5.11
C LEU A 134 8.33 -14.79 5.75
N PHE A 135 9.33 -15.63 5.50
CA PHE A 135 10.62 -15.54 6.16
C PHE A 135 11.61 -14.79 5.29
N VAL A 136 12.45 -14.00 5.94
CA VAL A 136 13.62 -13.39 5.32
C VAL A 136 14.82 -13.85 6.15
N ILE A 137 15.98 -13.94 5.51
CA ILE A 137 17.18 -14.43 6.17
C ILE A 137 18.09 -13.27 6.55
N ALA A 138 18.76 -13.40 7.70
CA ALA A 138 19.81 -12.48 8.14
C ALA A 138 21.10 -12.78 7.40
N THR A 139 21.72 -11.74 6.86
CA THR A 139 22.97 -11.92 6.14
C THR A 139 24.18 -11.65 7.03
N ARG A 140 23.96 -11.25 8.28
CA ARG A 140 25.03 -10.94 9.21
C ARG A 140 24.63 -11.38 10.62
N ARG A 141 25.64 -11.51 11.49
CA ARG A 141 25.33 -11.80 12.88
C ARG A 141 24.58 -10.63 13.51
N SER A 142 24.04 -10.88 14.72
CA SER A 142 23.22 -9.85 15.37
C SER A 142 24.04 -8.61 15.71
N GLU A 143 25.33 -8.78 16.04
CA GLU A 143 26.22 -7.65 16.28
C GLU A 143 26.18 -6.64 15.14
N GLU A 144 26.08 -7.13 13.90
CA GLU A 144 26.07 -6.29 12.70
C GLU A 144 24.71 -6.29 11.98
N ILE A 145 23.63 -6.66 12.68
CA ILE A 145 22.40 -6.97 11.97
C ILE A 145 21.61 -5.73 11.58
N LEU A 146 21.78 -4.62 12.30
CA LEU A 146 21.06 -3.39 12.01
C LEU A 146 21.81 -2.51 11.02
N GLY A 147 22.91 -3.00 10.46
CA GLY A 147 23.61 -2.29 9.41
C GLY A 147 24.67 -1.36 9.93
N PRO A 148 25.44 -0.76 9.02
CA PRO A 148 26.37 0.31 9.42
C PRO A 148 25.66 1.49 10.06
N ASP A 149 24.53 1.89 9.49
CA ASP A 149 23.74 3.01 9.97
C ASP A 149 23.00 2.71 11.27
N GLY A 150 23.12 1.50 11.84
CA GLY A 150 22.27 1.10 12.94
C GLY A 150 20.78 1.22 12.67
N ASN A 151 20.39 1.24 11.39
CA ASN A 151 19.00 1.50 11.03
C ASN A 151 18.58 0.90 9.68
N THR A 152 19.40 0.09 9.01
CA THR A 152 18.94 -0.71 7.88
C THR A 152 19.22 -2.18 8.16
N PRO A 153 18.20 -2.96 8.54
CA PRO A 153 18.41 -4.36 8.90
C PRO A 153 18.94 -5.17 7.74
N GLN A 154 19.86 -6.08 8.04
CA GLN A 154 20.62 -6.76 7.01
C GLN A 154 20.02 -8.14 6.72
N PHE A 155 18.77 -8.11 6.25
CA PHE A 155 18.01 -9.29 5.85
C PHE A 155 17.66 -9.24 4.38
N GLU A 156 17.79 -10.38 3.70
CA GLU A 156 17.35 -10.44 2.32
C GLU A 156 16.15 -11.36 2.18
N ASN A 157 15.40 -11.10 1.10
CA ASN A 157 14.35 -12.00 0.69
C ASN A 157 14.98 -13.29 0.18
N ILE A 158 14.26 -14.39 0.29
CA ILE A 158 14.86 -15.69 -0.04
C ILE A 158 13.77 -16.59 -0.60
N SER A 159 14.13 -17.42 -1.59
CA SER A 159 13.11 -18.28 -2.18
C SER A 159 12.73 -19.39 -1.22
N ILE A 160 11.59 -20.00 -1.52
CA ILE A 160 11.04 -21.03 -0.64
C ILE A 160 12.06 -22.12 -0.44
N TYR A 161 12.52 -22.70 -1.54
CA TYR A 161 13.49 -23.79 -1.46
C TYR A 161 14.81 -23.31 -0.87
N ASN A 162 15.29 -22.14 -1.26
CA ASN A 162 16.57 -21.67 -0.73
C ASN A 162 16.50 -21.41 0.77
N TYR A 163 15.34 -20.97 1.28
CA TYR A 163 15.16 -20.91 2.73
C TYR A 163 15.44 -22.26 3.37
N PHE A 164 14.79 -23.30 2.88
CA PHE A 164 15.09 -24.67 3.25
C PHE A 164 16.60 -24.91 3.29
N VAL A 165 17.32 -24.48 2.24
CA VAL A 165 18.78 -24.64 2.23
C VAL A 165 19.39 -23.83 3.35
N TRP A 166 18.98 -22.57 3.48
CA TRP A 166 19.59 -21.65 4.44
C TRP A 166 19.52 -22.19 5.87
N THR A 167 18.31 -22.47 6.36
CA THR A 167 18.15 -23.01 7.71
C THR A 167 19.09 -24.18 7.98
N HIS A 168 19.36 -25.00 6.97
CA HIS A 168 20.31 -26.09 7.15
C HIS A 168 21.73 -25.57 7.27
N TYR A 169 22.09 -24.59 6.44
CA TYR A 169 23.41 -23.96 6.53
C TYR A 169 23.63 -23.36 7.91
N TYR A 170 22.63 -22.62 8.40
CA TYR A 170 22.78 -21.84 9.62
C TYR A 170 22.87 -22.72 10.85
N SER A 171 22.44 -23.98 10.76
CA SER A 171 22.55 -24.89 11.88
C SER A 171 23.88 -25.62 11.90
N VAL A 172 24.68 -25.49 10.86
CA VAL A 172 25.94 -26.18 10.76
C VAL A 172 27.13 -25.24 10.62
N LYS A 173 26.90 -24.03 10.12
CA LYS A 173 27.86 -22.92 10.09
C LYS A 173 28.82 -22.96 11.27
N LYS A 174 30.07 -22.57 11.05
CA LYS A 174 31.00 -22.49 12.17
C LYS A 174 30.76 -21.23 13.01
N THR A 175 30.96 -21.36 14.32
CA THR A 175 30.94 -20.19 15.20
C THR A 175 32.09 -19.25 14.84
N PHE A 176 31.77 -18.01 14.49
CA PHE A 176 32.77 -17.00 14.20
C PHE A 176 33.16 -16.27 15.49
N LEU A 177 34.46 -16.03 15.66
CA LEU A 177 34.97 -15.47 16.91
C LEU A 177 35.60 -14.09 16.74
N GLY A 178 36.16 -13.80 15.58
CA GLY A 178 36.77 -12.53 15.27
C GLY A 178 37.68 -12.68 14.08
N VAL A 179 37.94 -11.57 13.39
CA VAL A 179 38.84 -11.64 12.23
C VAL A 179 40.20 -12.17 12.67
N GLY A 180 40.88 -12.80 11.74
CA GLY A 180 42.11 -13.53 12.09
C GLY A 180 41.93 -14.75 12.98
N GLN A 181 41.07 -14.65 14.00
CA GLN A 181 40.68 -15.79 14.82
C GLN A 181 39.98 -16.84 13.95
N GLU A 182 40.57 -18.03 13.86
CA GLU A 182 39.98 -19.10 13.06
C GLU A 182 38.71 -19.61 13.73
N SER A 183 37.60 -19.62 12.99
CA SER A 183 36.29 -19.93 13.56
C SER A 183 36.22 -21.38 14.07
N PHE A 184 35.23 -21.64 14.94
CA PHE A 184 35.13 -22.91 15.65
C PHE A 184 34.12 -23.85 15.00
N GLY A 185 34.50 -25.12 14.88
CA GLY A 185 33.73 -26.05 14.08
C GLY A 185 33.16 -27.26 14.79
N GLU A 186 33.69 -27.62 15.96
CA GLU A 186 33.16 -28.81 16.65
C GLU A 186 31.78 -28.46 17.18
N VAL A 187 30.90 -28.08 16.26
CA VAL A 187 29.61 -27.48 16.60
C VAL A 187 28.63 -27.82 15.48
N ASP A 188 27.48 -28.38 15.85
CA ASP A 188 26.47 -28.79 14.88
C ASP A 188 25.13 -28.83 15.58
N PHE A 189 24.21 -27.96 15.15
CA PHE A 189 22.91 -27.89 15.78
C PHE A 189 21.88 -28.85 15.19
N SER A 190 22.25 -29.61 14.14
CA SER A 190 21.28 -30.49 13.49
C SER A 190 21.82 -31.87 13.18
N HIS A 191 23.12 -32.12 13.37
CA HIS A 191 23.75 -33.40 13.10
C HIS A 191 24.59 -33.84 14.29
N GLU A 192 25.00 -35.12 14.22
CA GLU A 192 25.88 -35.74 15.20
C GLU A 192 25.33 -35.50 16.61
N GLY A 193 24.10 -35.94 16.82
CA GLY A 193 23.45 -35.80 18.09
C GLY A 193 21.99 -36.16 17.98
N PRO A 194 21.30 -36.28 19.11
CA PRO A 194 19.92 -36.79 19.07
C PRO A 194 18.95 -35.93 18.24
N ALA A 195 19.21 -34.62 18.11
CA ALA A 195 18.31 -33.73 17.40
C ALA A 195 18.34 -33.94 15.89
N PHE A 196 19.29 -34.73 15.39
CA PHE A 196 19.39 -34.99 13.96
C PHE A 196 18.04 -35.40 13.38
N LEU A 197 17.37 -36.36 14.01
CA LEU A 197 16.09 -36.78 13.47
C LEU A 197 15.00 -35.74 13.70
N THR A 198 15.00 -35.02 14.81
CA THR A 198 13.87 -34.10 14.96
C THR A 198 14.09 -32.81 14.16
N TRP A 199 15.31 -32.28 14.18
CA TRP A 199 15.63 -31.14 13.31
C TRP A 199 15.22 -31.41 11.86
N HIS A 200 15.67 -32.53 11.30
CA HIS A 200 15.36 -32.80 9.90
C HIS A 200 13.89 -33.16 9.69
N ARG A 201 13.19 -33.62 10.73
CA ARG A 201 11.75 -33.87 10.58
C ARG A 201 10.98 -32.56 10.45
N TYR A 202 11.28 -31.57 11.31
CA TYR A 202 10.65 -30.26 11.17
C TYR A 202 11.04 -29.60 9.84
N HIS A 203 12.32 -29.71 9.46
CA HIS A 203 12.83 -29.20 8.18
C HIS A 203 11.95 -29.61 7.02
N LEU A 204 11.59 -30.90 6.99
CA LEU A 204 10.71 -31.41 5.95
C LEU A 204 9.31 -30.88 6.12
N LEU A 205 8.79 -30.91 7.34
CA LEU A 205 7.49 -30.34 7.66
C LEU A 205 7.35 -28.92 7.10
N ARG A 206 8.30 -28.05 7.42
CA ARG A 206 8.19 -26.65 7.00
C ARG A 206 8.23 -26.53 5.48
N LEU A 207 9.16 -27.22 4.82
CA LEU A 207 9.17 -27.22 3.36
C LEU A 207 7.86 -27.75 2.81
N GLU A 208 7.36 -28.84 3.38
CA GLU A 208 6.08 -29.39 2.93
C GLU A 208 4.96 -28.38 3.14
N LYS A 209 4.91 -27.78 4.33
CA LYS A 209 3.94 -26.73 4.61
C LYS A 209 4.05 -25.63 3.58
N ASP A 210 5.28 -25.23 3.27
CA ASP A 210 5.48 -24.11 2.37
C ASP A 210 5.04 -24.47 0.95
N MET A 211 5.51 -25.61 0.45
CA MET A 211 5.12 -25.99 -0.90
C MET A 211 3.60 -26.20 -1.01
N GLN A 212 2.95 -26.58 0.10
CA GLN A 212 1.50 -26.74 0.08
C GLN A 212 0.80 -25.41 -0.20
N GLU A 213 1.24 -24.32 0.45
CA GLU A 213 0.61 -23.03 0.25
C GLU A 213 0.94 -22.46 -1.11
N MET A 214 2.23 -22.50 -1.48
CA MET A 214 2.68 -22.12 -2.82
C MET A 214 1.79 -22.70 -3.90
N LEU A 215 1.53 -24.01 -3.83
CA LEU A 215 0.72 -24.67 -4.85
C LEU A 215 -0.78 -24.46 -4.65
N GLN A 216 -1.21 -23.84 -3.55
CA GLN A 216 -2.63 -23.81 -3.19
C GLN A 216 -3.18 -25.24 -3.16
N GLU A 217 -2.39 -26.17 -2.61
CA GLU A 217 -2.70 -27.60 -2.66
C GLU A 217 -2.51 -28.17 -1.27
N PRO A 218 -3.55 -28.13 -0.43
CA PRO A 218 -3.40 -28.53 0.98
C PRO A 218 -2.85 -29.93 1.17
N SER A 219 -3.08 -30.86 0.24
CA SER A 219 -2.70 -32.24 0.47
C SER A 219 -1.50 -32.66 -0.37
N PHE A 220 -0.69 -31.71 -0.82
CA PHE A 220 0.58 -32.04 -1.46
C PHE A 220 1.48 -32.68 -0.43
N SER A 221 2.18 -33.74 -0.82
CA SER A 221 3.01 -34.47 0.12
C SER A 221 4.39 -34.70 -0.46
N LEU A 222 5.38 -34.68 0.42
CA LEU A 222 6.76 -34.88 -0.01
C LEU A 222 7.00 -36.37 -0.18
N PRO A 223 7.21 -36.83 -1.41
CA PRO A 223 7.53 -38.24 -1.63
C PRO A 223 8.93 -38.56 -1.14
N TYR A 224 9.21 -39.85 -0.93
CA TYR A 224 10.52 -40.27 -0.42
C TYR A 224 11.32 -41.05 -1.46
N TRP A 225 12.62 -41.22 -1.16
CA TRP A 225 13.56 -41.95 -2.02
C TRP A 225 14.08 -43.17 -1.26
N ASN A 226 13.74 -44.36 -1.73
CA ASN A 226 14.25 -45.55 -1.08
C ASN A 226 15.67 -45.81 -1.58
N PHE A 227 16.67 -45.34 -0.83
CA PHE A 227 18.06 -45.52 -1.23
C PHE A 227 18.67 -46.76 -0.65
N ALA A 228 17.93 -47.50 0.19
CA ALA A 228 18.40 -48.75 0.77
C ALA A 228 17.99 -49.95 -0.09
N THR A 229 18.51 -49.92 -1.32
CA THR A 229 18.41 -50.98 -2.30
C THR A 229 19.77 -51.57 -2.63
N GLY A 230 20.85 -50.85 -2.32
CA GLY A 230 22.19 -51.35 -2.52
C GLY A 230 22.71 -51.29 -3.93
N LYS A 231 22.13 -50.47 -4.77
CA LYS A 231 22.49 -50.44 -6.18
C LYS A 231 23.77 -49.65 -6.45
N ASN A 232 24.34 -49.93 -7.60
CA ASN A 232 25.52 -49.28 -8.13
C ASN A 232 25.23 -47.85 -8.56
N VAL A 233 23.95 -47.49 -8.71
CA VAL A 233 23.52 -46.32 -9.46
C VAL A 233 22.36 -45.64 -8.73
N CYS A 234 22.08 -44.40 -9.11
CA CYS A 234 21.03 -43.58 -8.50
C CYS A 234 19.71 -43.79 -9.23
N ASP A 235 18.87 -44.72 -8.73
CA ASP A 235 17.65 -45.05 -9.47
C ASP A 235 16.66 -43.88 -9.58
N ILE A 236 16.94 -42.68 -9.05
CA ILE A 236 16.10 -41.51 -9.32
C ILE A 236 16.87 -40.42 -10.05
N CYS A 237 17.97 -40.75 -10.73
CA CYS A 237 18.71 -39.73 -11.49
C CYS A 237 18.38 -39.90 -12.98
N THR A 238 17.18 -39.43 -13.31
CA THR A 238 16.61 -39.56 -14.64
C THR A 238 15.94 -38.24 -14.96
N ASP A 239 15.91 -37.85 -16.23
CA ASP A 239 15.34 -36.56 -16.58
C ASP A 239 13.84 -36.44 -16.23
N ASP A 240 13.12 -37.55 -16.04
CA ASP A 240 11.74 -37.38 -15.56
C ASP A 240 11.65 -37.11 -14.06
N LEU A 241 12.75 -37.28 -13.29
CA LEU A 241 12.75 -36.92 -11.87
C LEU A 241 14.19 -36.76 -11.36
N MET A 242 14.59 -35.54 -11.01
CA MET A 242 15.88 -35.23 -10.37
C MET A 242 17.05 -35.13 -11.34
N GLY A 243 16.90 -35.70 -12.55
CA GLY A 243 17.84 -35.47 -13.64
C GLY A 243 18.92 -36.52 -13.73
N SER A 244 19.25 -37.00 -14.94
CA SER A 244 20.39 -37.89 -15.08
C SER A 244 21.66 -37.08 -15.37
N ARG A 245 22.78 -37.80 -15.45
CA ARG A 245 24.07 -37.17 -15.67
C ARG A 245 24.10 -36.44 -17.01
N SER A 246 24.81 -35.31 -17.05
CA SER A 246 24.96 -34.55 -18.28
C SER A 246 26.03 -35.15 -19.18
N ASN A 247 25.68 -35.40 -20.44
CA ASN A 247 26.60 -35.97 -21.42
C ASN A 247 27.76 -35.05 -21.74
N PHE A 248 27.72 -33.80 -21.29
CA PHE A 248 28.81 -32.88 -21.57
C PHE A 248 29.75 -32.68 -20.38
N ASP A 249 29.29 -32.98 -19.16
CA ASP A 249 30.16 -32.89 -17.99
C ASP A 249 29.60 -33.89 -17.00
N SER A 250 30.29 -35.01 -16.82
CA SER A 250 29.72 -36.08 -16.00
C SER A 250 29.49 -35.68 -14.54
N THR A 251 29.96 -34.50 -14.10
CA THR A 251 29.70 -34.03 -12.73
C THR A 251 28.52 -33.07 -12.65
N LEU A 252 27.90 -32.71 -13.76
CA LEU A 252 26.71 -31.87 -13.72
C LEU A 252 25.49 -32.68 -14.18
N ILE A 253 24.32 -32.07 -13.99
CA ILE A 253 23.05 -32.70 -14.35
C ILE A 253 22.66 -32.36 -15.79
N SER A 254 22.16 -33.39 -16.49
CA SER A 254 21.56 -33.32 -17.80
C SER A 254 20.92 -31.97 -18.10
N PRO A 255 21.26 -31.32 -19.21
CA PRO A 255 20.55 -30.08 -19.57
C PRO A 255 19.10 -30.33 -19.84
N ASN A 256 18.69 -31.59 -20.01
CA ASN A 256 17.27 -31.88 -20.19
C ASN A 256 16.49 -31.91 -18.87
N SER A 257 17.10 -31.56 -17.72
CA SER A 257 16.37 -31.46 -16.47
C SER A 257 16.41 -30.02 -15.97
N VAL A 258 15.30 -29.58 -15.35
CA VAL A 258 15.26 -28.23 -14.78
C VAL A 258 16.39 -28.05 -13.77
N PHE A 259 16.65 -29.06 -12.96
CA PHE A 259 17.68 -28.93 -11.93
C PHE A 259 19.06 -28.64 -12.51
N SER A 260 19.27 -28.86 -13.80
CA SER A 260 20.52 -28.42 -14.43
C SER A 260 20.65 -26.91 -14.39
N GLN A 261 19.52 -26.22 -14.29
CA GLN A 261 19.45 -24.76 -14.23
C GLN A 261 19.63 -24.23 -12.83
N TRP A 262 19.38 -25.06 -11.81
CA TRP A 262 19.51 -24.60 -10.43
C TRP A 262 20.92 -24.11 -10.15
N ARG A 263 21.01 -23.07 -9.31
CA ARG A 263 22.26 -22.49 -8.86
C ARG A 263 22.24 -22.34 -7.35
N VAL A 264 23.35 -22.66 -6.70
CA VAL A 264 23.39 -22.95 -5.27
C VAL A 264 23.55 -21.68 -4.43
N VAL A 265 23.09 -21.75 -3.16
CA VAL A 265 23.33 -20.71 -2.19
C VAL A 265 24.17 -21.29 -1.07
N CYS A 266 25.00 -20.42 -0.48
CA CYS A 266 25.87 -20.75 0.65
C CYS A 266 27.10 -21.55 0.22
N ASP A 267 27.63 -21.32 -0.98
CA ASP A 267 28.86 -22.00 -1.40
C ASP A 267 30.07 -21.07 -1.32
N SER A 268 30.20 -20.30 -0.24
CA SER A 268 31.35 -19.44 -0.06
C SER A 268 31.71 -19.35 1.42
N LEU A 269 32.03 -20.51 2.03
CA LEU A 269 32.22 -20.49 3.48
C LEU A 269 33.44 -19.68 3.85
N GLU A 270 34.45 -19.68 2.99
CA GLU A 270 35.63 -18.90 3.32
C GLU A 270 35.30 -17.42 3.45
N ASP A 271 34.26 -16.94 2.75
CA ASP A 271 33.73 -15.61 3.07
C ASP A 271 33.06 -15.61 4.45
N TYR A 272 32.13 -16.55 4.70
CA TYR A 272 31.36 -16.52 5.94
C TYR A 272 32.27 -16.62 7.16
N ASP A 273 33.15 -17.61 7.16
CA ASP A 273 33.88 -17.96 8.37
C ASP A 273 35.18 -17.21 8.53
N THR A 274 35.48 -16.25 7.66
CA THR A 274 36.60 -15.34 7.93
C THR A 274 36.19 -13.90 8.15
N LEU A 275 35.06 -13.45 7.59
CA LEU A 275 34.58 -12.10 7.88
C LEU A 275 33.41 -12.05 8.85
N GLY A 276 32.84 -13.19 9.21
CA GLY A 276 31.74 -13.16 10.15
C GLY A 276 30.42 -12.82 9.52
N THR A 277 30.28 -13.10 8.22
CA THR A 277 29.01 -12.93 7.53
C THR A 277 28.19 -14.21 7.62
N LEU A 278 27.05 -14.17 6.94
CA LEU A 278 26.20 -15.33 6.80
C LEU A 278 25.91 -15.54 5.33
N CYS A 279 25.67 -16.79 4.96
CA CYS A 279 25.10 -17.11 3.65
C CYS A 279 23.94 -16.19 3.31
N ASN A 280 24.02 -15.55 2.16
CA ASN A 280 22.90 -14.71 1.73
C ASN A 280 22.19 -15.36 0.55
N SER A 281 21.28 -14.61 -0.06
CA SER A 281 20.38 -15.18 -1.05
C SER A 281 20.94 -15.18 -2.46
N THR A 282 22.20 -14.79 -2.65
CA THR A 282 22.75 -14.76 -4.00
C THR A 282 23.30 -16.14 -4.38
N GLU A 283 22.84 -16.64 -5.52
CA GLU A 283 23.25 -17.92 -6.07
C GLU A 283 24.54 -17.77 -6.87
N ASP A 284 25.29 -18.87 -6.97
CA ASP A 284 26.39 -18.94 -7.92
C ASP A 284 26.47 -20.32 -8.59
N GLY A 285 27.39 -21.17 -8.17
CA GLY A 285 27.67 -22.39 -8.89
C GLY A 285 26.46 -23.28 -9.20
N PRO A 286 26.61 -24.16 -10.19
CA PRO A 286 25.56 -25.17 -10.43
C PRO A 286 25.68 -26.31 -9.43
N ILE A 287 24.70 -27.20 -9.46
CA ILE A 287 24.80 -28.41 -8.65
C ILE A 287 25.85 -29.33 -9.25
N ARG A 288 26.63 -29.95 -8.37
CA ARG A 288 27.53 -31.05 -8.73
C ARG A 288 26.93 -32.36 -8.22
N ARG A 289 26.91 -33.36 -9.09
CA ARG A 289 26.53 -34.69 -8.63
C ARG A 289 27.29 -35.73 -9.44
N ASN A 290 27.72 -36.81 -8.78
CA ASN A 290 28.49 -37.87 -9.44
C ASN A 290 28.23 -39.20 -8.76
N PRO A 291 27.02 -39.75 -8.92
CA PRO A 291 26.66 -40.97 -8.16
C PRO A 291 27.63 -42.11 -8.41
N ALA A 292 28.11 -42.69 -7.32
CA ALA A 292 29.12 -43.74 -7.32
C ALA A 292 30.42 -43.29 -7.95
N GLY A 293 30.59 -42.00 -8.21
CA GLY A 293 31.78 -41.47 -8.85
C GLY A 293 32.96 -41.18 -7.94
N ASN A 294 32.94 -41.72 -6.73
CA ASN A 294 34.03 -41.48 -5.77
C ASN A 294 35.05 -42.61 -5.93
N VAL A 295 35.93 -42.42 -6.92
CA VAL A 295 37.01 -43.38 -7.18
C VAL A 295 37.82 -43.64 -5.92
N ALA A 296 38.11 -42.57 -5.16
CA ALA A 296 39.05 -42.62 -4.04
C ALA A 296 38.51 -43.37 -2.82
N ARG A 297 37.20 -43.60 -2.73
CA ARG A 297 36.60 -44.02 -1.47
C ARG A 297 35.56 -45.11 -1.71
N PRO A 298 36.01 -46.34 -2.00
CA PRO A 298 35.09 -47.38 -2.49
C PRO A 298 33.94 -47.70 -1.53
N MET A 299 34.08 -47.45 -0.23
CA MET A 299 32.97 -47.81 0.64
C MET A 299 31.77 -46.88 0.50
N VAL A 300 31.84 -45.88 -0.40
CA VAL A 300 30.76 -44.94 -0.68
C VAL A 300 30.52 -44.89 -2.18
N GLN A 301 30.60 -46.07 -2.80
CA GLN A 301 30.28 -46.23 -4.22
C GLN A 301 29.07 -47.11 -4.40
N ARG A 302 28.40 -47.46 -3.29
CA ARG A 302 27.26 -48.36 -3.32
C ARG A 302 26.34 -47.96 -2.18
N LEU A 303 25.03 -47.95 -2.46
CA LEU A 303 24.04 -47.52 -1.49
C LEU A 303 23.81 -48.61 -0.45
N PRO A 304 23.15 -48.28 0.67
CA PRO A 304 22.94 -49.29 1.72
C PRO A 304 22.08 -50.43 1.24
N GLU A 305 22.21 -51.59 1.91
CA GLU A 305 21.42 -52.71 1.40
C GLU A 305 20.14 -52.89 2.21
N PRO A 306 19.08 -53.46 1.62
CA PRO A 306 17.77 -53.48 2.30
C PRO A 306 17.82 -53.99 3.72
N GLN A 307 18.69 -54.94 4.04
CA GLN A 307 18.66 -55.46 5.39
C GLN A 307 19.28 -54.50 6.39
N ASP A 308 20.17 -53.61 5.95
CA ASP A 308 20.64 -52.52 6.81
C ASP A 308 19.46 -51.78 7.47
N VAL A 309 18.49 -51.32 6.68
CA VAL A 309 17.28 -50.74 7.26
C VAL A 309 16.63 -51.73 8.22
N ALA A 310 16.59 -53.02 7.84
CA ALA A 310 15.94 -53.99 8.72
C ALA A 310 16.62 -54.02 10.08
N GLN A 311 17.94 -53.89 10.09
CA GLN A 311 18.68 -54.09 11.34
C GLN A 311 18.67 -52.85 12.20
N CYS A 312 18.95 -51.69 11.60
CA CYS A 312 19.01 -50.48 12.42
C CYS A 312 17.69 -50.21 13.12
N LEU A 313 16.58 -50.77 12.64
CA LEU A 313 15.33 -50.81 13.39
C LEU A 313 15.29 -51.90 14.45
N GLU A 314 16.37 -52.66 14.66
CA GLU A 314 16.45 -53.54 15.82
C GLU A 314 17.09 -52.86 17.03
N VAL A 315 17.83 -51.77 16.80
CA VAL A 315 18.41 -50.98 17.87
C VAL A 315 17.26 -50.33 18.63
N GLY A 316 17.03 -50.73 19.88
CA GLY A 316 15.90 -50.25 20.65
C GLY A 316 16.13 -49.07 21.58
N LEU A 317 17.35 -48.58 21.70
CA LEU A 317 17.62 -47.33 22.42
C LEU A 317 17.78 -46.21 21.41
N PHE A 318 16.98 -45.14 21.58
CA PHE A 318 17.03 -44.05 20.61
C PHE A 318 18.43 -43.46 20.54
N ASP A 319 19.01 -43.11 21.69
CA ASP A 319 20.37 -42.63 21.68
C ASP A 319 21.07 -43.15 22.94
N THR A 320 22.38 -42.91 23.00
CA THR A 320 23.27 -43.35 24.06
C THR A 320 24.36 -42.32 24.26
N PRO A 321 24.84 -42.14 25.51
CA PRO A 321 26.00 -41.32 25.85
C PRO A 321 27.23 -41.68 25.03
N PRO A 322 28.02 -40.68 24.62
CA PRO A 322 27.91 -39.24 24.87
C PRO A 322 26.91 -38.49 24.00
N PHE A 323 25.95 -39.19 23.39
CA PHE A 323 24.95 -38.54 22.53
C PHE A 323 25.63 -37.78 21.40
N TYR A 324 26.60 -38.45 20.78
CA TYR A 324 27.43 -37.81 19.78
C TYR A 324 27.58 -38.77 18.60
N SER A 325 28.39 -38.35 17.61
CA SER A 325 28.58 -39.17 16.42
C SER A 325 29.41 -40.42 16.69
N ASN A 326 29.95 -40.61 17.89
CA ASN A 326 30.60 -41.87 18.25
C ASN A 326 29.79 -42.66 19.27
N SER A 327 28.47 -42.46 19.32
CA SER A 327 27.63 -43.29 20.17
C SER A 327 27.51 -44.70 19.60
N THR A 328 27.48 -45.68 20.51
CA THR A 328 27.29 -47.08 20.17
C THR A 328 25.91 -47.53 20.65
N ASN A 329 25.39 -48.56 19.98
CA ASN A 329 24.07 -49.13 20.28
C ASN A 329 23.00 -48.03 20.34
N SER A 330 23.24 -46.95 19.60
CA SER A 330 22.39 -45.79 19.56
C SER A 330 21.64 -45.77 18.24
N PHE A 331 20.31 -45.87 18.30
CA PHE A 331 19.51 -45.89 17.08
C PHE A 331 19.76 -44.65 16.22
N ARG A 332 19.66 -43.45 16.81
CA ARG A 332 19.88 -42.22 16.05
C ARG A 332 21.21 -42.28 15.31
N ASN A 333 22.29 -42.59 16.02
CA ASN A 333 23.60 -42.56 15.39
C ASN A 333 23.69 -43.58 14.25
N THR A 334 22.99 -44.72 14.35
CA THR A 334 23.18 -45.71 13.29
C THR A 334 22.33 -45.38 12.07
N VAL A 335 21.11 -44.87 12.26
CA VAL A 335 20.37 -44.37 11.10
C VAL A 335 21.09 -43.18 10.49
N GLU A 336 21.52 -42.22 11.33
CA GLU A 336 22.29 -41.09 10.81
C GLU A 336 23.51 -41.57 10.06
N GLY A 337 24.04 -42.72 10.44
CA GLY A 337 25.05 -43.41 9.66
C GLY A 337 26.51 -43.29 10.09
N PHE A 338 26.78 -43.08 11.38
CA PHE A 338 28.13 -43.14 11.90
C PHE A 338 28.43 -44.48 12.55
N SER A 339 27.39 -45.23 12.91
CA SER A 339 27.50 -46.62 13.30
C SER A 339 27.10 -47.52 12.13
N ASP A 340 27.63 -48.75 12.11
CA ASP A 340 27.17 -49.74 11.15
C ASP A 340 25.75 -50.16 11.51
N PRO A 341 25.02 -50.80 10.56
CA PRO A 341 23.59 -51.08 10.78
C PRO A 341 23.26 -51.87 12.05
N THR A 342 24.25 -52.50 12.68
CA THR A 342 23.97 -53.20 13.93
C THR A 342 23.92 -52.28 15.13
N GLY A 343 24.75 -51.24 15.17
CA GLY A 343 24.83 -50.34 16.31
C GLY A 343 26.26 -50.04 16.72
N LYS A 344 27.24 -50.73 16.13
CA LYS A 344 28.64 -50.62 16.54
C LYS A 344 29.34 -49.54 15.74
N TYR A 345 30.16 -48.76 16.42
CA TYR A 345 30.85 -47.59 15.88
C TYR A 345 32.32 -47.95 15.57
N ASP A 346 32.90 -47.22 14.59
CA ASP A 346 34.21 -47.52 13.87
C ASP A 346 34.58 -46.28 13.03
N PRO A 347 35.83 -45.67 13.08
CA PRO A 347 35.98 -44.34 12.55
C PRO A 347 35.84 -44.30 11.03
N ALA A 348 35.42 -45.39 10.48
CA ALA A 348 35.52 -45.75 9.10
C ALA A 348 34.20 -46.18 8.43
N VAL A 349 33.21 -46.48 9.23
CA VAL A 349 31.88 -46.83 8.74
C VAL A 349 31.14 -45.57 8.31
N SER A 350 30.52 -45.62 7.13
CA SER A 350 29.54 -44.64 6.72
C SER A 350 28.42 -45.43 6.11
N SER A 351 27.32 -45.58 6.83
CA SER A 351 26.20 -46.34 6.32
C SER A 351 24.95 -45.45 6.35
N LEU A 352 23.87 -45.96 5.77
CA LEU A 352 22.51 -45.39 5.82
C LEU A 352 22.54 -43.92 5.43
N HIS A 353 21.82 -43.02 6.12
CA HIS A 353 21.69 -41.61 5.79
C HIS A 353 22.99 -40.97 5.32
N ASN A 354 24.09 -41.29 6.01
CA ASN A 354 25.36 -40.68 5.67
C ASN A 354 25.83 -41.13 4.30
N LEU A 355 25.85 -42.44 4.11
CA LEU A 355 26.38 -42.98 2.87
C LEU A 355 25.53 -42.56 1.68
N ALA A 356 24.22 -42.43 1.86
CA ALA A 356 23.39 -41.87 0.79
C ALA A 356 23.90 -40.49 0.36
N HIS A 357 24.17 -39.61 1.33
CA HIS A 357 24.71 -38.28 1.06
C HIS A 357 26.11 -38.42 0.38
N LEU A 358 27.05 -39.25 0.87
CA LEU A 358 28.38 -39.40 0.29
C LEU A 358 28.35 -40.04 -1.08
N PHE A 359 27.39 -40.94 -1.31
CA PHE A 359 27.32 -41.69 -2.58
C PHE A 359 27.17 -40.76 -3.77
N LEU A 360 26.38 -39.70 -3.64
CA LEU A 360 26.21 -38.71 -4.70
C LEU A 360 27.51 -38.04 -5.11
N ASN A 361 28.58 -38.18 -4.32
CA ASN A 361 29.89 -37.59 -4.58
C ASN A 361 29.80 -36.22 -5.23
N GLY A 362 29.21 -35.28 -4.50
CA GLY A 362 29.13 -33.92 -4.99
C GLY A 362 28.47 -32.97 -4.01
N THR A 363 27.54 -32.17 -4.54
CA THR A 363 26.92 -31.13 -3.72
C THR A 363 26.06 -31.73 -2.62
N GLY A 364 25.28 -32.77 -2.94
CA GLY A 364 24.52 -33.42 -1.88
C GLY A 364 25.37 -34.13 -0.84
N GLY A 365 26.67 -34.22 -1.04
CA GLY A 365 27.50 -34.87 -0.05
C GLY A 365 28.15 -33.94 0.94
N GLN A 366 27.94 -32.62 0.81
CA GLN A 366 28.66 -31.59 1.56
C GLN A 366 27.72 -30.85 2.50
N VAL A 367 28.00 -30.99 3.76
CA VAL A 367 27.12 -30.57 4.83
C VAL A 367 26.49 -29.19 4.67
N HIS A 368 27.30 -28.18 4.33
CA HIS A 368 26.79 -26.82 4.28
C HIS A 368 25.93 -26.56 3.05
N LEU A 369 26.07 -27.35 1.99
CA LEU A 369 25.33 -27.15 0.74
C LEU A 369 24.28 -28.20 0.46
N SER A 370 24.27 -29.31 1.19
CA SER A 370 23.62 -30.50 0.65
C SER A 370 22.14 -30.31 0.31
N PRO A 371 21.36 -29.40 0.91
CA PRO A 371 19.99 -29.23 0.39
C PRO A 371 19.93 -28.65 -1.01
N ASN A 372 21.02 -28.06 -1.53
CA ASN A 372 21.00 -27.51 -2.88
C ASN A 372 20.64 -28.58 -3.89
N ASP A 373 21.06 -29.78 -3.64
CA ASP A 373 20.69 -30.88 -4.52
C ASP A 373 19.33 -31.38 -4.03
N PRO A 374 18.27 -31.16 -4.79
CA PRO A 374 16.93 -31.53 -4.30
C PRO A 374 16.79 -32.99 -3.95
N ILE A 375 17.68 -33.87 -4.43
CA ILE A 375 17.67 -35.25 -3.92
C ILE A 375 17.63 -35.26 -2.38
N PHE A 376 18.31 -34.30 -1.75
CA PHE A 376 18.23 -34.12 -0.30
C PHE A 376 16.82 -34.38 0.22
N VAL A 377 15.84 -33.69 -0.36
CA VAL A 377 14.47 -33.71 0.15
C VAL A 377 13.96 -35.13 0.25
N LEU A 378 14.21 -35.92 -0.80
CA LEU A 378 13.74 -37.31 -0.85
C LEU A 378 14.62 -38.23 0.01
N LEU A 379 15.94 -37.98 0.03
CA LEU A 379 16.82 -38.68 0.97
C LEU A 379 16.27 -38.56 2.38
N HIS A 380 15.73 -37.42 2.74
CA HIS A 380 15.41 -37.27 4.14
C HIS A 380 13.97 -37.63 4.48
N THR A 381 13.02 -37.49 3.55
CA THR A 381 11.71 -38.03 3.83
C THR A 381 11.84 -39.51 4.17
N PHE A 382 12.71 -40.21 3.41
CA PHE A 382 12.94 -41.62 3.69
C PHE A 382 13.56 -41.81 5.06
N THR A 383 14.62 -41.04 5.37
CA THR A 383 15.18 -41.10 6.72
C THR A 383 14.12 -40.78 7.77
N ASP A 384 13.23 -39.84 7.46
CA ASP A 384 12.15 -39.59 8.38
C ASP A 384 11.14 -40.72 8.37
N ALA A 385 11.12 -41.53 7.32
CA ALA A 385 10.27 -42.72 7.34
C ALA A 385 10.84 -43.78 8.27
N VAL A 386 12.17 -43.97 8.25
CA VAL A 386 12.77 -44.91 9.18
C VAL A 386 12.51 -44.45 10.61
N PHE A 387 12.70 -43.15 10.86
CA PHE A 387 12.44 -42.59 12.19
C PHE A 387 11.00 -42.83 12.61
N ASP A 388 10.05 -42.53 11.73
CA ASP A 388 8.65 -42.68 12.10
C ASP A 388 8.29 -44.14 12.35
N GLU A 389 8.98 -45.07 11.69
CA GLU A 389 8.73 -46.48 11.98
C GLU A 389 9.30 -46.86 13.35
N TRP A 390 10.50 -46.38 13.68
CA TRP A 390 11.07 -46.66 14.98
C TRP A 390 10.17 -46.19 16.11
N LEU A 391 9.58 -45.00 15.97
CA LEU A 391 8.68 -44.54 17.01
C LEU A 391 7.38 -45.37 17.06
N ARG A 392 7.01 -46.03 15.96
CA ARG A 392 5.85 -46.91 16.02
C ARG A 392 6.15 -48.17 16.82
N ARG A 393 7.32 -48.77 16.60
CA ARG A 393 7.64 -50.05 17.22
C ARG A 393 8.03 -49.93 18.69
N TYR A 394 8.54 -48.78 19.13
CA TYR A 394 9.02 -48.56 20.50
C TYR A 394 8.16 -47.55 21.23
N ASN A 395 6.85 -47.54 20.92
CA ASN A 395 5.88 -46.55 21.36
C ASN A 395 6.52 -45.25 21.79
N ALA A 396 7.25 -44.62 20.86
CA ALA A 396 7.81 -43.28 21.02
C ALA A 396 8.58 -43.14 22.34
N ASP A 397 9.43 -44.12 22.62
CA ASP A 397 10.12 -44.13 23.91
C ASP A 397 11.15 -42.99 23.93
N ILE A 398 10.75 -41.85 24.50
CA ILE A 398 11.62 -40.66 24.51
C ILE A 398 12.62 -40.65 25.66
N SER A 399 12.63 -41.67 26.52
CA SER A 399 13.40 -41.58 27.76
C SER A 399 14.89 -41.47 27.50
N THR A 400 15.36 -41.99 26.38
CA THR A 400 16.78 -41.98 26.10
C THR A 400 17.25 -40.70 25.38
N PHE A 401 16.33 -39.86 24.92
CA PHE A 401 16.64 -38.52 24.44
C PHE A 401 17.08 -37.67 25.62
N PRO A 402 18.34 -37.30 25.76
CA PRO A 402 18.77 -36.58 26.97
C PRO A 402 18.16 -35.20 27.04
N LEU A 403 18.01 -34.71 28.28
CA LEU A 403 17.62 -33.32 28.52
C LEU A 403 18.80 -32.44 28.82
N GLU A 404 19.94 -33.00 29.17
CA GLU A 404 21.14 -32.19 29.34
C GLU A 404 22.36 -33.04 29.02
N ASN A 405 23.45 -32.33 28.70
CA ASN A 405 24.76 -32.87 28.37
C ASN A 405 24.81 -33.47 26.98
N ALA A 406 23.81 -33.19 26.14
CA ALA A 406 23.93 -33.39 24.70
C ALA A 406 24.84 -32.30 24.12
N PRO A 407 25.35 -32.49 22.90
CA PRO A 407 26.02 -31.36 22.26
C PRO A 407 25.04 -30.21 22.18
N ILE A 408 25.56 -28.98 22.23
CA ILE A 408 24.69 -27.83 22.18
C ILE A 408 23.80 -27.93 20.93
N GLY A 409 22.55 -27.48 21.06
CA GLY A 409 21.54 -27.70 20.07
C GLY A 409 20.73 -28.97 20.26
N HIS A 410 21.24 -29.93 21.05
CA HIS A 410 20.68 -31.29 21.03
C HIS A 410 19.99 -31.69 22.32
N ASN A 411 20.02 -30.85 23.35
CA ASN A 411 19.18 -31.11 24.51
C ASN A 411 17.71 -31.23 24.09
N ARG A 412 16.99 -32.09 24.80
CA ARG A 412 15.64 -32.46 24.39
C ARG A 412 14.72 -31.27 24.14
N GLN A 413 14.79 -30.20 24.95
CA GLN A 413 13.86 -29.08 24.78
C GLN A 413 14.55 -27.80 24.32
N TYR A 414 15.68 -27.95 23.62
CA TYR A 414 16.23 -26.88 22.85
C TYR A 414 15.29 -26.52 21.70
N ASN A 415 15.12 -25.23 21.45
CA ASN A 415 14.42 -24.81 20.24
C ASN A 415 15.31 -25.10 19.04
N MET A 416 14.78 -25.81 18.06
CA MET A 416 15.58 -26.24 16.93
C MET A 416 16.04 -25.06 16.06
N VAL A 417 17.35 -24.92 15.86
CA VAL A 417 17.91 -23.71 15.27
C VAL A 417 18.04 -23.79 13.78
N PRO A 418 17.54 -22.79 13.03
CA PRO A 418 16.84 -21.57 13.44
C PRO A 418 15.37 -21.59 13.05
N PHE A 419 14.61 -22.53 13.57
CA PHE A 419 13.21 -22.61 13.18
C PHE A 419 12.37 -21.59 13.96
N TRP A 420 11.34 -21.09 13.27
CA TRP A 420 10.40 -20.12 13.83
C TRP A 420 8.98 -20.41 13.40
N PRO A 421 8.02 -20.30 14.33
CA PRO A 421 8.18 -20.05 15.78
C PRO A 421 8.98 -21.15 16.48
N PRO A 422 9.59 -20.82 17.62
CA PRO A 422 10.39 -21.81 18.35
C PRO A 422 9.66 -23.15 18.47
N VAL A 423 10.39 -24.23 18.26
CA VAL A 423 9.83 -25.57 18.38
C VAL A 423 10.91 -26.48 18.92
N THR A 424 10.57 -27.19 20.01
CA THR A 424 11.52 -28.05 20.71
C THR A 424 11.53 -29.43 20.09
N ASN A 425 12.71 -30.06 20.14
CA ASN A 425 12.84 -31.40 19.58
C ASN A 425 11.70 -32.31 20.00
N THR A 426 11.16 -32.12 21.22
CA THR A 426 10.22 -33.12 21.72
C THR A 426 8.91 -33.03 20.99
N GLU A 427 8.59 -31.87 20.41
CA GLU A 427 7.32 -31.83 19.69
C GLU A 427 7.36 -32.54 18.37
N MET A 428 8.56 -32.85 17.86
CA MET A 428 8.74 -33.71 16.70
C MET A 428 8.90 -35.17 17.09
N PHE A 429 9.02 -35.47 18.39
CA PHE A 429 9.20 -36.85 18.85
C PHE A 429 7.82 -37.48 19.13
N VAL A 430 7.09 -37.75 18.05
CA VAL A 430 5.75 -38.33 18.11
C VAL A 430 5.55 -39.16 16.84
N THR A 431 4.64 -40.13 16.91
CA THR A 431 4.25 -40.85 15.71
C THR A 431 3.54 -39.89 14.78
N ALA A 432 4.06 -39.74 13.56
CA ALA A 432 3.53 -38.71 12.68
C ALA A 432 2.04 -38.85 12.38
N PRO A 433 1.49 -40.03 12.07
CA PRO A 433 0.09 -40.06 11.60
C PRO A 433 -0.89 -39.50 12.61
N ASP A 434 -0.89 -40.02 13.84
CA ASP A 434 -1.80 -39.51 14.85
C ASP A 434 -1.55 -38.07 15.24
N ASN A 435 -0.35 -37.54 14.98
CA ASN A 435 0.04 -36.24 15.54
C ASN A 435 0.37 -35.17 14.50
N LEU A 436 1.20 -35.48 13.51
CA LEU A 436 1.69 -34.46 12.60
C LEU A 436 0.99 -34.46 11.25
N GLY A 437 -0.05 -35.28 11.07
CA GLY A 437 -0.87 -35.20 9.89
C GLY A 437 -0.27 -35.80 8.63
N TYR A 438 0.70 -36.71 8.78
CA TYR A 438 1.23 -37.39 7.60
C TYR A 438 1.65 -38.80 7.99
N THR A 439 1.70 -39.66 6.97
CA THR A 439 2.15 -41.05 7.14
C THR A 439 2.91 -41.43 5.88
N TYR A 440 3.58 -42.58 5.91
CA TYR A 440 4.35 -43.07 4.78
C TYR A 440 3.76 -44.39 4.31
N GLU A 441 3.35 -44.44 3.05
CA GLU A 441 3.03 -45.70 2.37
C GLU A 441 4.33 -46.43 2.10
N ILE A 442 4.67 -47.38 2.96
CA ILE A 442 5.98 -48.02 2.86
C ILE A 442 5.89 -49.38 3.51
N GLN A 443 6.70 -50.31 3.03
CA GLN A 443 6.76 -51.66 3.53
C GLN A 443 8.23 -52.00 3.76
N TRP A 444 8.55 -52.42 4.95
CA TRP A 444 9.84 -52.65 5.57
C TRP A 444 10.30 -54.10 5.39
N PRO A 445 11.61 -54.32 5.28
CA PRO A 445 12.13 -55.68 5.13
C PRO A 445 11.93 -56.54 6.38
N SER A 446 12.01 -57.86 6.14
CA SER A 446 12.21 -58.93 7.15
C SER A 446 11.73 -60.25 6.54
N GLN B 1 24.26 26.37 -12.89
CA GLN B 1 25.10 27.56 -13.02
C GLN B 1 24.25 28.82 -12.95
N PHE B 2 24.88 30.00 -12.90
CA PHE B 2 24.07 31.02 -12.26
C PHE B 2 23.53 32.04 -13.26
N PRO B 3 22.38 32.64 -12.94
CA PRO B 3 21.80 33.66 -13.83
C PRO B 3 22.77 34.79 -14.12
N ARG B 4 22.61 35.40 -15.30
CA ARG B 4 23.47 36.50 -15.71
C ARG B 4 23.47 37.60 -14.65
N GLN B 5 22.32 37.84 -14.02
CA GLN B 5 22.19 38.91 -13.03
C GLN B 5 22.72 38.50 -11.67
N CYS B 6 23.00 37.22 -11.46
CA CYS B 6 23.72 36.78 -10.28
C CYS B 6 25.21 36.64 -10.52
N ALA B 7 25.67 36.82 -11.77
CA ALA B 7 27.09 36.74 -12.10
C ALA B 7 27.83 38.05 -11.84
N THR B 8 27.11 39.15 -11.63
CA THR B 8 27.73 40.43 -11.28
C THR B 8 28.38 40.30 -9.90
N VAL B 9 29.32 41.21 -9.62
CA VAL B 9 30.15 41.05 -8.43
C VAL B 9 29.34 41.32 -7.16
N GLU B 10 28.67 42.48 -7.08
CA GLU B 10 27.86 42.78 -5.89
C GLU B 10 26.89 41.65 -5.60
N ALA B 11 26.38 40.99 -6.64
CA ALA B 11 25.55 39.82 -6.42
C ALA B 11 26.29 38.75 -5.61
N LEU B 12 27.47 38.33 -6.07
CA LEU B 12 28.05 37.20 -5.38
C LEU B 12 28.77 37.57 -4.10
N ARG B 13 28.99 38.87 -3.80
CA ARG B 13 29.43 39.16 -2.45
C ARG B 13 28.23 39.23 -1.50
N SER B 14 27.12 39.83 -1.96
CA SER B 14 25.94 39.70 -1.09
C SER B 14 25.58 38.25 -0.82
N GLY B 15 26.26 37.30 -1.47
CA GLY B 15 25.92 35.89 -1.36
C GLY B 15 24.49 35.63 -1.76
N MET B 16 23.96 36.49 -2.63
CA MET B 16 22.52 36.67 -2.82
C MET B 16 22.18 36.59 -4.30
N CYS B 17 21.80 35.40 -4.76
CA CYS B 17 21.32 35.20 -6.12
C CYS B 17 19.79 35.31 -6.16
N CYS B 18 19.32 36.53 -6.00
CA CYS B 18 17.88 36.81 -5.96
C CYS B 18 17.56 37.84 -7.02
N PRO B 19 17.54 37.45 -8.28
CA PRO B 19 17.23 38.40 -9.33
C PRO B 19 15.80 38.86 -9.22
N ASP B 20 15.50 39.90 -9.96
CA ASP B 20 14.16 40.44 -10.00
C ASP B 20 13.40 39.83 -11.18
N LEU B 21 12.24 40.41 -11.49
CA LEU B 21 11.35 39.82 -12.48
C LEU B 21 10.67 40.88 -13.33
N SER B 22 10.14 41.93 -12.70
CA SER B 22 9.73 43.14 -13.41
C SER B 22 9.84 44.35 -12.48
N PRO B 23 11.10 44.75 -12.11
CA PRO B 23 11.25 45.99 -11.32
C PRO B 23 10.61 47.19 -11.99
N VAL B 24 9.52 47.68 -11.39
CA VAL B 24 8.87 48.91 -11.81
C VAL B 24 8.85 49.82 -10.58
N SER B 25 9.93 49.75 -9.78
CA SER B 25 10.35 50.83 -8.88
C SER B 25 11.87 50.84 -8.78
N GLY B 26 12.56 50.27 -9.78
CA GLY B 26 13.98 50.03 -9.73
C GLY B 26 14.25 48.59 -9.34
N PRO B 27 15.31 47.98 -9.91
CA PRO B 27 15.93 46.83 -9.25
C PRO B 27 15.98 47.01 -7.76
N GLY B 28 15.25 46.15 -7.06
CA GLY B 28 14.96 46.39 -5.66
C GLY B 28 13.56 45.94 -5.30
N THR B 29 12.68 45.93 -6.30
CA THR B 29 11.25 46.03 -6.06
C THR B 29 10.44 44.91 -6.69
N ASP B 30 11.07 43.75 -6.95
CA ASP B 30 10.39 42.53 -7.36
C ASP B 30 11.41 41.38 -7.37
N ARG B 31 12.19 41.27 -6.29
CA ARG B 31 13.02 40.08 -6.10
C ARG B 31 12.14 38.85 -6.09
N CYS B 32 12.49 37.85 -6.91
CA CYS B 32 11.82 36.55 -6.91
C CYS B 32 10.32 36.65 -7.12
N GLY B 33 9.83 37.77 -7.63
CA GLY B 33 8.42 37.87 -7.96
C GLY B 33 7.57 38.59 -6.94
N SER B 34 8.16 39.01 -5.82
CA SER B 34 7.38 39.30 -4.62
C SER B 34 6.37 40.43 -4.84
N SER B 35 6.63 41.33 -5.78
CA SER B 35 5.64 42.37 -6.09
C SER B 35 4.30 41.74 -6.42
N SER B 36 4.34 40.59 -7.11
CA SER B 36 3.26 39.63 -7.26
C SER B 36 3.43 38.48 -6.26
N GLY B 37 2.47 37.59 -6.20
CA GLY B 37 2.55 36.64 -5.10
C GLY B 37 3.55 35.52 -5.29
N ARG B 38 4.59 35.73 -6.09
CA ARG B 38 5.23 34.59 -6.72
C ARG B 38 6.33 33.95 -5.89
N GLY B 39 7.10 34.73 -5.14
CA GLY B 39 8.19 34.14 -4.38
C GLY B 39 8.90 35.17 -3.55
N ARG B 40 9.89 34.68 -2.80
CA ARG B 40 10.56 35.52 -1.82
C ARG B 40 12.04 35.18 -1.79
N CYS B 41 12.83 36.18 -1.39
CA CYS B 41 14.21 35.95 -0.98
C CYS B 41 14.23 35.56 0.52
N GLU B 42 15.33 34.93 0.96
CA GLU B 42 15.39 33.75 1.87
C GLU B 42 16.84 33.46 2.31
N ALA B 43 17.05 32.33 3.00
CA ALA B 43 18.36 31.69 3.07
C ALA B 43 18.30 30.36 2.33
N VAL B 44 19.42 29.98 1.70
CA VAL B 44 19.48 28.72 0.98
C VAL B 44 19.30 27.55 1.94
N THR B 45 18.58 26.53 1.50
CA THR B 45 18.44 25.26 2.21
C THR B 45 19.37 24.26 1.52
N ALA B 46 20.56 24.07 2.10
CA ALA B 46 21.51 23.08 1.61
C ALA B 46 21.53 21.91 2.58
N ASP B 47 22.05 20.78 2.12
CA ASP B 47 22.29 19.70 3.07
C ASP B 47 23.71 19.86 3.63
N SER B 48 23.84 19.94 4.98
CA SER B 48 25.15 20.02 5.65
C SER B 48 25.61 18.71 6.33
N ARG B 49 24.97 17.51 6.05
CA ARG B 49 25.13 16.26 6.83
C ARG B 49 26.28 15.39 6.38
N PRO B 50 26.47 14.22 7.03
CA PRO B 50 27.57 13.34 6.65
C PRO B 50 27.80 13.15 5.16
N HIS B 51 28.74 12.28 4.91
CA HIS B 51 29.17 11.88 3.60
C HIS B 51 29.96 10.62 3.85
N SER B 52 30.04 9.80 2.87
CA SER B 52 30.91 8.67 3.01
C SER B 52 32.35 9.17 2.87
N PRO B 53 33.28 8.86 3.83
CA PRO B 53 34.60 9.54 3.82
C PRO B 53 35.45 9.46 2.53
N GLN B 54 34.92 8.83 1.46
CA GLN B 54 35.54 8.66 0.13
C GLN B 54 36.10 9.98 -0.37
N TYR B 55 35.55 11.08 0.13
CA TYR B 55 36.00 12.42 -0.16
C TYR B 55 36.63 13.06 1.07
N PRO B 56 37.96 13.15 1.04
CA PRO B 56 38.73 13.81 2.07
C PRO B 56 38.67 15.34 2.23
N HIS B 57 38.29 16.06 1.18
CA HIS B 57 38.72 17.46 1.01
C HIS B 57 37.64 18.49 1.34
N ASP B 58 36.86 18.27 2.39
CA ASP B 58 35.87 19.27 2.78
C ASP B 58 36.56 20.60 3.06
N GLY B 59 36.08 21.67 2.40
CA GLY B 59 36.67 22.99 2.51
C GLY B 59 37.42 23.46 1.27
N ARG B 60 37.92 22.53 0.45
CA ARG B 60 38.81 22.83 -0.69
C ARG B 60 38.03 23.15 -1.98
N ASP B 61 37.13 22.24 -2.37
CA ASP B 61 36.36 22.27 -3.60
C ASP B 61 35.21 23.27 -3.48
N ASP B 62 34.22 23.23 -4.39
CA ASP B 62 33.07 24.16 -4.39
C ASP B 62 31.76 23.58 -4.76
N ARG B 63 31.84 22.34 -5.14
CA ARG B 63 30.67 21.53 -5.19
C ARG B 63 30.25 21.05 -3.80
N GLU B 64 30.98 21.43 -2.72
CA GLU B 64 30.55 21.27 -1.32
C GLU B 64 29.19 21.90 -1.17
N VAL B 65 28.43 21.44 -0.18
CA VAL B 65 27.36 22.21 0.44
C VAL B 65 26.73 23.11 -0.62
N TRP B 66 26.50 22.53 -1.80
CA TRP B 66 26.05 23.30 -2.93
C TRP B 66 24.69 23.80 -2.58
N PRO B 67 24.42 25.08 -2.84
CA PRO B 67 25.13 26.21 -3.48
C PRO B 67 25.86 27.25 -2.65
N LEU B 68 26.25 26.99 -1.41
CA LEU B 68 26.52 28.12 -0.52
C LEU B 68 27.91 28.67 -0.61
N ARG B 69 28.84 27.98 -1.26
CA ARG B 69 30.08 28.67 -1.52
C ARG B 69 29.88 29.73 -2.61
N PHE B 70 28.66 29.89 -3.12
CA PHE B 70 28.41 30.98 -4.05
C PHE B 70 27.28 31.94 -3.63
N PHE B 71 26.16 31.43 -3.11
CA PHE B 71 25.02 32.28 -2.76
C PHE B 71 24.26 31.76 -1.55
N ASN B 72 24.27 32.45 -0.42
CA ASN B 72 23.42 31.93 0.67
C ASN B 72 21.98 32.42 0.56
N ARG B 73 21.69 33.03 -0.57
CA ARG B 73 20.35 33.58 -0.76
C ARG B 73 19.83 33.31 -2.20
N THR B 74 18.97 32.28 -2.36
CA THR B 74 18.33 31.88 -3.64
C THR B 74 16.88 32.36 -3.78
N CYS B 75 16.16 32.08 -4.84
CA CYS B 75 14.74 32.29 -4.56
C CYS B 75 14.14 30.94 -4.17
N HIS B 76 13.04 30.97 -3.41
CA HIS B 76 12.06 29.92 -3.59
C HIS B 76 10.66 30.54 -3.73
N CYS B 77 9.77 29.71 -4.29
CA CYS B 77 8.60 30.16 -5.05
C CYS B 77 7.36 29.52 -4.46
N ASN B 78 6.35 30.33 -4.14
CA ASN B 78 5.10 29.76 -3.65
C ASN B 78 4.36 28.99 -4.73
N GLY B 79 3.49 28.10 -4.27
CA GLY B 79 2.57 27.44 -5.17
C GLY B 79 3.32 26.70 -6.24
N ASN B 80 2.79 26.81 -7.46
CA ASN B 80 3.31 26.11 -8.61
C ASN B 80 4.26 26.97 -9.44
N PHE B 81 4.67 28.12 -8.91
CA PHE B 81 5.66 28.95 -9.58
C PHE B 81 7.06 28.35 -9.40
N SER B 82 7.99 28.76 -10.27
CA SER B 82 9.32 28.16 -10.31
C SER B 82 10.29 29.06 -11.06
N GLY B 83 11.57 28.74 -10.96
CA GLY B 83 12.61 29.41 -11.73
C GLY B 83 13.51 30.28 -10.87
N HIS B 84 14.64 30.66 -11.48
CA HIS B 84 15.67 31.45 -10.80
C HIS B 84 15.11 32.72 -10.16
N ASN B 85 14.16 33.38 -10.81
CA ASN B 85 13.49 34.53 -10.21
C ASN B 85 11.98 34.31 -10.11
N CYS B 86 11.55 33.05 -10.07
CA CYS B 86 10.13 32.65 -9.99
C CYS B 86 9.31 33.30 -11.11
N GLY B 87 9.94 33.45 -12.27
CA GLY B 87 9.26 33.99 -13.43
C GLY B 87 8.49 32.93 -14.20
N THR B 88 8.81 31.65 -13.99
CA THR B 88 8.17 30.63 -14.80
C THR B 88 7.33 29.69 -13.94
N CYS B 89 7.12 28.45 -14.38
CA CYS B 89 6.27 27.49 -13.67
C CYS B 89 7.02 26.20 -13.35
N ARG B 90 6.54 25.52 -12.31
CA ARG B 90 7.04 24.20 -11.99
C ARG B 90 6.66 23.23 -13.10
N PRO B 91 7.45 22.17 -13.30
CA PRO B 91 7.26 21.30 -14.48
C PRO B 91 5.86 20.69 -14.53
N GLY B 92 5.22 20.83 -15.69
CA GLY B 92 3.89 20.31 -15.88
C GLY B 92 2.79 21.30 -15.65
N TRP B 93 3.10 22.59 -15.66
CA TRP B 93 2.12 23.64 -15.44
C TRP B 93 2.50 24.80 -16.34
N ARG B 94 1.50 25.50 -16.87
CA ARG B 94 1.74 26.67 -17.69
C ARG B 94 0.71 27.72 -17.32
N GLY B 95 0.88 28.91 -17.87
CA GLY B 95 -0.06 29.99 -17.66
C GLY B 95 0.58 31.15 -16.91
N ALA B 96 -0.07 32.31 -16.97
CA ALA B 96 0.39 33.44 -16.15
C ALA B 96 0.39 33.05 -14.67
N ALA B 97 -0.66 32.36 -14.23
CA ALA B 97 -0.80 31.97 -12.83
C ALA B 97 -0.40 30.54 -12.59
N CYS B 98 0.19 29.88 -13.58
CA CYS B 98 0.53 28.48 -13.48
C CYS B 98 -0.69 27.68 -13.03
N ASP B 99 -1.81 27.96 -13.70
CA ASP B 99 -3.09 27.34 -13.43
C ASP B 99 -3.44 26.21 -14.40
N GLN B 100 -2.87 26.20 -15.61
CA GLN B 100 -3.14 25.16 -16.60
C GLN B 100 -2.03 24.13 -16.62
N ARG B 101 -2.40 22.86 -16.55
CA ARG B 101 -1.45 21.75 -16.57
C ARG B 101 -1.23 21.22 -17.97
N VAL B 102 0.03 20.92 -18.28
CA VAL B 102 0.40 20.27 -19.51
C VAL B 102 0.86 18.83 -19.21
N LEU B 103 1.05 18.06 -20.28
CA LEU B 103 1.59 16.71 -20.22
C LEU B 103 2.10 16.40 -21.61
N ILE B 104 3.42 16.36 -21.78
CA ILE B 104 4.01 16.08 -23.06
C ILE B 104 4.47 14.63 -23.08
N VAL B 105 4.69 14.09 -24.29
CA VAL B 105 4.96 12.66 -24.47
C VAL B 105 6.31 12.44 -25.17
N ARG B 106 7.26 11.87 -24.45
CA ARG B 106 8.55 11.46 -25.00
C ARG B 106 8.38 10.11 -25.69
N ARG B 107 8.56 10.09 -27.00
CA ARG B 107 8.28 8.93 -27.81
C ARG B 107 9.58 8.39 -28.41
N ASN B 108 9.51 7.14 -28.89
CA ASN B 108 10.66 6.50 -29.49
C ASN B 108 11.05 7.21 -30.78
N LEU B 109 12.28 7.73 -30.83
CA LEU B 109 12.72 8.58 -31.93
C LEU B 109 12.41 7.95 -33.28
N LEU B 110 12.58 6.63 -33.38
CA LEU B 110 12.36 5.94 -34.64
C LEU B 110 10.91 6.04 -35.09
N ASP B 111 9.97 6.32 -34.16
CA ASP B 111 8.55 6.37 -34.48
C ASP B 111 8.11 7.71 -35.00
N LEU B 112 8.81 8.80 -34.68
CA LEU B 112 8.32 10.09 -35.14
C LEU B 112 8.26 10.14 -36.66
N SER B 113 7.32 10.92 -37.17
CA SER B 113 7.20 11.23 -38.59
C SER B 113 8.49 11.80 -39.16
N LYS B 114 8.57 11.86 -40.50
CA LYS B 114 9.75 12.39 -41.16
C LYS B 114 9.99 13.86 -40.82
N GLU B 115 8.93 14.63 -40.60
CA GLU B 115 9.13 16.04 -40.29
C GLU B 115 9.36 16.27 -38.80
N GLU B 116 8.76 15.44 -37.94
CA GLU B 116 9.15 15.45 -36.54
C GLU B 116 10.63 15.08 -36.40
N LYS B 117 11.07 14.04 -37.13
CA LYS B 117 12.47 13.66 -37.11
C LYS B 117 13.36 14.81 -37.58
N ASN B 118 12.96 15.51 -38.64
CA ASN B 118 13.76 16.64 -39.08
C ASN B 118 13.74 17.75 -38.03
N HIS B 119 12.54 18.07 -37.53
CA HIS B 119 12.41 19.12 -36.53
C HIS B 119 13.33 18.89 -35.35
N PHE B 120 13.33 17.65 -34.83
CA PHE B 120 14.14 17.35 -33.66
C PHE B 120 15.60 17.73 -33.87
N VAL B 121 16.17 17.31 -35.01
CA VAL B 121 17.60 17.48 -35.23
C VAL B 121 17.95 18.96 -35.45
N ARG B 122 17.14 19.68 -36.22
CA ARG B 122 17.41 21.10 -36.37
C ARG B 122 17.29 21.82 -35.04
N ALA B 123 16.27 21.46 -34.23
CA ALA B 123 16.16 21.99 -32.87
C ALA B 123 17.45 21.78 -32.08
N LEU B 124 17.95 20.54 -32.04
CA LEU B 124 19.24 20.29 -31.41
C LEU B 124 20.33 21.18 -32.01
N ASP B 125 20.40 21.25 -33.34
CA ASP B 125 21.45 22.08 -33.94
C ASP B 125 21.28 23.54 -33.57
N MET B 126 20.04 24.03 -33.53
CA MET B 126 19.82 25.39 -33.06
C MET B 126 20.30 25.55 -31.61
N ALA B 127 19.99 24.58 -30.75
CA ALA B 127 20.38 24.69 -29.35
C ALA B 127 21.90 24.74 -29.18
N LYS B 128 22.66 24.10 -30.07
CA LYS B 128 24.11 24.14 -29.95
C LYS B 128 24.66 25.49 -30.38
N ARG B 129 23.97 26.16 -31.29
CA ARG B 129 24.42 27.46 -31.77
C ARG B 129 23.81 28.62 -30.99
N THR B 130 22.73 28.41 -30.24
CA THR B 130 22.02 29.51 -29.59
C THR B 130 22.52 29.73 -28.17
N THR B 131 22.85 30.97 -27.84
CA THR B 131 23.42 31.28 -26.54
C THR B 131 22.35 31.23 -25.44
N HIS B 132 22.66 30.57 -24.35
CA HIS B 132 21.67 30.32 -23.30
C HIS B 132 21.21 31.63 -22.70
N PRO B 133 19.92 31.95 -22.74
CA PRO B 133 19.49 33.32 -22.38
C PRO B 133 19.64 33.65 -20.91
N LEU B 134 19.80 32.67 -20.04
CA LEU B 134 19.84 33.04 -18.64
C LEU B 134 21.11 32.57 -17.93
N PHE B 135 21.64 31.38 -18.24
CA PHE B 135 22.82 30.93 -17.54
C PHE B 135 24.07 31.42 -18.25
N VAL B 136 25.08 31.76 -17.45
CA VAL B 136 26.42 32.10 -17.88
C VAL B 136 27.34 31.09 -17.23
N ILE B 137 28.49 30.81 -17.83
CA ILE B 137 29.30 29.69 -17.39
C ILE B 137 30.53 30.17 -16.66
N ALA B 138 30.89 29.42 -15.60
CA ALA B 138 32.00 29.79 -14.74
C ALA B 138 33.28 29.20 -15.31
N THR B 139 34.29 30.05 -15.43
CA THR B 139 35.59 29.72 -15.99
C THR B 139 36.63 29.39 -14.93
N ARG B 140 36.52 30.04 -13.77
CA ARG B 140 37.52 29.98 -12.71
C ARG B 140 36.83 29.59 -11.41
N ARG B 141 37.62 29.22 -10.42
CA ARG B 141 37.10 28.73 -9.15
C ARG B 141 37.18 29.88 -8.09
N SER B 142 36.25 29.87 -7.07
CA SER B 142 35.85 31.08 -6.28
C SER B 142 37.00 31.87 -5.71
N GLU B 143 38.17 31.26 -5.54
CA GLU B 143 39.35 32.09 -5.35
C GLU B 143 39.38 33.16 -6.44
N GLU B 144 39.17 32.77 -7.69
CA GLU B 144 39.39 33.67 -8.83
C GLU B 144 38.17 33.97 -9.70
N ILE B 145 36.92 33.69 -9.29
CA ILE B 145 35.79 34.05 -10.18
C ILE B 145 35.69 35.55 -10.37
N LEU B 146 36.23 36.30 -9.44
CA LEU B 146 36.40 37.72 -9.64
C LEU B 146 37.90 38.02 -9.70
N GLY B 147 38.70 37.01 -10.10
CA GLY B 147 40.06 37.08 -10.60
C GLY B 147 41.07 38.11 -10.08
N PRO B 148 42.09 38.49 -10.94
CA PRO B 148 43.18 39.34 -10.44
C PRO B 148 42.71 40.75 -10.23
N ASP B 149 42.10 41.31 -11.28
CA ASP B 149 41.48 42.63 -11.20
C ASP B 149 40.59 42.78 -9.97
N GLY B 150 39.93 41.70 -9.53
CA GLY B 150 39.03 41.82 -8.39
C GLY B 150 37.70 42.44 -8.71
N ASN B 151 37.44 42.74 -9.98
CA ASN B 151 36.20 43.28 -10.50
C ASN B 151 35.87 42.55 -11.78
N THR B 152 36.27 41.28 -11.83
CA THR B 152 36.55 40.58 -13.07
C THR B 152 35.77 39.26 -12.98
N PRO B 153 34.45 39.34 -13.17
CA PRO B 153 33.63 38.12 -13.12
C PRO B 153 33.94 37.17 -14.27
N GLN B 154 34.63 36.08 -13.93
CA GLN B 154 35.13 35.12 -14.91
C GLN B 154 33.99 34.21 -15.34
N PHE B 155 33.03 34.81 -16.02
CA PHE B 155 31.87 34.11 -16.55
C PHE B 155 31.75 34.38 -18.05
N GLU B 156 31.68 33.30 -18.84
CA GLU B 156 31.41 33.41 -20.27
C GLU B 156 29.99 32.98 -20.59
N ASN B 157 29.33 33.75 -21.46
CA ASN B 157 28.22 33.26 -22.25
C ASN B 157 28.44 31.81 -22.68
N ILE B 158 27.38 31.04 -22.87
CA ILE B 158 27.52 29.69 -23.39
C ILE B 158 26.22 29.34 -24.11
N SER B 159 26.31 28.36 -25.00
CA SER B 159 25.16 28.01 -25.81
C SER B 159 24.29 27.00 -25.07
N ILE B 160 23.04 26.91 -25.51
CA ILE B 160 22.06 26.07 -24.81
C ILE B 160 22.57 24.64 -24.72
N TYR B 161 22.93 24.02 -25.85
CA TYR B 161 23.45 22.66 -25.77
C TYR B 161 24.76 22.57 -24.99
N ASN B 162 25.60 23.60 -25.07
CA ASN B 162 26.88 23.51 -24.39
C ASN B 162 26.70 23.59 -22.88
N TYR B 163 25.80 24.47 -22.40
CA TYR B 163 25.41 24.45 -20.98
C TYR B 163 25.11 23.02 -20.54
N PHE B 164 24.32 22.31 -21.35
CA PHE B 164 24.08 20.90 -21.13
C PHE B 164 25.40 20.15 -20.92
N VAL B 165 26.28 20.19 -21.92
CA VAL B 165 27.56 19.47 -21.81
C VAL B 165 28.31 19.91 -20.56
N TRP B 166 28.31 21.21 -20.26
CA TRP B 166 29.08 21.75 -19.15
C TRP B 166 28.61 21.17 -17.83
N THR B 167 27.45 21.64 -17.32
CA THR B 167 26.81 21.15 -16.09
C THR B 167 27.13 19.69 -15.81
N HIS B 168 27.32 18.90 -16.87
CA HIS B 168 27.65 17.50 -16.69
C HIS B 168 29.12 17.33 -16.36
N TYR B 169 29.98 18.01 -17.12
CA TYR B 169 31.41 17.99 -16.86
C TYR B 169 31.70 18.37 -15.42
N TYR B 170 31.26 19.57 -15.03
CA TYR B 170 31.46 20.05 -13.68
C TYR B 170 31.03 19.03 -12.61
N SER B 171 30.03 18.20 -12.91
CA SER B 171 29.57 17.19 -11.94
C SER B 171 30.51 15.99 -11.82
N VAL B 172 31.41 15.78 -12.78
CA VAL B 172 32.29 14.62 -12.77
C VAL B 172 33.77 15.00 -12.71
N LYS B 173 34.07 16.28 -12.88
CA LYS B 173 35.38 16.90 -12.71
C LYS B 173 36.13 16.29 -11.54
N LYS B 174 37.44 16.49 -11.48
CA LYS B 174 38.21 16.06 -10.33
C LYS B 174 38.62 17.27 -9.51
N THR B 175 38.51 17.13 -8.18
CA THR B 175 38.78 18.25 -7.26
C THR B 175 40.22 18.72 -7.38
N PHE B 176 40.39 20.03 -7.55
CA PHE B 176 41.69 20.64 -7.67
C PHE B 176 42.17 21.11 -6.30
N LEU B 177 43.52 21.16 -6.14
CA LEU B 177 44.21 21.30 -4.86
C LEU B 177 45.16 22.50 -4.78
N GLY B 178 45.87 22.79 -5.87
CA GLY B 178 46.91 23.80 -5.99
C GLY B 178 47.74 23.46 -7.21
N VAL B 179 48.58 24.40 -7.65
CA VAL B 179 49.40 24.08 -8.81
C VAL B 179 50.47 23.08 -8.39
N GLY B 180 50.75 22.12 -9.26
CA GLY B 180 51.82 21.18 -8.98
C GLY B 180 51.49 20.06 -8.02
N GLN B 181 50.31 19.46 -8.12
CA GLN B 181 49.97 18.30 -7.32
C GLN B 181 49.47 17.16 -8.21
N GLU B 182 48.48 16.39 -7.75
CA GLU B 182 47.80 15.39 -8.58
C GLU B 182 46.31 15.44 -8.21
N SER B 183 45.52 16.14 -9.03
CA SER B 183 44.14 16.47 -8.67
C SER B 183 43.34 15.20 -8.38
N PHE B 184 42.43 15.34 -7.41
CA PHE B 184 41.81 14.19 -6.76
C PHE B 184 40.51 13.81 -7.46
N GLY B 185 40.36 12.53 -7.76
CA GLY B 185 39.34 12.11 -8.68
C GLY B 185 38.30 11.14 -8.17
N GLU B 186 38.48 10.62 -6.96
CA GLU B 186 37.52 9.66 -6.40
C GLU B 186 36.27 10.40 -5.91
N VAL B 187 35.68 11.16 -6.83
CA VAL B 187 34.56 12.04 -6.56
C VAL B 187 33.72 12.12 -7.82
N ASP B 188 32.39 12.17 -7.63
CA ASP B 188 31.47 12.18 -8.76
C ASP B 188 30.10 12.57 -8.21
N PHE B 189 29.68 13.80 -8.50
CA PHE B 189 28.40 14.34 -8.04
C PHE B 189 27.22 13.88 -8.89
N SER B 190 27.45 13.14 -9.98
CA SER B 190 26.37 12.74 -10.88
C SER B 190 26.40 11.27 -11.30
N HIS B 191 27.42 10.50 -10.91
CA HIS B 191 27.45 9.07 -11.16
C HIS B 191 27.99 8.35 -9.92
N GLU B 192 28.04 7.02 -10.04
CA GLU B 192 28.52 6.15 -8.97
C GLU B 192 27.95 6.62 -7.63
N GLY B 193 26.62 6.63 -7.56
CA GLY B 193 25.90 7.05 -6.39
C GLY B 193 24.43 7.26 -6.66
N PRO B 194 23.62 7.20 -5.59
CA PRO B 194 22.15 7.28 -5.72
C PRO B 194 21.62 8.38 -6.66
N ALA B 195 22.17 9.58 -6.54
CA ALA B 195 21.71 10.74 -7.28
C ALA B 195 21.88 10.62 -8.79
N PHE B 196 22.32 9.46 -9.27
CA PHE B 196 22.57 9.29 -10.70
C PHE B 196 21.31 9.56 -11.53
N LEU B 197 20.28 8.73 -11.33
CA LEU B 197 19.08 8.85 -12.13
C LEU B 197 18.37 10.18 -11.88
N THR B 198 18.39 10.67 -10.65
CA THR B 198 17.76 11.96 -10.39
C THR B 198 18.57 13.12 -10.98
N TRP B 199 19.90 12.99 -11.04
CA TRP B 199 20.71 14.03 -11.67
C TRP B 199 20.47 14.08 -13.18
N HIS B 200 20.55 12.93 -13.86
CA HIS B 200 20.40 12.93 -15.30
C HIS B 200 18.97 13.18 -15.76
N ARG B 201 18.00 12.98 -14.87
CA ARG B 201 16.63 13.38 -15.17
C ARG B 201 16.50 14.89 -15.22
N TYR B 202 16.87 15.58 -14.16
CA TYR B 202 16.84 17.04 -14.21
C TYR B 202 17.72 17.54 -15.36
N HIS B 203 18.80 16.84 -15.66
CA HIS B 203 19.62 17.19 -16.82
C HIS B 203 18.75 17.23 -18.08
N LEU B 204 17.96 16.20 -18.30
CA LEU B 204 17.05 16.19 -19.43
C LEU B 204 15.98 17.26 -19.32
N LEU B 205 15.40 17.42 -18.14
CA LEU B 205 14.27 18.34 -18.00
C LEU B 205 14.67 19.78 -18.29
N ARG B 206 15.88 20.19 -17.88
CA ARG B 206 16.32 21.55 -18.19
C ARG B 206 16.60 21.73 -19.67
N LEU B 207 17.20 20.72 -20.31
CA LEU B 207 17.37 20.76 -21.76
C LEU B 207 16.03 20.90 -22.46
N GLU B 208 15.07 20.06 -22.09
CA GLU B 208 13.77 20.09 -22.73
C GLU B 208 13.13 21.44 -22.55
N LYS B 209 13.18 21.96 -21.34
CA LYS B 209 12.60 23.27 -21.07
C LYS B 209 13.31 24.33 -21.89
N ASP B 210 14.63 24.40 -21.76
CA ASP B 210 15.41 25.36 -22.54
C ASP B 210 15.06 25.26 -24.03
N MET B 211 14.89 24.04 -24.55
CA MET B 211 14.57 23.90 -25.96
C MET B 211 13.12 24.24 -26.25
N GLN B 212 12.20 24.00 -25.31
CA GLN B 212 10.83 24.48 -25.52
C GLN B 212 10.81 25.98 -25.72
N GLU B 213 11.62 26.71 -24.93
CA GLU B 213 11.62 28.17 -24.94
C GLU B 213 12.39 28.74 -26.12
N MET B 214 13.46 28.08 -26.53
CA MET B 214 14.18 28.48 -27.74
C MET B 214 13.28 28.39 -28.96
N LEU B 215 12.64 27.24 -29.15
CA LEU B 215 11.72 27.04 -30.25
C LEU B 215 10.39 27.74 -30.05
N GLN B 216 10.13 28.28 -28.85
CA GLN B 216 8.80 28.78 -28.48
C GLN B 216 7.71 27.73 -28.75
N GLU B 217 8.00 26.48 -28.41
CA GLU B 217 7.03 25.39 -28.55
C GLU B 217 6.84 24.71 -27.19
N PRO B 218 5.73 25.00 -26.48
CA PRO B 218 5.48 24.33 -25.20
C PRO B 218 5.45 22.83 -25.28
N SER B 219 5.07 22.26 -26.41
CA SER B 219 4.80 20.84 -26.51
C SER B 219 6.00 20.07 -27.03
N PHE B 220 7.16 20.70 -27.10
CA PHE B 220 8.32 20.01 -27.64
C PHE B 220 8.84 19.03 -26.61
N SER B 221 9.16 17.83 -27.06
CA SER B 221 9.58 16.76 -26.17
C SER B 221 10.85 16.15 -26.71
N LEU B 222 11.66 15.63 -25.80
CA LEU B 222 12.87 14.94 -26.21
C LEU B 222 12.52 13.49 -26.44
N PRO B 223 12.83 12.93 -27.62
CA PRO B 223 12.47 11.53 -27.88
C PRO B 223 13.41 10.59 -27.14
N TYR B 224 13.40 9.28 -27.41
CA TYR B 224 14.34 8.36 -26.75
C TYR B 224 14.85 7.33 -27.75
N TRP B 225 15.78 6.48 -27.28
CA TRP B 225 16.45 5.48 -28.11
C TRP B 225 16.44 4.12 -27.41
N ASN B 226 15.77 3.14 -28.04
CA ASN B 226 15.78 1.76 -27.54
C ASN B 226 17.18 1.18 -27.76
N PHE B 227 18.10 1.46 -26.85
CA PHE B 227 19.37 0.77 -27.04
C PHE B 227 19.28 -0.69 -26.62
N ALA B 228 18.25 -1.05 -25.84
CA ALA B 228 18.00 -2.45 -25.45
C ALA B 228 17.41 -3.27 -26.61
N THR B 229 18.22 -3.41 -27.67
CA THR B 229 17.75 -4.01 -28.91
C THR B 229 18.59 -5.18 -29.43
N GLY B 230 19.74 -5.50 -28.81
CA GLY B 230 20.56 -6.64 -29.20
C GLY B 230 21.17 -6.59 -30.59
N LYS B 231 21.05 -5.46 -31.28
CA LYS B 231 21.62 -5.27 -32.61
C LYS B 231 23.12 -5.00 -32.54
N ASN B 232 23.84 -5.30 -33.63
CA ASN B 232 25.28 -5.06 -33.66
C ASN B 232 25.64 -3.59 -33.89
N VAL B 233 24.77 -2.81 -34.53
CA VAL B 233 25.05 -1.44 -34.94
C VAL B 233 24.21 -0.45 -34.11
N CYS B 234 24.32 0.83 -34.43
CA CYS B 234 23.54 1.91 -33.83
C CYS B 234 22.40 2.23 -34.79
N ASP B 235 21.17 1.78 -34.46
CA ASP B 235 20.07 1.91 -35.43
C ASP B 235 19.62 3.35 -35.67
N ILE B 236 20.12 4.29 -34.87
CA ILE B 236 19.78 5.71 -35.01
C ILE B 236 20.97 6.52 -35.52
N CYS B 237 22.03 5.86 -36.00
CA CYS B 237 23.21 6.57 -36.54
C CYS B 237 23.00 6.72 -38.04
N THR B 238 22.17 7.69 -38.36
CA THR B 238 21.46 7.84 -39.62
C THR B 238 21.62 9.30 -40.04
N ASP B 239 21.56 9.60 -41.33
CA ASP B 239 21.71 11.00 -41.67
C ASP B 239 20.40 11.77 -41.53
N ASP B 240 19.24 11.10 -41.51
CA ASP B 240 18.06 11.88 -41.16
C ASP B 240 17.91 12.04 -39.65
N LEU B 241 18.76 11.39 -38.85
CA LEU B 241 18.77 11.58 -37.39
C LEU B 241 20.09 11.11 -36.81
N MET B 242 20.88 12.01 -36.25
CA MET B 242 22.02 11.76 -35.36
C MET B 242 23.33 11.45 -36.09
N GLY B 243 23.30 11.11 -37.37
CA GLY B 243 24.55 10.96 -38.10
C GLY B 243 25.09 9.55 -38.25
N SER B 244 25.17 9.08 -39.50
CA SER B 244 25.83 7.84 -39.88
C SER B 244 27.36 8.03 -39.93
N ARG B 245 28.08 6.92 -39.97
CA ARG B 245 29.54 6.98 -40.00
C ARG B 245 30.01 7.65 -41.28
N SER B 246 30.95 8.58 -41.14
CA SER B 246 31.56 9.19 -42.31
C SER B 246 32.36 8.16 -43.09
N ASN B 247 32.47 8.39 -44.40
CA ASN B 247 33.25 7.51 -45.26
C ASN B 247 34.65 8.05 -45.55
N PHE B 248 35.02 9.19 -44.96
CA PHE B 248 36.40 9.65 -44.98
C PHE B 248 37.14 9.28 -43.72
N ASP B 249 36.44 9.15 -42.60
CA ASP B 249 37.06 8.92 -41.30
C ASP B 249 36.06 8.13 -40.46
N SER B 250 36.29 6.82 -40.29
CA SER B 250 35.31 5.97 -39.62
C SER B 250 35.07 6.39 -38.17
N THR B 251 35.90 7.27 -37.63
CA THR B 251 35.78 7.86 -36.30
C THR B 251 34.88 9.10 -36.25
N LEU B 252 34.48 9.65 -37.40
CA LEU B 252 33.78 10.92 -37.49
C LEU B 252 32.34 10.73 -37.95
N ILE B 253 31.56 11.78 -37.78
CA ILE B 253 30.18 11.76 -38.25
C ILE B 253 30.16 12.11 -39.73
N SER B 254 29.21 11.51 -40.45
CA SER B 254 29.02 11.78 -41.87
C SER B 254 28.89 13.28 -42.12
N PRO B 255 29.64 13.85 -43.07
CA PRO B 255 29.52 15.29 -43.33
C PRO B 255 28.17 15.69 -43.89
N ASN B 256 27.32 14.71 -44.23
CA ASN B 256 25.95 14.94 -44.65
C ASN B 256 25.01 15.15 -43.46
N SER B 257 25.47 14.88 -42.24
CA SER B 257 24.69 15.17 -41.04
C SER B 257 25.22 16.42 -40.36
N VAL B 258 24.30 17.12 -39.70
CA VAL B 258 24.57 18.45 -39.14
C VAL B 258 25.58 18.38 -38.00
N PHE B 259 25.61 17.27 -37.27
CA PHE B 259 26.56 17.06 -36.20
C PHE B 259 27.99 16.86 -36.69
N SER B 260 28.20 16.72 -37.99
CA SER B 260 29.57 16.71 -38.51
C SER B 260 30.24 18.05 -38.30
N GLN B 261 29.45 19.12 -38.25
CA GLN B 261 30.01 20.44 -38.04
C GLN B 261 30.20 20.77 -36.58
N TRP B 262 29.50 20.07 -35.68
CA TRP B 262 29.64 20.29 -34.25
C TRP B 262 31.08 20.10 -33.81
N ARG B 263 31.48 20.86 -32.79
CA ARG B 263 32.76 20.67 -32.11
C ARG B 263 32.59 20.73 -30.59
N VAL B 264 33.30 19.84 -29.92
CA VAL B 264 33.06 19.55 -28.52
C VAL B 264 33.65 20.65 -27.63
N VAL B 265 33.22 20.66 -26.36
CA VAL B 265 33.85 21.51 -25.35
C VAL B 265 34.30 20.64 -24.18
N CYS B 266 35.13 21.24 -23.32
CA CYS B 266 35.68 20.59 -22.12
C CYS B 266 36.56 19.39 -22.46
N ASP B 267 37.29 19.46 -23.57
CA ASP B 267 38.24 18.39 -23.87
C ASP B 267 39.67 18.74 -23.50
N SER B 268 39.86 19.80 -22.72
CA SER B 268 41.19 20.23 -22.30
C SER B 268 41.39 19.96 -20.81
N LEU B 269 41.29 18.70 -20.40
CA LEU B 269 41.25 18.40 -18.97
C LEU B 269 42.55 18.75 -18.28
N GLU B 270 43.67 18.31 -18.85
CA GLU B 270 44.90 18.47 -18.09
C GLU B 270 45.42 19.91 -18.14
N ASP B 271 44.69 20.84 -18.80
CA ASP B 271 44.80 22.25 -18.43
C ASP B 271 43.90 22.58 -17.25
N TYR B 272 42.72 21.96 -17.18
CA TYR B 272 41.78 22.21 -16.09
C TYR B 272 42.30 21.62 -14.78
N ASP B 273 42.71 20.34 -14.82
CA ASP B 273 43.19 19.60 -13.67
C ASP B 273 44.55 20.07 -13.14
N THR B 274 45.28 20.90 -13.89
CA THR B 274 46.61 21.29 -13.49
C THR B 274 46.79 22.80 -13.33
N LEU B 275 45.94 23.61 -13.95
CA LEU B 275 46.00 25.06 -13.77
C LEU B 275 44.98 25.57 -12.78
N GLY B 276 43.94 24.78 -12.50
CA GLY B 276 42.86 25.18 -11.63
C GLY B 276 41.67 25.78 -12.34
N THR B 277 41.54 25.53 -13.63
CA THR B 277 40.56 26.23 -14.46
C THR B 277 39.36 25.34 -14.74
N LEU B 278 38.21 25.99 -14.97
CA LEU B 278 37.00 25.34 -15.44
C LEU B 278 36.92 25.33 -16.97
N CYS B 279 36.16 24.36 -17.50
CA CYS B 279 35.83 24.35 -18.92
C CYS B 279 35.14 25.65 -19.32
N ASN B 280 35.35 26.07 -20.56
CA ASN B 280 34.80 27.34 -21.03
C ASN B 280 34.14 27.16 -22.39
N SER B 281 33.52 28.27 -22.86
CA SER B 281 32.62 28.26 -24.01
C SER B 281 33.35 28.33 -25.35
N THR B 282 34.47 27.63 -25.47
CA THR B 282 35.25 27.58 -26.70
C THR B 282 35.38 26.12 -27.09
N GLU B 283 34.90 25.80 -28.29
CA GLU B 283 34.88 24.43 -28.78
C GLU B 283 36.25 24.04 -29.32
N ASP B 284 36.41 22.75 -29.64
CA ASP B 284 37.68 22.26 -30.15
C ASP B 284 37.45 21.28 -31.29
N GLY B 285 37.65 19.98 -31.03
CA GLY B 285 37.66 19.00 -32.10
C GLY B 285 36.29 18.51 -32.47
N PRO B 286 36.20 17.66 -33.50
CA PRO B 286 34.90 17.16 -33.93
C PRO B 286 34.38 16.07 -32.99
N ILE B 287 33.08 15.84 -33.04
CA ILE B 287 32.56 14.67 -32.37
C ILE B 287 33.20 13.43 -33.00
N ARG B 288 33.44 12.41 -32.18
CA ARG B 288 33.96 11.14 -32.68
C ARG B 288 33.11 10.00 -32.15
N ARG B 289 32.71 9.12 -33.07
CA ARG B 289 31.79 8.04 -32.80
C ARG B 289 32.14 6.88 -33.71
N ASN B 290 32.31 5.70 -33.14
CA ASN B 290 32.62 4.48 -33.88
C ASN B 290 31.83 3.32 -33.27
N PRO B 291 30.56 3.18 -33.64
CA PRO B 291 29.74 2.13 -33.04
C PRO B 291 30.27 0.74 -33.34
N ALA B 292 30.17 -0.13 -32.33
CA ALA B 292 30.61 -1.53 -32.36
C ALA B 292 32.11 -1.68 -32.51
N GLY B 293 32.87 -0.58 -32.46
CA GLY B 293 34.24 -0.58 -32.95
C GLY B 293 35.36 -0.86 -31.97
N ASN B 294 35.08 -0.94 -30.66
CA ASN B 294 36.13 -1.20 -29.66
C ASN B 294 36.45 -2.69 -29.70
N VAL B 295 37.31 -3.08 -30.65
CA VAL B 295 37.70 -4.48 -30.78
C VAL B 295 38.50 -4.94 -29.57
N ALA B 296 39.17 -4.02 -28.87
CA ALA B 296 39.99 -4.23 -27.66
C ALA B 296 39.15 -4.54 -26.37
N ARG B 297 37.85 -4.82 -26.49
CA ARG B 297 36.99 -5.09 -25.35
C ARG B 297 35.71 -5.75 -25.84
N PRO B 298 35.76 -7.05 -26.21
CA PRO B 298 34.61 -7.68 -26.87
C PRO B 298 33.29 -7.75 -26.08
N MET B 299 33.25 -7.20 -24.87
CA MET B 299 31.96 -7.08 -24.18
C MET B 299 31.17 -5.86 -24.67
N VAL B 300 31.82 -4.93 -25.38
CA VAL B 300 31.26 -3.61 -25.63
C VAL B 300 31.12 -3.30 -27.13
N GLN B 301 31.35 -4.27 -28.02
CA GLN B 301 30.88 -4.04 -29.40
C GLN B 301 29.43 -4.46 -29.58
N ARG B 302 28.62 -4.30 -28.53
CA ARG B 302 27.19 -4.62 -28.54
C ARG B 302 26.61 -4.32 -27.15
N LEU B 303 25.91 -3.13 -27.00
CA LEU B 303 25.10 -2.58 -25.88
C LEU B 303 24.16 -3.67 -25.31
N PRO B 304 23.21 -3.34 -24.33
CA PRO B 304 22.24 -4.36 -23.85
C PRO B 304 21.36 -5.13 -24.83
N GLU B 305 20.76 -6.29 -24.33
CA GLU B 305 19.70 -7.16 -24.86
C GLU B 305 18.35 -6.72 -24.29
N PRO B 306 17.24 -7.02 -24.98
CA PRO B 306 15.93 -6.61 -24.43
C PRO B 306 15.69 -7.07 -23.01
N GLN B 307 16.14 -8.28 -22.68
CA GLN B 307 15.90 -8.83 -21.35
C GLN B 307 16.75 -8.15 -20.28
N ASP B 308 17.83 -7.49 -20.67
CA ASP B 308 18.67 -6.87 -19.64
C ASP B 308 17.92 -5.79 -18.88
N VAL B 309 17.14 -4.94 -19.57
CA VAL B 309 16.27 -4.12 -18.72
C VAL B 309 15.05 -4.89 -18.28
N ALA B 310 14.61 -5.91 -19.04
CA ALA B 310 13.62 -6.88 -18.59
C ALA B 310 14.14 -7.75 -17.41
N GLN B 311 15.28 -7.35 -16.82
CA GLN B 311 15.79 -7.93 -15.58
C GLN B 311 16.21 -6.91 -14.53
N CYS B 312 16.20 -5.61 -14.82
CA CYS B 312 16.26 -4.62 -13.74
C CYS B 312 14.86 -4.25 -13.26
N LEU B 313 13.82 -4.80 -13.90
CA LEU B 313 12.42 -4.63 -13.45
C LEU B 313 12.24 -5.15 -12.04
N GLU B 314 12.91 -6.23 -11.69
CA GLU B 314 12.64 -6.91 -10.43
C GLU B 314 13.49 -6.42 -9.28
N VAL B 315 14.52 -5.60 -9.52
CA VAL B 315 15.43 -5.27 -8.45
C VAL B 315 14.72 -4.29 -7.51
N GLY B 316 14.40 -4.76 -6.30
CA GLY B 316 13.35 -4.18 -5.50
C GLY B 316 13.67 -2.88 -4.79
N LEU B 317 14.85 -2.78 -4.20
CA LEU B 317 15.26 -1.56 -3.52
C LEU B 317 15.97 -0.64 -4.50
N PHE B 318 15.79 0.67 -4.31
CA PHE B 318 16.45 1.62 -5.20
C PHE B 318 17.97 1.51 -5.06
N ASP B 319 18.47 1.72 -3.84
CA ASP B 319 19.91 1.64 -3.60
C ASP B 319 20.18 0.92 -2.28
N THR B 320 21.37 0.36 -2.18
CA THR B 320 21.90 -0.42 -1.08
C THR B 320 23.23 0.18 -0.66
N PRO B 321 23.58 0.15 0.65
CA PRO B 321 24.97 0.55 0.93
C PRO B 321 25.96 -0.38 0.18
N PRO B 322 27.22 0.08 -0.05
CA PRO B 322 27.93 1.35 0.24
C PRO B 322 27.33 2.59 -0.42
N PHE B 323 26.30 2.40 -1.25
CA PHE B 323 25.68 3.45 -2.06
C PHE B 323 26.69 4.00 -3.08
N TYR B 324 27.38 3.11 -3.78
CA TYR B 324 28.48 3.54 -4.62
C TYR B 324 28.49 2.63 -5.84
N SER B 325 29.54 2.77 -6.67
CA SER B 325 29.69 1.86 -7.78
C SER B 325 29.61 0.41 -7.32
N ASN B 326 30.03 0.13 -6.07
CA ASN B 326 30.01 -1.26 -5.55
C ASN B 326 28.80 -1.53 -4.65
N SER B 327 27.61 -1.50 -5.27
CA SER B 327 26.37 -1.82 -4.60
C SER B 327 25.73 -3.07 -5.24
N THR B 328 25.35 -4.02 -4.39
CA THR B 328 24.75 -5.29 -4.83
C THR B 328 23.23 -5.20 -4.78
N ASN B 329 22.59 -5.83 -5.77
CA ASN B 329 21.14 -5.78 -5.99
C ASN B 329 20.56 -4.44 -5.53
N SER B 330 21.20 -3.35 -5.97
CA SER B 330 20.70 -1.99 -5.86
C SER B 330 20.29 -1.52 -7.25
N PHE B 331 19.08 -0.96 -7.37
CA PHE B 331 18.53 -0.62 -8.69
C PHE B 331 19.38 0.43 -9.38
N ARG B 332 19.57 1.58 -8.72
CA ARG B 332 20.35 2.67 -9.28
C ARG B 332 21.67 2.17 -9.88
N ASN B 333 22.30 1.19 -9.22
CA ASN B 333 23.55 0.64 -9.75
C ASN B 333 23.31 -0.44 -10.81
N THR B 334 22.16 -1.12 -10.77
CA THR B 334 21.88 -2.16 -11.74
C THR B 334 21.75 -1.57 -13.15
N VAL B 335 21.24 -0.35 -13.26
CA VAL B 335 20.89 0.18 -14.55
C VAL B 335 21.90 1.25 -14.94
N GLU B 336 22.54 1.89 -13.95
CA GLU B 336 23.69 2.73 -14.27
C GLU B 336 24.69 1.94 -15.09
N GLY B 337 25.08 0.75 -14.61
CA GLY B 337 25.81 -0.20 -15.41
C GLY B 337 26.98 -0.89 -14.73
N PHE B 338 27.13 -0.65 -13.43
CA PHE B 338 28.17 -1.32 -12.65
C PHE B 338 27.67 -2.59 -11.98
N SER B 339 26.42 -2.97 -12.25
CA SER B 339 25.92 -4.29 -11.93
C SER B 339 25.46 -4.94 -13.23
N ASP B 340 25.38 -6.27 -13.21
CA ASP B 340 24.80 -6.99 -14.33
C ASP B 340 23.30 -6.66 -14.34
N PRO B 341 22.58 -7.06 -15.40
CA PRO B 341 21.13 -6.81 -15.44
C PRO B 341 20.30 -7.41 -14.30
N THR B 342 20.90 -8.02 -13.27
CA THR B 342 20.11 -8.67 -12.22
C THR B 342 20.37 -8.19 -10.79
N GLY B 343 21.53 -7.58 -10.52
CA GLY B 343 21.85 -7.14 -9.18
C GLY B 343 23.17 -7.67 -8.65
N LYS B 344 23.70 -8.72 -9.31
CA LYS B 344 24.96 -9.34 -8.88
C LYS B 344 26.10 -8.47 -9.42
N TYR B 345 26.66 -7.69 -8.50
CA TYR B 345 27.78 -6.82 -8.81
C TYR B 345 28.91 -7.59 -9.47
N ASP B 346 29.65 -6.92 -10.37
CA ASP B 346 30.82 -7.48 -11.04
C ASP B 346 31.65 -6.33 -11.60
N PRO B 347 32.93 -6.16 -11.20
CA PRO B 347 33.74 -5.08 -11.80
C PRO B 347 34.12 -5.34 -13.26
N ALA B 348 33.98 -6.57 -13.76
CA ALA B 348 34.52 -6.93 -15.06
C ALA B 348 33.57 -6.62 -16.21
N VAL B 349 32.25 -6.68 -16.01
CA VAL B 349 31.30 -6.45 -17.10
C VAL B 349 30.38 -5.29 -16.75
N SER B 350 30.11 -4.48 -17.76
CA SER B 350 29.18 -3.36 -17.69
C SER B 350 27.93 -3.71 -18.49
N SER B 351 26.76 -3.27 -18.02
CA SER B 351 25.54 -3.39 -18.81
C SER B 351 24.79 -2.06 -18.83
N LEU B 352 23.67 -2.07 -19.55
CA LEU B 352 22.72 -0.95 -19.67
C LEU B 352 23.39 0.40 -19.86
N HIS B 353 23.01 1.39 -19.05
CA HIS B 353 23.38 2.78 -19.34
C HIS B 353 24.87 2.93 -19.58
N ASN B 354 25.71 2.24 -18.79
CA ASN B 354 27.14 2.35 -19.03
C ASN B 354 27.54 1.58 -20.28
N LEU B 355 27.08 0.34 -20.43
CA LEU B 355 27.35 -0.41 -21.66
C LEU B 355 26.88 0.35 -22.88
N ALA B 356 25.83 1.17 -22.73
CA ALA B 356 25.35 1.95 -23.86
C ALA B 356 26.35 3.04 -24.25
N HIS B 357 26.89 3.75 -23.26
CA HIS B 357 27.88 4.79 -23.52
C HIS B 357 29.14 4.23 -24.18
N LEU B 358 29.63 3.07 -23.72
CA LEU B 358 30.87 2.53 -24.28
C LEU B 358 30.69 2.04 -25.71
N PHE B 359 29.53 1.47 -26.04
CA PHE B 359 29.37 0.80 -27.33
C PHE B 359 29.69 1.72 -28.50
N LEU B 360 29.55 3.03 -28.30
CA LEU B 360 29.77 3.96 -29.41
C LEU B 360 31.24 4.12 -29.80
N ASN B 361 32.18 3.57 -29.02
CA ASN B 361 33.60 3.94 -29.03
C ASN B 361 33.87 5.38 -29.49
N GLY B 362 33.84 6.34 -28.56
CA GLY B 362 34.16 7.71 -28.91
C GLY B 362 33.77 8.65 -27.79
N THR B 363 33.69 9.93 -28.15
CA THR B 363 33.23 11.01 -27.27
C THR B 363 32.09 10.57 -26.33
N GLY B 364 31.27 9.62 -26.78
CA GLY B 364 30.12 9.19 -25.99
C GLY B 364 30.44 8.35 -24.79
N GLY B 365 31.58 7.65 -24.81
CA GLY B 365 31.96 6.83 -23.67
C GLY B 365 32.94 7.53 -22.73
N GLN B 366 32.97 8.86 -22.74
CA GLN B 366 33.95 9.61 -21.95
C GLN B 366 33.22 10.57 -21.02
N VAL B 367 33.29 10.25 -19.74
CA VAL B 367 32.55 10.85 -18.62
C VAL B 367 32.37 12.35 -18.74
N HIS B 368 33.43 13.06 -19.10
CA HIS B 368 33.36 14.51 -19.16
C HIS B 368 32.93 15.05 -20.53
N LEU B 369 33.03 14.23 -21.59
CA LEU B 369 32.69 14.68 -22.95
C LEU B 369 31.35 14.20 -23.47
N SER B 370 30.80 13.11 -22.95
CA SER B 370 29.78 12.37 -23.69
C SER B 370 28.56 13.20 -24.08
N PRO B 371 28.05 14.16 -23.26
CA PRO B 371 26.94 15.01 -23.76
C PRO B 371 27.28 15.75 -25.05
N ASN B 372 28.58 15.90 -25.38
CA ASN B 372 28.95 16.44 -26.68
C ASN B 372 28.28 15.66 -27.81
N ASP B 373 28.30 14.34 -27.71
CA ASP B 373 27.56 13.55 -28.70
C ASP B 373 26.07 13.61 -28.37
N PRO B 374 25.26 14.20 -29.24
CA PRO B 374 23.82 14.33 -28.93
C PRO B 374 23.09 13.01 -28.75
N ILE B 375 23.61 11.87 -29.24
CA ILE B 375 22.99 10.58 -28.92
C ILE B 375 22.78 10.43 -27.42
N PHE B 376 23.71 10.98 -26.64
CA PHE B 376 23.56 11.07 -25.19
C PHE B 376 22.11 11.34 -24.86
N VAL B 377 21.54 12.36 -25.47
CA VAL B 377 20.24 12.85 -25.07
C VAL B 377 19.19 11.76 -25.20
N LEU B 378 19.19 11.05 -26.31
CA LEU B 378 18.18 10.01 -26.46
C LEU B 378 18.54 8.76 -25.68
N LEU B 379 19.83 8.52 -25.48
CA LEU B 379 20.27 7.42 -24.63
C LEU B 379 19.78 7.61 -23.21
N HIS B 380 19.82 8.85 -22.71
CA HIS B 380 19.44 9.16 -21.33
C HIS B 380 17.94 9.38 -21.14
N THR B 381 17.23 9.89 -22.14
CA THR B 381 15.78 9.84 -22.05
C THR B 381 15.31 8.41 -21.82
N PHE B 382 15.92 7.45 -22.50
CA PHE B 382 15.54 6.05 -22.28
C PHE B 382 15.90 5.59 -20.86
N THR B 383 17.14 5.85 -20.39
CA THR B 383 17.43 5.42 -19.04
C THR B 383 16.50 6.10 -18.06
N ASP B 384 16.09 7.34 -18.35
CA ASP B 384 15.09 7.98 -17.53
C ASP B 384 13.71 7.36 -17.73
N ALA B 385 13.47 6.69 -18.86
CA ALA B 385 12.19 6.02 -19.05
C ALA B 385 12.08 4.82 -18.13
N VAL B 386 13.17 4.06 -17.97
CA VAL B 386 13.16 2.93 -17.05
C VAL B 386 13.03 3.44 -15.62
N PHE B 387 13.81 4.47 -15.28
CA PHE B 387 13.70 5.12 -13.97
C PHE B 387 12.26 5.49 -13.64
N ASP B 388 11.52 6.04 -14.62
CA ASP B 388 10.13 6.43 -14.37
C ASP B 388 9.23 5.21 -14.21
N GLU B 389 9.51 4.10 -14.92
CA GLU B 389 8.68 2.91 -14.76
C GLU B 389 8.98 2.19 -13.46
N TRP B 390 10.25 2.11 -13.05
CA TRP B 390 10.54 1.64 -11.70
C TRP B 390 9.79 2.45 -10.66
N LEU B 391 9.81 3.78 -10.78
CA LEU B 391 9.10 4.64 -9.85
C LEU B 391 7.63 4.22 -9.74
N ARG B 392 7.00 3.97 -10.88
CA ARG B 392 5.58 3.63 -10.90
C ARG B 392 5.33 2.29 -10.21
N ARG B 393 6.07 1.26 -10.59
CA ARG B 393 5.82 -0.09 -10.08
C ARG B 393 6.12 -0.23 -8.59
N TYR B 394 6.93 0.64 -8.00
CA TYR B 394 7.31 0.55 -6.59
C TYR B 394 6.94 1.82 -5.83
N ASN B 395 5.75 2.34 -6.12
CA ASN B 395 5.18 3.56 -5.54
C ASN B 395 6.22 4.58 -5.12
N ALA B 396 7.26 4.76 -5.93
CA ALA B 396 8.34 5.71 -5.62
C ALA B 396 8.89 5.48 -4.22
N ASP B 397 9.46 4.31 -4.00
CA ASP B 397 9.97 3.93 -2.68
C ASP B 397 11.33 4.59 -2.46
N ILE B 398 11.29 5.81 -1.91
CA ILE B 398 12.50 6.59 -1.60
C ILE B 398 13.16 6.18 -0.29
N SER B 399 12.52 5.31 0.50
CA SER B 399 13.09 4.86 1.77
C SER B 399 14.51 4.33 1.59
N THR B 400 14.73 3.58 0.51
CA THR B 400 16.02 2.95 0.22
C THR B 400 17.08 3.96 -0.24
N PHE B 401 16.66 5.08 -0.82
CA PHE B 401 17.57 6.15 -1.19
C PHE B 401 18.32 6.59 0.05
N PRO B 402 19.65 6.39 0.11
CA PRO B 402 20.46 6.80 1.26
C PRO B 402 19.96 8.00 2.02
N LEU B 403 19.52 7.72 3.24
CA LEU B 403 19.78 8.61 4.36
C LEU B 403 21.14 9.25 4.10
N GLU B 404 22.17 8.52 4.49
CA GLU B 404 23.48 9.10 4.64
C GLU B 404 24.58 8.13 4.25
N ASN B 405 25.81 8.68 4.30
CA ASN B 405 27.05 7.95 4.16
C ASN B 405 27.19 7.33 2.78
N ALA B 406 26.74 8.09 1.78
CA ALA B 406 26.93 7.88 0.36
C ALA B 406 27.82 8.99 -0.21
N PRO B 407 28.39 8.80 -1.44
CA PRO B 407 29.35 9.77 -1.98
C PRO B 407 28.90 11.22 -1.89
N ILE B 408 29.87 12.13 -1.89
CA ILE B 408 29.56 13.54 -1.75
C ILE B 408 28.59 13.96 -2.84
N GLY B 409 27.66 14.84 -2.48
CA GLY B 409 26.63 15.29 -3.39
C GLY B 409 25.45 14.36 -3.60
N HIS B 410 25.58 13.08 -3.26
CA HIS B 410 24.55 12.09 -3.58
C HIS B 410 23.56 11.84 -2.46
N ASN B 411 23.66 12.52 -1.35
CA ASN B 411 22.75 12.16 -0.28
C ASN B 411 21.52 13.05 -0.34
N ARG B 412 20.44 12.53 0.22
CA ARG B 412 19.11 12.74 -0.37
C ARG B 412 18.79 14.22 -0.62
N GLN B 413 18.89 15.07 0.41
CA GLN B 413 18.60 16.49 0.23
C GLN B 413 19.85 17.32 -0.14
N TYR B 414 20.84 16.69 -0.77
CA TYR B 414 21.93 17.42 -1.44
C TYR B 414 21.40 18.00 -2.75
N ASN B 415 21.54 19.31 -2.92
CA ASN B 415 21.12 19.93 -4.17
C ASN B 415 22.07 19.51 -5.29
N MET B 416 21.49 18.91 -6.34
CA MET B 416 22.27 18.25 -7.37
C MET B 416 23.14 19.25 -8.12
N VAL B 417 24.35 18.81 -8.47
CA VAL B 417 25.39 19.78 -8.87
C VAL B 417 25.68 19.77 -10.36
N PRO B 418 25.67 20.96 -10.98
CA PRO B 418 25.44 22.30 -10.41
C PRO B 418 24.18 23.04 -10.88
N PHE B 419 23.00 22.60 -10.47
CA PHE B 419 21.77 23.15 -11.02
C PHE B 419 21.27 24.34 -10.22
N TRP B 420 20.77 25.32 -10.95
CA TRP B 420 20.11 26.47 -10.35
C TRP B 420 18.68 26.55 -10.91
N PRO B 421 17.70 26.95 -10.06
CA PRO B 421 17.82 27.11 -8.61
C PRO B 421 18.11 25.78 -7.93
N PRO B 422 18.57 25.82 -6.69
CA PRO B 422 18.84 24.59 -5.95
C PRO B 422 17.69 23.61 -6.13
N VAL B 423 18.02 22.33 -6.31
CA VAL B 423 16.96 21.35 -6.47
C VAL B 423 17.42 20.00 -5.96
N THR B 424 16.73 19.53 -4.94
CA THR B 424 17.15 18.34 -4.21
C THR B 424 16.85 17.09 -5.02
N ASN B 425 17.66 16.06 -4.81
CA ASN B 425 17.38 14.76 -5.42
C ASN B 425 15.94 14.34 -5.16
N THR B 426 15.41 14.67 -3.97
CA THR B 426 14.03 14.33 -3.65
C THR B 426 13.06 14.87 -4.68
N GLU B 427 13.25 16.13 -5.11
CA GLU B 427 12.29 16.72 -6.01
C GLU B 427 12.20 15.99 -7.34
N MET B 428 13.22 15.20 -7.70
CA MET B 428 13.19 14.38 -8.91
C MET B 428 12.65 12.97 -8.69
N PHE B 429 12.60 12.50 -7.44
CA PHE B 429 12.19 11.12 -7.18
C PHE B 429 10.65 11.00 -7.15
N VAL B 430 10.04 11.34 -8.28
CA VAL B 430 8.57 11.32 -8.40
C VAL B 430 8.23 10.81 -9.79
N THR B 431 7.16 10.02 -9.89
CA THR B 431 6.65 9.58 -11.19
C THR B 431 6.44 10.80 -12.09
N ALA B 432 6.89 10.68 -13.33
CA ALA B 432 6.87 11.81 -14.25
C ALA B 432 5.47 12.20 -14.73
N PRO B 433 4.60 11.26 -15.11
CA PRO B 433 3.32 11.70 -15.72
C PRO B 433 2.48 12.61 -14.85
N ASP B 434 2.60 12.52 -13.52
CA ASP B 434 1.75 13.31 -12.63
C ASP B 434 2.48 14.42 -11.91
N ASN B 435 3.81 14.33 -11.79
CA ASN B 435 4.55 15.30 -11.00
C ASN B 435 5.45 16.22 -11.80
N LEU B 436 5.82 15.87 -13.04
CA LEU B 436 6.77 16.66 -13.79
C LEU B 436 6.32 16.99 -15.20
N GLY B 437 5.13 16.55 -15.60
CA GLY B 437 4.55 17.02 -16.84
C GLY B 437 5.02 16.31 -18.09
N TYR B 438 5.39 15.03 -17.98
CA TYR B 438 5.77 14.25 -19.15
C TYR B 438 5.69 12.76 -18.83
N THR B 439 5.47 11.97 -19.89
CA THR B 439 5.29 10.53 -19.85
C THR B 439 6.02 9.91 -21.04
N TYR B 440 6.36 8.62 -20.90
CA TYR B 440 6.98 7.87 -21.98
C TYR B 440 5.96 6.98 -22.71
N GLU B 441 5.93 7.10 -24.03
CA GLU B 441 5.17 6.21 -24.89
C GLU B 441 6.08 5.03 -25.20
N ILE B 442 5.84 3.91 -24.52
CA ILE B 442 6.80 2.82 -24.50
C ILE B 442 6.08 1.56 -24.00
N GLN B 443 6.41 0.42 -24.62
CA GLN B 443 5.93 -0.89 -24.20
C GLN B 443 7.11 -1.68 -23.65
N TRP B 444 7.02 -2.09 -22.33
CA TRP B 444 8.11 -2.78 -21.63
C TRP B 444 8.08 -4.29 -21.91
N PRO B 445 9.24 -4.95 -21.86
CA PRO B 445 9.29 -6.38 -22.18
C PRO B 445 8.70 -7.28 -21.09
N SER B 446 8.01 -8.33 -21.51
CA SER B 446 7.66 -9.47 -20.65
C SER B 446 7.06 -10.60 -21.48
N GLN C 1 -18.94 -6.29 -10.19
CA GLN C 1 -17.50 -6.29 -10.45
C GLN C 1 -17.03 -4.88 -10.74
N PHE C 2 -15.73 -4.72 -10.93
CA PHE C 2 -15.13 -3.43 -10.64
C PHE C 2 -15.01 -2.56 -11.87
N PRO C 3 -14.98 -1.23 -11.68
CA PRO C 3 -14.66 -0.35 -12.81
C PRO C 3 -13.24 -0.63 -13.27
N ARG C 4 -12.99 -0.42 -14.57
CA ARG C 4 -11.67 -0.79 -15.09
C ARG C 4 -10.60 0.14 -14.53
N GLN C 5 -10.92 1.42 -14.32
CA GLN C 5 -9.97 2.32 -13.69
C GLN C 5 -9.66 1.92 -12.24
N CYS C 6 -10.49 1.09 -11.61
CA CYS C 6 -10.13 0.43 -10.36
C CYS C 6 -9.44 -0.91 -10.56
N ALA C 7 -9.50 -1.49 -11.75
CA ALA C 7 -8.80 -2.76 -12.03
C ALA C 7 -7.31 -2.58 -12.30
N THR C 8 -6.65 -1.70 -11.56
CA THR C 8 -5.23 -1.41 -11.74
C THR C 8 -4.45 -1.91 -10.54
N VAL C 9 -3.14 -2.14 -10.76
CA VAL C 9 -2.27 -2.76 -9.76
C VAL C 9 -2.35 -1.94 -8.49
N GLU C 10 -2.61 -0.65 -8.65
CA GLU C 10 -2.44 0.23 -7.51
C GLU C 10 -3.76 0.49 -6.83
N ALA C 11 -4.83 0.77 -7.59
CA ALA C 11 -6.19 0.68 -7.10
C ALA C 11 -6.38 -0.55 -6.20
N LEU C 12 -5.79 -1.69 -6.58
CA LEU C 12 -5.94 -2.91 -5.79
C LEU C 12 -4.96 -3.00 -4.62
N ARG C 13 -3.83 -2.31 -4.66
CA ARG C 13 -3.05 -2.25 -3.43
C ARG C 13 -3.58 -1.16 -2.50
N SER C 14 -4.10 -0.05 -3.06
CA SER C 14 -4.68 1.02 -2.25
C SER C 14 -5.84 0.52 -1.39
N GLY C 15 -6.55 -0.51 -1.84
CA GLY C 15 -7.81 -0.88 -1.23
C GLY C 15 -8.89 0.15 -1.49
N MET C 16 -8.64 1.09 -2.40
CA MET C 16 -9.58 2.17 -2.66
C MET C 16 -10.03 2.19 -4.12
N CYS C 17 -11.34 2.19 -4.33
CA CYS C 17 -11.95 2.24 -5.66
C CYS C 17 -12.87 3.48 -5.72
N CYS C 18 -12.26 4.63 -5.93
CA CYS C 18 -12.96 5.91 -5.96
C CYS C 18 -12.46 6.67 -7.18
N PRO C 19 -12.94 6.31 -8.37
CA PRO C 19 -12.37 6.93 -9.56
C PRO C 19 -12.78 8.39 -9.66
N ASP C 20 -11.98 9.14 -10.41
CA ASP C 20 -12.28 10.53 -10.71
C ASP C 20 -13.55 10.61 -11.54
N LEU C 21 -14.13 11.80 -11.59
CA LEU C 21 -15.25 12.09 -12.49
C LEU C 21 -14.76 12.97 -13.63
N SER C 22 -14.49 14.26 -13.38
CA SER C 22 -13.98 15.16 -14.40
C SER C 22 -12.82 15.94 -13.81
N PRO C 23 -11.61 15.42 -13.91
CA PRO C 23 -10.50 15.94 -13.11
C PRO C 23 -9.44 16.71 -13.89
N VAL C 24 -9.48 18.04 -13.92
CA VAL C 24 -8.37 18.71 -14.61
C VAL C 24 -7.70 19.74 -13.72
N SER C 25 -7.28 19.31 -12.55
CA SER C 25 -6.05 19.79 -11.95
C SER C 25 -5.18 18.60 -11.57
N GLY C 26 -5.36 17.47 -12.27
CA GLY C 26 -4.59 16.27 -12.03
C GLY C 26 -5.47 15.05 -11.81
N PRO C 27 -4.84 13.87 -11.68
CA PRO C 27 -5.57 12.67 -11.23
C PRO C 27 -5.81 12.74 -9.73
N GLY C 28 -6.74 11.92 -9.24
CA GLY C 28 -7.15 11.99 -7.83
C GLY C 28 -7.81 13.28 -7.39
N THR C 29 -7.95 14.25 -8.28
CA THR C 29 -8.53 15.56 -7.99
C THR C 29 -10.03 15.54 -7.71
N ASP C 30 -10.76 14.59 -8.29
CA ASP C 30 -12.21 14.63 -8.35
C ASP C 30 -12.76 13.25 -8.09
N ARG C 31 -12.17 12.55 -7.12
CA ARG C 31 -12.69 11.28 -6.68
C ARG C 31 -14.15 11.42 -6.36
N CYS C 32 -14.97 10.61 -7.03
CA CYS C 32 -16.41 10.55 -6.79
C CYS C 32 -17.10 11.86 -7.11
N GLY C 33 -16.43 12.76 -7.83
CA GLY C 33 -16.98 14.08 -8.13
C GLY C 33 -17.11 15.00 -6.92
N SER C 34 -16.05 15.07 -6.11
CA SER C 34 -16.10 15.90 -4.92
C SER C 34 -15.82 17.36 -5.22
N SER C 35 -15.16 17.67 -6.34
CA SER C 35 -14.99 19.07 -6.73
C SER C 35 -16.35 19.73 -7.00
N SER C 36 -17.28 19.02 -7.61
CA SER C 36 -18.69 19.40 -7.59
C SER C 36 -19.33 18.76 -6.37
N GLY C 37 -20.59 19.09 -6.11
CA GLY C 37 -21.20 18.57 -4.90
C GLY C 37 -21.60 17.10 -4.95
N ARG C 38 -21.18 16.38 -6.00
CA ARG C 38 -21.87 15.15 -6.38
C ARG C 38 -21.55 13.95 -5.48
N GLY C 39 -20.46 13.97 -4.72
CA GLY C 39 -20.19 12.82 -3.88
C GLY C 39 -18.78 12.84 -3.33
N ARG C 40 -18.49 11.81 -2.53
CA ARG C 40 -17.28 11.74 -1.73
C ARG C 40 -16.80 10.30 -1.66
N CYS C 41 -15.48 10.11 -1.49
CA CYS C 41 -14.88 8.81 -1.24
C CYS C 41 -14.86 8.51 0.26
N GLU C 42 -15.53 7.42 0.65
CA GLU C 42 -15.68 7.04 2.05
C GLU C 42 -15.04 5.68 2.31
N ALA C 43 -15.23 5.20 3.55
CA ALA C 43 -15.05 3.81 3.90
C ALA C 43 -16.26 2.99 3.46
N VAL C 44 -16.08 1.67 3.36
CA VAL C 44 -17.15 0.78 2.93
C VAL C 44 -17.87 0.22 4.16
N THR C 45 -19.16 0.46 4.23
CA THR C 45 -20.02 -0.25 5.19
C THR C 45 -20.36 -1.62 4.61
N ALA C 46 -19.89 -2.67 5.27
CA ALA C 46 -20.25 -4.03 4.94
C ALA C 46 -20.94 -4.66 6.15
N ASP C 47 -21.67 -5.73 5.90
CA ASP C 47 -22.46 -6.32 6.97
C ASP C 47 -21.56 -7.13 7.88
N SER C 48 -21.70 -6.90 9.18
CA SER C 48 -20.85 -7.49 10.20
C SER C 48 -21.55 -8.57 11.03
N ARG C 49 -22.85 -8.76 10.84
CA ARG C 49 -23.62 -9.67 11.65
C ARG C 49 -23.43 -11.11 11.19
N PRO C 50 -23.72 -12.09 12.06
CA PRO C 50 -23.46 -13.49 11.71
C PRO C 50 -24.33 -13.99 10.55
N HIS C 51 -23.83 -15.07 9.92
CA HIS C 51 -24.57 -15.85 8.93
C HIS C 51 -24.80 -17.26 9.45
N SER C 52 -25.64 -18.03 8.75
CA SER C 52 -26.00 -19.38 9.19
C SER C 52 -24.76 -20.27 9.27
N PRO C 53 -24.78 -21.29 10.13
CA PRO C 53 -23.63 -22.20 10.21
C PRO C 53 -23.35 -22.99 8.93
N GLN C 54 -24.23 -22.92 7.92
CA GLN C 54 -24.10 -23.78 6.74
C GLN C 54 -22.81 -23.55 5.98
N TYR C 55 -22.25 -22.37 6.07
CA TYR C 55 -20.95 -22.10 5.46
C TYR C 55 -19.87 -22.13 6.54
N PRO C 56 -19.06 -23.19 6.62
CA PRO C 56 -18.08 -23.29 7.70
C PRO C 56 -16.73 -22.68 7.39
N HIS C 57 -16.52 -22.17 6.17
CA HIS C 57 -15.19 -21.84 5.68
C HIS C 57 -14.90 -20.35 5.69
N ASP C 58 -15.36 -19.61 6.70
CA ASP C 58 -14.99 -18.20 6.84
C ASP C 58 -13.47 -18.04 6.70
N GLY C 59 -13.06 -17.13 5.82
CA GLY C 59 -11.67 -16.85 5.60
C GLY C 59 -11.12 -17.28 4.25
N ARG C 60 -11.88 -18.06 3.49
CA ARG C 60 -11.36 -18.61 2.25
C ARG C 60 -11.93 -17.94 0.99
N ASP C 61 -13.11 -17.31 1.07
CA ASP C 61 -13.87 -16.85 -0.10
C ASP C 61 -13.92 -15.33 -0.21
N ASP C 62 -13.55 -14.82 -1.40
CA ASP C 62 -13.56 -13.38 -1.66
C ASP C 62 -14.95 -12.75 -1.56
N ARG C 63 -16.00 -13.54 -1.55
CA ARG C 63 -17.35 -13.01 -1.43
C ARG C 63 -17.81 -12.86 0.01
N GLU C 64 -17.02 -13.29 0.98
CA GLU C 64 -17.34 -12.94 2.35
C GLU C 64 -17.16 -11.44 2.54
N VAL C 65 -17.97 -10.87 3.43
CA VAL C 65 -17.74 -9.52 3.93
C VAL C 65 -17.61 -8.56 2.72
N TRP C 66 -18.40 -8.81 1.68
CA TRP C 66 -18.29 -8.09 0.43
C TRP C 66 -18.47 -6.59 0.69
N PRO C 67 -17.70 -5.75 -0.01
CA PRO C 67 -16.60 -6.10 -0.91
C PRO C 67 -15.23 -6.08 -0.27
N LEU C 68 -15.14 -6.38 1.03
CA LEU C 68 -13.99 -5.89 1.76
C LEU C 68 -12.70 -6.57 1.41
N ARG C 69 -12.74 -7.73 0.74
CA ARG C 69 -11.47 -8.37 0.38
C ARG C 69 -10.83 -7.73 -0.85
N PHE C 70 -11.50 -6.80 -1.51
CA PHE C 70 -10.97 -6.09 -2.66
C PHE C 70 -10.78 -4.61 -2.42
N PHE C 71 -11.74 -3.97 -1.75
CA PHE C 71 -11.70 -2.54 -1.52
C PHE C 71 -12.39 -2.23 -0.20
N ASN C 72 -11.76 -1.45 0.66
CA ASN C 72 -12.46 -0.97 1.84
C ASN C 72 -12.91 0.49 1.70
N ARG C 73 -12.80 1.07 0.49
CA ARG C 73 -13.23 2.44 0.28
C ARG C 73 -13.89 2.61 -1.07
N THR C 74 -15.01 3.35 -1.10
CA THR C 74 -15.92 3.42 -2.24
C THR C 74 -16.41 4.85 -2.40
N CYS C 75 -17.09 5.13 -3.52
CA CYS C 75 -17.80 6.40 -3.71
C CYS C 75 -19.20 6.28 -3.17
N HIS C 76 -19.60 7.24 -2.33
CA HIS C 76 -20.99 7.40 -1.90
C HIS C 76 -21.53 8.71 -2.46
N CYS C 77 -22.36 8.60 -3.49
CA CYS C 77 -22.90 9.78 -4.13
C CYS C 77 -23.92 10.48 -3.23
N ASN C 78 -23.88 11.81 -3.27
CA ASN C 78 -24.71 12.65 -2.43
C ASN C 78 -26.02 12.95 -3.15
N GLY C 79 -27.08 13.11 -2.36
CA GLY C 79 -28.36 13.50 -2.91
C GLY C 79 -28.93 12.42 -3.80
N ASN C 80 -29.33 12.82 -5.00
CA ASN C 80 -29.95 11.89 -5.95
C ASN C 80 -29.03 11.62 -7.14
N PHE C 81 -27.72 11.66 -6.89
CA PHE C 81 -26.69 11.24 -7.81
C PHE C 81 -26.25 9.80 -7.50
N SER C 82 -25.64 9.17 -8.51
CA SER C 82 -25.24 7.76 -8.43
C SER C 82 -24.20 7.46 -9.49
N GLY C 83 -23.72 6.21 -9.48
CA GLY C 83 -22.62 5.78 -10.31
C GLY C 83 -21.40 5.40 -9.51
N HIS C 84 -20.47 4.72 -10.19
CA HIS C 84 -19.22 4.33 -9.54
C HIS C 84 -18.40 5.55 -9.15
N ASN C 85 -18.44 6.60 -9.98
CA ASN C 85 -17.82 7.89 -9.70
C ASN C 85 -18.86 8.98 -9.58
N CYS C 86 -20.11 8.60 -9.28
CA CYS C 86 -21.20 9.54 -9.05
C CYS C 86 -21.60 10.31 -10.30
N GLY C 87 -21.24 9.84 -11.48
CA GLY C 87 -21.47 10.57 -12.72
C GLY C 87 -22.85 10.48 -13.35
N THR C 88 -23.77 9.71 -12.77
CA THR C 88 -25.10 9.55 -13.33
C THR C 88 -26.10 9.78 -12.19
N CYS C 89 -27.31 9.24 -12.32
CA CYS C 89 -28.38 9.52 -11.37
C CYS C 89 -28.91 8.23 -10.77
N ARG C 90 -29.41 8.32 -9.55
CA ARG C 90 -30.11 7.19 -8.95
C ARG C 90 -31.34 6.83 -9.80
N PRO C 91 -31.85 5.60 -9.68
CA PRO C 91 -32.91 5.17 -10.61
C PRO C 91 -34.18 5.98 -10.36
N GLY C 92 -34.77 6.47 -11.45
CA GLY C 92 -35.91 7.35 -11.38
C GLY C 92 -35.58 8.82 -11.53
N TRP C 93 -34.37 9.16 -11.93
CA TRP C 93 -33.95 10.54 -12.03
C TRP C 93 -33.02 10.71 -13.22
N ARG C 94 -33.08 11.89 -13.85
CA ARG C 94 -32.13 12.29 -14.87
C ARG C 94 -31.95 13.81 -14.81
N GLY C 95 -31.15 14.33 -15.72
CA GLY C 95 -30.85 15.75 -15.65
C GLY C 95 -29.52 16.00 -15.00
N ALA C 96 -28.81 17.02 -15.50
CA ALA C 96 -27.47 17.33 -15.00
C ALA C 96 -27.44 17.38 -13.48
N ALA C 97 -28.51 17.86 -12.84
CA ALA C 97 -28.58 17.92 -11.38
C ALA C 97 -29.44 16.83 -10.78
N CYS C 98 -29.79 15.81 -11.58
CA CYS C 98 -30.64 14.70 -11.15
C CYS C 98 -31.87 15.22 -10.39
N ASP C 99 -32.52 16.20 -11.01
CA ASP C 99 -33.72 16.86 -10.51
C ASP C 99 -34.97 16.56 -11.34
N GLN C 100 -34.83 15.93 -12.50
CA GLN C 100 -35.95 15.49 -13.32
C GLN C 100 -36.29 14.05 -12.96
N ARG C 101 -37.54 13.80 -12.57
CA ARG C 101 -37.97 12.45 -12.30
C ARG C 101 -38.37 11.73 -13.59
N VAL C 102 -38.41 10.39 -13.52
CA VAL C 102 -38.92 9.54 -14.59
C VAL C 102 -39.66 8.35 -14.01
N LEU C 103 -40.41 7.69 -14.88
CA LEU C 103 -40.99 6.39 -14.57
C LEU C 103 -41.06 5.62 -15.89
N ILE C 104 -40.14 4.66 -16.07
CA ILE C 104 -40.21 3.73 -17.21
C ILE C 104 -41.18 2.60 -16.90
N VAL C 105 -41.64 1.91 -17.94
CA VAL C 105 -42.62 0.85 -17.72
C VAL C 105 -42.22 -0.42 -18.44
N ARG C 106 -42.20 -1.50 -17.66
CA ARG C 106 -41.95 -2.84 -18.13
C ARG C 106 -43.30 -3.47 -18.43
N ARG C 107 -43.57 -3.68 -19.71
CA ARG C 107 -44.84 -4.24 -20.16
C ARG C 107 -44.65 -5.69 -20.60
N ASN C 108 -45.76 -6.37 -20.81
CA ASN C 108 -45.74 -7.73 -21.34
C ASN C 108 -45.12 -7.74 -22.74
N LEU C 109 -44.12 -8.59 -22.92
CA LEU C 109 -43.38 -8.63 -24.18
C LEU C 109 -44.29 -8.92 -25.37
N LEU C 110 -45.39 -9.62 -25.15
CA LEU C 110 -46.34 -9.93 -26.21
C LEU C 110 -47.30 -8.78 -26.50
N ASP C 111 -47.43 -7.82 -25.59
CA ASP C 111 -48.28 -6.65 -25.83
C ASP C 111 -47.58 -5.58 -26.66
N LEU C 112 -46.27 -5.66 -26.83
CA LEU C 112 -45.53 -4.66 -27.59
C LEU C 112 -45.82 -4.80 -29.07
N SER C 113 -45.59 -3.72 -29.81
CA SER C 113 -45.82 -3.65 -31.25
C SER C 113 -44.71 -4.35 -32.02
N LYS C 114 -44.99 -4.60 -33.30
CA LYS C 114 -44.01 -5.26 -34.16
C LYS C 114 -42.65 -4.56 -34.09
N GLU C 115 -42.64 -3.22 -33.99
CA GLU C 115 -41.40 -2.45 -34.01
C GLU C 115 -40.77 -2.35 -32.64
N GLU C 116 -41.58 -2.37 -31.59
CA GLU C 116 -41.01 -2.45 -30.25
C GLU C 116 -40.39 -3.81 -30.00
N LYS C 117 -41.01 -4.87 -30.53
CA LYS C 117 -40.50 -6.22 -30.30
C LYS C 117 -39.15 -6.42 -30.99
N ASN C 118 -39.03 -5.95 -32.23
CA ASN C 118 -37.76 -6.12 -32.94
C ASN C 118 -36.67 -5.25 -32.34
N HIS C 119 -37.04 -4.05 -31.87
CA HIS C 119 -36.09 -3.18 -31.17
C HIS C 119 -35.51 -3.87 -29.96
N PHE C 120 -36.38 -4.48 -29.13
CA PHE C 120 -35.88 -5.19 -27.96
C PHE C 120 -34.86 -6.23 -28.35
N VAL C 121 -35.21 -7.08 -29.32
CA VAL C 121 -34.34 -8.19 -29.70
C VAL C 121 -33.00 -7.66 -30.16
N ARG C 122 -33.04 -6.65 -31.04
CA ARG C 122 -31.80 -6.06 -31.53
C ARG C 122 -31.04 -5.37 -30.39
N ALA C 123 -31.76 -4.86 -29.39
CA ALA C 123 -31.09 -4.27 -28.24
C ALA C 123 -30.32 -5.33 -27.45
N LEU C 124 -31.01 -6.42 -27.05
CA LEU C 124 -30.35 -7.54 -26.39
C LEU C 124 -29.14 -8.02 -27.19
N ASP C 125 -29.34 -8.30 -28.49
CA ASP C 125 -28.23 -8.74 -29.34
C ASP C 125 -27.08 -7.74 -29.31
N MET C 126 -27.38 -6.45 -29.39
CA MET C 126 -26.34 -5.42 -29.33
C MET C 126 -25.58 -5.47 -28.02
N ALA C 127 -26.31 -5.64 -26.90
CA ALA C 127 -25.64 -5.75 -25.60
C ALA C 127 -24.73 -6.97 -25.56
N LYS C 128 -25.11 -8.04 -26.27
CA LYS C 128 -24.28 -9.24 -26.29
C LYS C 128 -22.91 -8.97 -26.92
N ARG C 129 -22.86 -8.13 -27.95
CA ARG C 129 -21.61 -7.98 -28.70
C ARG C 129 -20.80 -6.73 -28.36
N THR C 130 -21.41 -5.72 -27.73
CA THR C 130 -20.73 -4.46 -27.39
C THR C 130 -19.98 -4.61 -26.06
N THR C 131 -18.67 -4.34 -26.07
CA THR C 131 -17.90 -4.33 -24.83
C THR C 131 -18.54 -3.41 -23.78
N HIS C 132 -18.54 -3.86 -22.53
CA HIS C 132 -19.09 -3.04 -21.46
C HIS C 132 -18.23 -1.80 -21.24
N PRO C 133 -18.81 -0.60 -21.26
CA PRO C 133 -18.00 0.62 -21.06
C PRO C 133 -17.32 0.68 -19.71
N LEU C 134 -17.89 0.07 -18.70
CA LEU C 134 -17.59 0.41 -17.33
C LEU C 134 -16.89 -0.70 -16.55
N PHE C 135 -17.43 -1.91 -16.56
CA PHE C 135 -16.91 -2.96 -15.71
C PHE C 135 -16.04 -3.93 -16.50
N VAL C 136 -15.10 -4.53 -15.77
CA VAL C 136 -14.24 -5.60 -16.23
C VAL C 136 -14.27 -6.68 -15.17
N ILE C 137 -14.12 -7.95 -15.59
CA ILE C 137 -14.37 -9.09 -14.71
C ILE C 137 -13.05 -9.74 -14.35
N ALA C 138 -12.97 -10.22 -13.11
CA ALA C 138 -11.78 -10.90 -12.67
C ALA C 138 -11.82 -12.33 -13.16
N THR C 139 -10.66 -12.80 -13.63
CA THR C 139 -10.47 -14.16 -14.09
C THR C 139 -9.79 -15.05 -13.05
N ARG C 140 -9.10 -14.48 -12.07
CA ARG C 140 -8.49 -15.26 -11.01
C ARG C 140 -9.04 -14.77 -9.69
N ARG C 141 -8.86 -15.58 -8.65
CA ARG C 141 -9.25 -15.16 -7.32
C ARG C 141 -8.22 -14.17 -6.76
N SER C 142 -8.59 -13.53 -5.66
CA SER C 142 -7.80 -12.39 -5.16
C SER C 142 -6.35 -12.78 -4.86
N GLU C 143 -6.10 -14.04 -4.49
CA GLU C 143 -4.72 -14.50 -4.30
C GLU C 143 -3.88 -14.29 -5.56
N GLU C 144 -4.49 -14.47 -6.73
CA GLU C 144 -3.75 -14.39 -7.98
C GLU C 144 -4.22 -13.23 -8.85
N ILE C 145 -4.90 -12.25 -8.23
CA ILE C 145 -5.57 -11.21 -9.01
C ILE C 145 -4.56 -10.35 -9.76
N LEU C 146 -3.32 -10.31 -9.29
CA LEU C 146 -2.27 -9.55 -9.95
C LEU C 146 -1.32 -10.46 -10.71
N GLY C 147 -1.57 -11.78 -10.68
CA GLY C 147 -1.02 -12.72 -11.62
C GLY C 147 0.44 -13.08 -11.43
N PRO C 148 1.11 -13.36 -12.57
CA PRO C 148 2.50 -13.85 -12.56
C PRO C 148 3.42 -12.98 -11.73
N ASP C 149 3.85 -11.87 -12.32
CA ASP C 149 4.88 -10.98 -11.77
C ASP C 149 4.34 -10.06 -10.70
N GLY C 150 3.15 -10.33 -10.17
CA GLY C 150 2.54 -9.42 -9.22
C GLY C 150 2.39 -7.99 -9.72
N ASN C 151 2.17 -7.81 -11.02
CA ASN C 151 2.09 -6.46 -11.60
C ASN C 151 1.30 -6.47 -12.91
N THR C 152 0.42 -7.45 -13.10
CA THR C 152 -0.45 -7.50 -14.28
C THR C 152 -1.85 -7.94 -13.86
N PRO C 153 -2.81 -7.01 -13.79
CA PRO C 153 -4.12 -7.31 -13.21
C PRO C 153 -4.91 -8.27 -14.09
N GLN C 154 -5.40 -9.35 -13.47
CA GLN C 154 -6.04 -10.45 -14.17
C GLN C 154 -7.52 -10.17 -14.45
N PHE C 155 -7.77 -9.14 -15.25
CA PHE C 155 -9.12 -8.78 -15.64
C PHE C 155 -9.22 -8.80 -17.16
N GLU C 156 -10.46 -8.97 -17.66
CA GLU C 156 -10.77 -8.94 -19.06
C GLU C 156 -12.01 -8.06 -19.29
N ASN C 157 -12.04 -7.37 -20.44
CA ASN C 157 -13.31 -6.76 -20.79
C ASN C 157 -14.31 -7.83 -21.15
N ILE C 158 -15.58 -7.43 -21.14
CA ILE C 158 -16.64 -8.39 -21.38
C ILE C 158 -17.85 -7.59 -21.82
N SER C 159 -18.65 -8.17 -22.69
CA SER C 159 -19.78 -7.43 -23.21
C SER C 159 -20.74 -7.06 -22.08
N ILE C 160 -21.67 -6.17 -22.41
CA ILE C 160 -22.66 -5.77 -21.43
C ILE C 160 -23.45 -6.99 -20.97
N TYR C 161 -24.03 -7.75 -21.92
CA TYR C 161 -24.84 -8.90 -21.53
C TYR C 161 -24.01 -9.97 -20.85
N ASN C 162 -22.81 -10.24 -21.34
CA ASN C 162 -22.01 -11.25 -20.65
C ASN C 162 -21.66 -10.82 -19.22
N TYR C 163 -21.57 -9.51 -18.95
CA TYR C 163 -21.47 -9.05 -17.57
C TYR C 163 -22.68 -9.51 -16.77
N PHE C 164 -23.87 -9.29 -17.33
CA PHE C 164 -25.10 -9.82 -16.76
C PHE C 164 -24.93 -11.29 -16.38
N VAL C 165 -24.36 -12.07 -17.30
CA VAL C 165 -24.17 -13.50 -17.04
C VAL C 165 -23.13 -13.72 -15.94
N TRP C 166 -22.00 -13.05 -16.04
CA TRP C 166 -20.89 -13.31 -15.13
C TRP C 166 -21.25 -13.03 -13.66
N THR C 167 -22.00 -11.93 -13.38
CA THR C 167 -22.33 -11.62 -11.99
C THR C 167 -23.21 -12.71 -11.37
N HIS C 168 -24.15 -13.26 -12.13
CA HIS C 168 -24.95 -14.38 -11.66
C HIS C 168 -24.05 -15.57 -11.31
N TYR C 169 -23.19 -15.98 -12.25
CA TYR C 169 -22.28 -17.11 -12.03
C TYR C 169 -21.44 -16.91 -10.76
N TYR C 170 -20.77 -15.77 -10.67
CA TYR C 170 -19.90 -15.50 -9.53
C TYR C 170 -20.66 -15.55 -8.21
N SER C 171 -21.96 -15.27 -8.22
CA SER C 171 -22.73 -15.34 -6.97
C SER C 171 -23.12 -16.75 -6.59
N VAL C 172 -23.04 -17.73 -7.50
CA VAL C 172 -23.42 -19.10 -7.20
C VAL C 172 -22.23 -20.05 -7.21
N LYS C 173 -21.11 -19.66 -7.79
CA LYS C 173 -19.91 -20.49 -7.86
C LYS C 173 -19.60 -21.11 -6.50
N LYS C 174 -19.03 -22.31 -6.55
CA LYS C 174 -18.60 -23.02 -5.35
C LYS C 174 -17.32 -22.39 -4.78
N THR C 175 -17.17 -22.47 -3.47
CA THR C 175 -15.97 -21.94 -2.81
C THR C 175 -14.77 -22.82 -3.16
N PHE C 176 -13.71 -22.22 -3.71
CA PHE C 176 -12.50 -23.00 -3.99
C PHE C 176 -11.78 -23.29 -2.68
N LEU C 177 -11.39 -24.54 -2.47
CA LEU C 177 -10.68 -24.93 -1.26
C LEU C 177 -9.28 -25.45 -1.58
N GLY C 178 -8.72 -25.10 -2.73
CA GLY C 178 -7.41 -25.58 -3.09
C GLY C 178 -7.39 -26.78 -4.04
N VAL C 179 -6.45 -26.73 -5.00
CA VAL C 179 -6.18 -27.79 -5.97
C VAL C 179 -6.19 -29.15 -5.29
N GLY C 180 -7.01 -30.06 -5.80
CA GLY C 180 -7.13 -31.39 -5.22
C GLY C 180 -8.15 -31.51 -4.11
N GLN C 181 -8.65 -30.40 -3.57
CA GLN C 181 -9.71 -30.47 -2.58
C GLN C 181 -11.05 -30.22 -3.28
N GLU C 182 -12.11 -30.73 -2.67
CA GLU C 182 -13.42 -30.67 -3.32
C GLU C 182 -14.06 -29.32 -3.00
N SER C 183 -14.38 -28.56 -4.06
CA SER C 183 -14.99 -27.25 -3.88
C SER C 183 -16.30 -27.37 -3.10
N PHE C 184 -16.62 -26.31 -2.36
CA PHE C 184 -17.73 -26.30 -1.43
C PHE C 184 -18.95 -25.69 -2.10
N GLY C 185 -20.08 -26.39 -2.01
CA GLY C 185 -21.23 -26.02 -2.80
C GLY C 185 -22.42 -25.51 -2.01
N GLU C 186 -22.50 -25.82 -0.72
CA GLU C 186 -23.61 -25.36 0.12
C GLU C 186 -23.45 -23.87 0.39
N VAL C 187 -23.24 -23.10 -0.66
CA VAL C 187 -23.21 -21.65 -0.59
C VAL C 187 -23.81 -21.12 -1.88
N ASP C 188 -24.50 -19.97 -1.77
CA ASP C 188 -25.02 -19.25 -2.92
C ASP C 188 -25.56 -17.89 -2.47
N PHE C 189 -24.97 -16.84 -3.02
CA PHE C 189 -25.25 -15.47 -2.58
C PHE C 189 -26.43 -14.86 -3.31
N SER C 190 -27.13 -15.62 -4.14
CA SER C 190 -28.24 -15.05 -4.85
C SER C 190 -29.47 -15.93 -4.92
N HIS C 191 -29.45 -17.12 -4.32
CA HIS C 191 -30.58 -18.03 -4.35
C HIS C 191 -30.77 -18.67 -2.99
N GLU C 192 -31.90 -19.35 -2.85
CA GLU C 192 -32.13 -20.19 -1.68
C GLU C 192 -31.96 -19.39 -0.41
N GLY C 193 -32.42 -18.14 -0.44
CA GLY C 193 -32.46 -17.29 0.72
C GLY C 193 -33.10 -15.94 0.42
N PRO C 194 -33.25 -15.12 1.47
CA PRO C 194 -34.04 -13.87 1.32
C PRO C 194 -33.55 -12.94 0.24
N ALA C 195 -32.28 -13.01 -0.16
CA ALA C 195 -31.71 -12.10 -1.16
C ALA C 195 -32.00 -12.54 -2.60
N PHE C 196 -32.64 -13.69 -2.79
CA PHE C 196 -33.06 -14.13 -4.12
C PHE C 196 -33.67 -12.99 -4.95
N LEU C 197 -34.69 -12.33 -4.39
CA LEU C 197 -35.45 -11.35 -5.14
C LEU C 197 -34.69 -10.02 -5.25
N THR C 198 -34.11 -9.55 -4.12
CA THR C 198 -33.39 -8.29 -4.18
C THR C 198 -32.18 -8.40 -5.10
N TRP C 199 -31.41 -9.49 -4.98
CA TRP C 199 -30.27 -9.69 -5.86
C TRP C 199 -30.70 -9.66 -7.31
N HIS C 200 -31.81 -10.31 -7.64
CA HIS C 200 -32.19 -10.33 -9.03
C HIS C 200 -32.81 -9.01 -9.47
N ARG C 201 -33.47 -8.29 -8.57
CA ARG C 201 -34.01 -6.99 -8.92
C ARG C 201 -32.90 -5.99 -9.26
N TYR C 202 -31.77 -6.04 -8.56
CA TYR C 202 -30.69 -5.15 -8.95
C TYR C 202 -29.99 -5.64 -10.20
N HIS C 203 -29.88 -6.98 -10.34
CA HIS C 203 -29.37 -7.58 -11.56
C HIS C 203 -30.07 -7.00 -12.80
N LEU C 204 -31.42 -6.98 -12.77
CA LEU C 204 -32.17 -6.41 -13.87
C LEU C 204 -31.95 -4.91 -13.94
N LEU C 205 -31.88 -4.26 -12.78
CA LEU C 205 -31.69 -2.82 -12.77
C LEU C 205 -30.39 -2.44 -13.45
N ARG C 206 -29.32 -3.19 -13.18
CA ARG C 206 -28.00 -2.94 -13.76
C ARG C 206 -28.00 -3.15 -15.28
N LEU C 207 -28.67 -4.19 -15.76
CA LEU C 207 -28.69 -4.44 -17.20
C LEU C 207 -29.49 -3.38 -17.92
N GLU C 208 -30.61 -2.95 -17.33
CA GLU C 208 -31.42 -1.93 -17.96
C GLU C 208 -30.63 -0.64 -18.08
N LYS C 209 -30.06 -0.17 -16.97
CA LYS C 209 -29.24 1.02 -17.06
C LYS C 209 -28.18 0.84 -18.14
N ASP C 210 -27.59 -0.35 -18.21
CA ASP C 210 -26.50 -0.56 -19.14
C ASP C 210 -26.96 -0.46 -20.59
N MET C 211 -28.19 -0.89 -20.88
CA MET C 211 -28.71 -0.81 -22.23
C MET C 211 -29.29 0.57 -22.53
N GLN C 212 -29.70 1.30 -21.49
CA GLN C 212 -30.12 2.67 -21.68
C GLN C 212 -28.95 3.54 -22.09
N GLU C 213 -27.82 3.45 -21.38
CA GLU C 213 -26.65 4.18 -21.86
C GLU C 213 -26.12 3.58 -23.15
N MET C 214 -26.44 2.32 -23.44
CA MET C 214 -25.96 1.70 -24.67
C MET C 214 -26.71 2.25 -25.88
N LEU C 215 -28.03 2.14 -25.87
CA LEU C 215 -28.88 2.76 -26.87
C LEU C 215 -28.90 4.27 -26.79
N GLN C 216 -28.40 4.83 -25.68
CA GLN C 216 -28.58 6.24 -25.30
C GLN C 216 -30.06 6.64 -25.43
N GLU C 217 -30.91 5.81 -24.85
CA GLU C 217 -32.36 5.99 -24.86
C GLU C 217 -32.79 5.77 -23.42
N PRO C 218 -32.98 6.83 -22.62
CA PRO C 218 -33.33 6.64 -21.21
C PRO C 218 -34.72 6.09 -21.00
N SER C 219 -35.54 5.99 -22.05
CA SER C 219 -36.88 5.43 -21.96
C SER C 219 -36.91 3.90 -22.09
N PHE C 220 -35.75 3.26 -22.22
CA PHE C 220 -35.72 1.84 -22.53
C PHE C 220 -36.08 1.02 -21.31
N SER C 221 -36.94 0.03 -21.51
CA SER C 221 -37.41 -0.82 -20.42
C SER C 221 -37.22 -2.29 -20.79
N LEU C 222 -36.93 -3.09 -19.78
CA LEU C 222 -36.98 -4.54 -19.94
C LEU C 222 -38.42 -4.98 -19.87
N PRO C 223 -38.96 -5.63 -20.90
CA PRO C 223 -40.29 -6.25 -20.79
C PRO C 223 -40.22 -7.55 -19.99
N TYR C 224 -41.39 -8.08 -19.67
CA TYR C 224 -41.44 -9.30 -18.89
C TYR C 224 -42.04 -10.43 -19.70
N TRP C 225 -41.99 -11.64 -19.12
CA TRP C 225 -42.58 -12.84 -19.69
C TRP C 225 -43.53 -13.44 -18.67
N ASN C 226 -44.84 -13.39 -18.97
CA ASN C 226 -45.81 -14.08 -18.11
C ASN C 226 -45.69 -15.57 -18.36
N PHE C 227 -44.95 -16.25 -17.50
CA PHE C 227 -44.87 -17.69 -17.63
C PHE C 227 -45.95 -18.40 -16.83
N ALA C 228 -46.81 -17.65 -16.15
CA ALA C 228 -47.90 -18.23 -15.35
C ALA C 228 -49.17 -18.36 -16.19
N THR C 229 -49.07 -19.20 -17.20
CA THR C 229 -50.18 -19.50 -18.08
C THR C 229 -50.60 -20.96 -18.04
N GLY C 230 -49.71 -21.87 -17.66
CA GLY C 230 -50.01 -23.27 -17.65
C GLY C 230 -49.76 -23.99 -18.95
N LYS C 231 -49.15 -23.32 -19.94
CA LYS C 231 -49.02 -23.89 -21.27
C LYS C 231 -48.04 -25.07 -21.32
N ASN C 232 -48.31 -25.96 -22.28
CA ASN C 232 -47.43 -27.02 -22.75
C ASN C 232 -46.19 -26.48 -23.45
N VAL C 233 -46.08 -25.16 -23.65
CA VAL C 233 -45.15 -24.60 -24.62
C VAL C 233 -44.76 -23.18 -24.18
N CYS C 234 -43.60 -22.75 -24.62
CA CYS C 234 -43.09 -21.42 -24.31
C CYS C 234 -43.56 -20.45 -25.38
N ASP C 235 -44.44 -19.51 -25.00
CA ASP C 235 -45.16 -18.66 -25.95
C ASP C 235 -44.36 -17.46 -26.42
N ILE C 236 -43.22 -17.14 -25.81
CA ILE C 236 -42.31 -16.18 -26.40
C ILE C 236 -41.14 -16.87 -27.10
N CYS C 237 -41.25 -18.18 -27.35
CA CYS C 237 -40.25 -18.94 -28.09
C CYS C 237 -40.62 -18.90 -29.57
N THR C 238 -40.36 -17.75 -30.15
CA THR C 238 -40.81 -17.36 -31.48
C THR C 238 -39.66 -16.63 -32.14
N ASP C 239 -39.56 -16.67 -33.46
CA ASP C 239 -38.36 -16.01 -33.98
C ASP C 239 -38.50 -14.50 -34.22
N ASP C 240 -39.57 -13.86 -33.71
CA ASP C 240 -39.50 -12.42 -33.46
C ASP C 240 -39.17 -12.10 -31.99
N LEU C 241 -38.81 -13.13 -31.18
CA LEU C 241 -38.84 -13.05 -29.72
C LEU C 241 -38.06 -14.26 -29.16
N MET C 242 -36.82 -14.06 -28.74
CA MET C 242 -36.12 -15.15 -28.03
C MET C 242 -35.86 -16.42 -28.84
N GLY C 243 -36.52 -16.59 -29.98
CA GLY C 243 -36.25 -17.77 -30.79
C GLY C 243 -37.16 -18.97 -30.55
N SER C 244 -37.61 -19.58 -31.64
CA SER C 244 -38.33 -20.84 -31.64
C SER C 244 -37.34 -21.96 -31.95
N ARG C 245 -37.86 -23.18 -31.96
CA ARG C 245 -37.01 -24.36 -31.98
C ARG C 245 -36.40 -24.61 -33.36
N SER C 246 -35.13 -24.97 -33.36
CA SER C 246 -34.45 -25.29 -34.61
C SER C 246 -35.02 -26.57 -35.18
N ASN C 247 -35.40 -26.54 -36.45
CA ASN C 247 -35.81 -27.76 -37.14
C ASN C 247 -34.66 -28.70 -37.41
N PHE C 248 -33.41 -28.24 -37.25
CA PHE C 248 -32.23 -29.06 -37.44
C PHE C 248 -31.72 -29.71 -36.16
N ASP C 249 -32.16 -29.23 -34.99
CA ASP C 249 -31.71 -29.80 -33.72
C ASP C 249 -32.74 -29.37 -32.67
N SER C 250 -33.50 -30.32 -32.16
CA SER C 250 -34.61 -29.95 -31.29
C SER C 250 -34.19 -29.28 -29.99
N THR C 251 -32.90 -29.29 -29.63
CA THR C 251 -32.42 -28.64 -28.41
C THR C 251 -31.71 -27.32 -28.69
N LEU C 252 -31.63 -26.88 -29.95
CA LEU C 252 -31.05 -25.61 -30.35
C LEU C 252 -32.11 -24.62 -30.79
N ILE C 253 -31.72 -23.34 -30.81
CA ILE C 253 -32.58 -22.25 -31.22
C ILE C 253 -32.49 -22.12 -32.74
N SER C 254 -33.61 -21.75 -33.33
CA SER C 254 -33.71 -21.66 -34.78
C SER C 254 -32.62 -20.76 -35.35
N PRO C 255 -32.06 -21.08 -36.51
CA PRO C 255 -31.08 -20.17 -37.14
C PRO C 255 -31.68 -18.83 -37.54
N ASN C 256 -33.01 -18.75 -37.65
CA ASN C 256 -33.69 -17.51 -38.00
C ASN C 256 -33.78 -16.54 -36.83
N SER C 257 -33.22 -16.89 -35.66
CA SER C 257 -33.17 -16.00 -34.50
C SER C 257 -31.72 -15.66 -34.16
N VAL C 258 -31.45 -14.37 -33.91
CA VAL C 258 -30.09 -13.93 -33.58
C VAL C 258 -29.53 -14.70 -32.40
N PHE C 259 -30.39 -15.23 -31.53
CA PHE C 259 -29.88 -15.94 -30.37
C PHE C 259 -29.31 -17.30 -30.74
N SER C 260 -29.60 -17.79 -31.96
CA SER C 260 -28.90 -18.98 -32.43
C SER C 260 -27.41 -18.70 -32.63
N GLN C 261 -27.05 -17.42 -32.79
CA GLN C 261 -25.66 -17.03 -32.95
C GLN C 261 -24.93 -16.88 -31.62
N TRP C 262 -25.66 -16.61 -30.54
CA TRP C 262 -25.02 -16.43 -29.24
C TRP C 262 -24.20 -17.66 -28.86
N ARG C 263 -23.08 -17.43 -28.18
CA ARG C 263 -22.28 -18.50 -27.59
C ARG C 263 -21.99 -18.15 -26.14
N VAL C 264 -22.21 -19.13 -25.25
CA VAL C 264 -22.35 -18.91 -23.81
C VAL C 264 -21.00 -18.73 -23.12
N VAL C 265 -21.00 -18.26 -21.86
CA VAL C 265 -19.78 -18.11 -21.08
C VAL C 265 -20.01 -18.70 -19.69
N CYS C 266 -18.90 -19.09 -19.06
CA CYS C 266 -18.87 -19.73 -17.73
C CYS C 266 -19.34 -21.17 -17.77
N ASP C 267 -19.15 -21.86 -18.89
CA ASP C 267 -19.55 -23.26 -19.01
C ASP C 267 -18.40 -24.23 -18.76
N SER C 268 -17.46 -23.88 -17.89
CA SER C 268 -16.27 -24.70 -17.66
C SER C 268 -16.07 -24.93 -16.18
N LEU C 269 -17.12 -25.45 -15.54
CA LEU C 269 -17.14 -25.58 -14.08
C LEU C 269 -16.04 -26.47 -13.54
N GLU C 270 -15.65 -27.51 -14.27
CA GLU C 270 -14.57 -28.34 -13.74
C GLU C 270 -13.22 -27.63 -13.82
N ASP C 271 -13.05 -26.74 -14.79
CA ASP C 271 -11.87 -25.89 -14.79
C ASP C 271 -11.87 -24.97 -13.58
N TYR C 272 -12.92 -24.15 -13.46
CA TYR C 272 -13.07 -23.21 -12.37
C TYR C 272 -12.88 -23.86 -11.00
N ASP C 273 -13.47 -25.03 -10.79
CA ASP C 273 -13.55 -25.64 -9.46
C ASP C 273 -12.38 -26.58 -9.14
N THR C 274 -11.58 -26.95 -10.13
CA THR C 274 -10.38 -27.71 -9.85
C THR C 274 -9.11 -26.87 -9.91
N LEU C 275 -9.06 -25.86 -10.79
CA LEU C 275 -7.89 -25.01 -10.97
C LEU C 275 -7.92 -23.73 -10.14
N GLY C 276 -9.05 -23.38 -9.54
CA GLY C 276 -9.17 -22.10 -8.84
C GLY C 276 -9.31 -20.90 -9.73
N THR C 277 -9.71 -21.09 -10.98
CA THR C 277 -9.92 -19.95 -11.85
C THR C 277 -11.36 -19.49 -11.76
N LEU C 278 -11.68 -18.43 -12.50
CA LEU C 278 -13.05 -17.96 -12.64
C LEU C 278 -13.42 -17.96 -14.11
N CYS C 279 -14.72 -17.94 -14.36
CA CYS C 279 -15.23 -17.70 -15.70
C CYS C 279 -14.52 -16.52 -16.33
N ASN C 280 -14.09 -16.66 -17.58
CA ASN C 280 -13.54 -15.53 -18.31
C ASN C 280 -14.41 -15.21 -19.52
N SER C 281 -13.93 -14.28 -20.33
CA SER C 281 -14.79 -13.67 -21.33
C SER C 281 -14.88 -14.45 -22.62
N THR C 282 -14.19 -15.59 -22.78
CA THR C 282 -14.20 -16.30 -24.07
C THR C 282 -15.41 -17.23 -24.12
N GLU C 283 -16.24 -17.04 -25.15
CA GLU C 283 -17.48 -17.76 -25.28
C GLU C 283 -17.21 -19.19 -25.72
N ASP C 284 -18.18 -20.08 -25.50
CA ASP C 284 -17.96 -21.50 -25.85
C ASP C 284 -19.13 -22.09 -26.59
N GLY C 285 -19.89 -22.96 -25.92
CA GLY C 285 -20.97 -23.69 -26.55
C GLY C 285 -22.09 -22.80 -27.09
N PRO C 286 -23.15 -23.41 -27.61
CA PRO C 286 -24.33 -22.61 -27.98
C PRO C 286 -25.44 -22.73 -26.93
N ILE C 287 -26.43 -21.86 -27.02
CA ILE C 287 -27.57 -21.91 -26.11
C ILE C 287 -28.37 -23.16 -26.39
N ARG C 288 -28.49 -24.02 -25.37
CA ARG C 288 -29.39 -25.15 -25.43
C ARG C 288 -30.73 -24.77 -24.80
N ARG C 289 -31.82 -25.05 -25.53
CA ARG C 289 -33.16 -24.90 -24.97
C ARG C 289 -34.08 -25.94 -25.61
N ASN C 290 -34.94 -26.53 -24.80
CA ASN C 290 -35.79 -27.65 -25.22
C ASN C 290 -37.07 -27.61 -24.40
N PRO C 291 -37.90 -26.59 -24.60
CA PRO C 291 -39.00 -26.33 -23.66
C PRO C 291 -39.96 -27.51 -23.60
N ALA C 292 -40.40 -27.81 -22.38
CA ALA C 292 -41.15 -29.02 -22.03
C ALA C 292 -40.41 -30.30 -22.36
N GLY C 293 -39.15 -30.21 -22.78
CA GLY C 293 -38.40 -31.36 -23.21
C GLY C 293 -37.88 -32.29 -22.13
N ASN C 294 -38.21 -32.09 -20.85
CA ASN C 294 -37.62 -32.95 -19.82
C ASN C 294 -38.57 -34.11 -19.56
N VAL C 295 -38.51 -35.11 -20.44
CA VAL C 295 -39.42 -36.25 -20.35
C VAL C 295 -39.22 -36.97 -19.03
N ALA C 296 -37.96 -37.10 -18.60
CA ALA C 296 -37.63 -37.83 -17.38
C ALA C 296 -38.29 -37.25 -16.15
N ARG C 297 -38.93 -36.09 -16.27
CA ARG C 297 -39.42 -35.33 -15.12
C ARG C 297 -40.69 -34.60 -15.52
N PRO C 298 -41.82 -35.32 -15.60
CA PRO C 298 -43.04 -34.71 -16.16
C PRO C 298 -43.55 -33.51 -15.40
N MET C 299 -43.19 -33.28 -14.15
CA MET C 299 -43.75 -32.13 -13.47
C MET C 299 -43.17 -30.81 -14.00
N VAL C 300 -42.01 -30.85 -14.64
CA VAL C 300 -41.42 -29.64 -15.20
C VAL C 300 -41.67 -29.55 -16.71
N GLN C 301 -42.74 -30.18 -17.18
CA GLN C 301 -43.09 -30.08 -18.59
C GLN C 301 -44.26 -29.15 -18.83
N ARG C 302 -44.69 -28.43 -17.80
CA ARG C 302 -45.81 -27.50 -17.92
C ARG C 302 -45.53 -26.32 -17.01
N LEU C 303 -45.76 -25.10 -17.53
CA LEU C 303 -45.44 -23.86 -16.83
C LEU C 303 -46.42 -23.60 -15.69
N PRO C 304 -46.13 -22.67 -14.79
CA PRO C 304 -47.02 -22.47 -13.63
C PRO C 304 -48.40 -22.04 -14.06
N GLU C 305 -49.41 -22.54 -13.36
CA GLU C 305 -50.75 -22.13 -13.72
C GLU C 305 -51.07 -20.79 -13.10
N PRO C 306 -51.94 -19.99 -13.74
CA PRO C 306 -52.19 -18.62 -13.26
C PRO C 306 -52.65 -18.50 -11.80
N GLN C 307 -53.31 -19.53 -11.23
CA GLN C 307 -53.70 -19.45 -9.82
C GLN C 307 -52.49 -19.41 -8.88
N ASP C 308 -51.37 -20.05 -9.27
CA ASP C 308 -50.18 -20.08 -8.42
C ASP C 308 -49.71 -18.68 -8.02
N VAL C 309 -49.61 -17.77 -9.00
CA VAL C 309 -49.31 -16.37 -8.69
C VAL C 309 -50.30 -15.84 -7.66
N ALA C 310 -51.59 -15.97 -7.95
CA ALA C 310 -52.59 -15.47 -7.02
C ALA C 310 -52.45 -16.12 -5.65
N GLN C 311 -52.12 -17.42 -5.60
CA GLN C 311 -51.99 -18.09 -4.31
C GLN C 311 -50.73 -17.66 -3.59
N CYS C 312 -49.62 -17.48 -4.33
CA CYS C 312 -48.38 -17.13 -3.67
C CYS C 312 -48.36 -15.67 -3.19
N LEU C 313 -49.17 -14.78 -3.77
CA LEU C 313 -49.28 -13.42 -3.24
C LEU C 313 -50.16 -13.33 -2.01
N GLU C 314 -50.70 -14.44 -1.53
CA GLU C 314 -51.41 -14.47 -0.25
C GLU C 314 -50.50 -14.84 0.92
N VAL C 315 -49.22 -15.15 0.67
CA VAL C 315 -48.28 -15.44 1.76
C VAL C 315 -47.85 -14.12 2.37
N GLY C 316 -48.33 -13.83 3.59
CA GLY C 316 -48.10 -12.53 4.19
C GLY C 316 -46.68 -12.27 4.66
N LEU C 317 -45.91 -13.33 4.96
CA LEU C 317 -44.57 -13.20 5.52
C LEU C 317 -43.52 -13.30 4.43
N PHE C 318 -42.75 -12.22 4.23
CA PHE C 318 -41.75 -12.22 3.17
C PHE C 318 -40.88 -13.45 3.25
N ASP C 319 -40.40 -13.77 4.44
CA ASP C 319 -39.57 -14.95 4.62
C ASP C 319 -39.70 -15.46 6.04
N THR C 320 -39.30 -16.71 6.25
CA THR C 320 -39.40 -17.39 7.54
C THR C 320 -38.10 -18.13 7.80
N PRO C 321 -37.73 -18.30 9.08
CA PRO C 321 -36.57 -19.14 9.38
C PRO C 321 -36.78 -20.53 8.80
N PRO C 322 -35.70 -21.19 8.39
CA PRO C 322 -34.32 -20.70 8.56
C PRO C 322 -33.85 -19.77 7.46
N PHE C 323 -34.78 -19.24 6.64
CA PHE C 323 -34.48 -18.33 5.53
C PHE C 323 -33.65 -19.02 4.46
N TYR C 324 -34.13 -20.18 4.04
CA TYR C 324 -33.41 -21.05 3.12
C TYR C 324 -34.44 -21.68 2.19
N SER C 325 -33.96 -22.50 1.25
CA SER C 325 -34.87 -23.21 0.36
C SER C 325 -35.85 -24.09 1.11
N ASN C 326 -35.57 -24.36 2.38
CA ASN C 326 -36.30 -25.18 3.35
C ASN C 326 -37.49 -24.44 3.96
N SER C 327 -37.62 -23.14 3.65
CA SER C 327 -38.47 -22.26 4.44
C SER C 327 -39.93 -22.41 4.06
N THR C 328 -40.78 -22.63 5.07
CA THR C 328 -42.21 -22.81 4.88
C THR C 328 -42.95 -21.52 5.21
N ASN C 329 -44.10 -21.33 4.55
CA ASN C 329 -44.91 -20.12 4.71
C ASN C 329 -44.09 -18.86 4.46
N SER C 330 -43.08 -18.95 3.59
CA SER C 330 -42.23 -17.83 3.24
C SER C 330 -42.55 -17.41 1.81
N PHE C 331 -42.95 -16.15 1.64
CA PHE C 331 -43.23 -15.64 0.30
C PHE C 331 -42.03 -15.85 -0.62
N ARG C 332 -40.86 -15.34 -0.20
CA ARG C 332 -39.67 -15.44 -1.02
C ARG C 332 -39.41 -16.89 -1.45
N ASN C 333 -39.58 -17.85 -0.54
CA ASN C 333 -39.37 -19.24 -0.92
C ASN C 333 -40.45 -19.74 -1.88
N THR C 334 -41.68 -19.28 -1.71
CA THR C 334 -42.76 -19.68 -2.60
C THR C 334 -42.57 -19.12 -3.99
N VAL C 335 -42.18 -17.86 -4.10
CA VAL C 335 -42.05 -17.28 -5.44
C VAL C 335 -40.75 -17.72 -6.07
N GLU C 336 -39.68 -17.96 -5.29
CA GLU C 336 -38.49 -18.54 -5.90
C GLU C 336 -38.79 -19.92 -6.48
N GLY C 337 -39.61 -20.70 -5.77
CA GLY C 337 -40.17 -21.90 -6.34
C GLY C 337 -39.82 -23.19 -5.64
N PHE C 338 -39.49 -23.12 -4.33
CA PHE C 338 -39.13 -24.32 -3.57
C PHE C 338 -40.27 -24.85 -2.72
N SER C 339 -41.39 -24.16 -2.66
CA SER C 339 -42.59 -24.66 -1.98
C SER C 339 -43.83 -24.45 -2.84
N ASP C 340 -44.79 -25.36 -2.66
CA ASP C 340 -46.19 -25.27 -3.04
C ASP C 340 -46.62 -23.79 -3.11
N PRO C 341 -47.38 -23.39 -4.14
CA PRO C 341 -47.76 -21.98 -4.27
C PRO C 341 -48.59 -21.45 -3.10
N THR C 342 -48.92 -22.32 -2.14
CA THR C 342 -49.58 -21.90 -0.92
C THR C 342 -48.59 -21.43 0.14
N GLY C 343 -47.34 -21.86 0.06
CA GLY C 343 -46.37 -21.62 1.11
C GLY C 343 -45.93 -22.85 1.87
N LYS C 344 -46.41 -24.05 1.48
CA LYS C 344 -46.05 -25.30 2.13
C LYS C 344 -44.79 -25.85 1.46
N TYR C 345 -43.66 -25.81 2.17
CA TYR C 345 -42.47 -26.45 1.63
C TYR C 345 -42.71 -27.94 1.49
N ASP C 346 -42.40 -28.47 0.31
CA ASP C 346 -42.40 -29.88 0.11
C ASP C 346 -41.18 -30.15 -0.77
N PRO C 347 -40.33 -31.12 -0.41
CA PRO C 347 -39.05 -31.28 -1.12
C PRO C 347 -39.22 -31.59 -2.60
N ALA C 348 -40.32 -32.18 -3.00
CA ALA C 348 -40.44 -32.65 -4.39
C ALA C 348 -40.91 -31.56 -5.34
N VAL C 349 -41.40 -30.44 -4.82
CA VAL C 349 -42.02 -29.41 -5.64
C VAL C 349 -40.96 -28.51 -6.23
N SER C 350 -41.19 -28.03 -7.44
CA SER C 350 -40.54 -26.84 -7.93
C SER C 350 -41.59 -26.09 -8.74
N SER C 351 -41.98 -24.90 -8.26
CA SER C 351 -43.02 -24.12 -8.92
C SER C 351 -42.49 -22.72 -9.26
N LEU C 352 -43.41 -21.83 -9.67
CA LEU C 352 -43.13 -20.46 -10.09
C LEU C 352 -41.74 -20.27 -10.70
N HIS C 353 -40.96 -19.31 -10.19
CA HIS C 353 -39.66 -19.00 -10.80
C HIS C 353 -38.83 -20.25 -11.12
N ASN C 354 -38.79 -21.22 -10.21
CA ASN C 354 -37.97 -22.40 -10.42
C ASN C 354 -38.55 -23.27 -11.52
N LEU C 355 -39.85 -23.49 -11.49
CA LEU C 355 -40.45 -24.32 -12.54
C LEU C 355 -40.25 -23.68 -13.91
N ALA C 356 -40.23 -22.35 -13.98
CA ALA C 356 -39.99 -21.70 -15.27
C ALA C 356 -38.61 -22.03 -15.82
N HIS C 357 -37.59 -22.03 -14.95
CA HIS C 357 -36.25 -22.39 -15.40
C HIS C 357 -36.19 -23.83 -15.89
N LEU C 358 -36.64 -24.77 -15.04
CA LEU C 358 -36.54 -26.19 -15.40
C LEU C 358 -37.32 -26.48 -16.67
N PHE C 359 -38.54 -25.94 -16.76
CA PHE C 359 -39.37 -26.06 -17.95
C PHE C 359 -38.56 -25.99 -19.24
N LEU C 360 -37.55 -25.12 -19.25
CA LEU C 360 -36.80 -24.88 -20.47
C LEU C 360 -35.87 -26.03 -20.84
N ASN C 361 -35.53 -26.90 -19.89
CA ASN C 361 -34.74 -28.11 -20.14
C ASN C 361 -33.57 -27.80 -21.07
N GLY C 362 -32.74 -26.85 -20.64
CA GLY C 362 -31.61 -26.39 -21.42
C GLY C 362 -30.67 -25.49 -20.64
N THR C 363 -29.98 -24.59 -21.35
CA THR C 363 -29.04 -23.71 -20.67
C THR C 363 -29.74 -22.82 -19.67
N GLY C 364 -31.02 -22.53 -19.88
CA GLY C 364 -31.71 -21.64 -18.96
C GLY C 364 -32.17 -22.25 -17.68
N GLY C 365 -31.80 -23.49 -17.38
CA GLY C 365 -32.24 -24.07 -16.13
C GLY C 365 -31.06 -24.45 -15.25
N GLN C 366 -29.89 -23.91 -15.55
CA GLN C 366 -28.66 -24.29 -14.88
C GLN C 366 -28.09 -23.06 -14.19
N VAL C 367 -28.17 -23.04 -12.85
CA VAL C 367 -27.98 -21.83 -12.07
C VAL C 367 -26.68 -21.12 -12.44
N HIS C 368 -25.64 -21.88 -12.80
CA HIS C 368 -24.37 -21.27 -13.12
C HIS C 368 -24.34 -20.65 -14.51
N LEU C 369 -25.21 -21.08 -15.44
CA LEU C 369 -25.24 -20.55 -16.80
C LEU C 369 -26.50 -19.79 -17.18
N SER C 370 -27.59 -19.93 -16.42
CA SER C 370 -28.93 -19.62 -16.92
C SER C 370 -29.09 -18.24 -17.58
N PRO C 371 -28.43 -17.16 -17.13
CA PRO C 371 -28.54 -15.90 -17.87
C PRO C 371 -28.07 -15.97 -19.33
N ASN C 372 -27.34 -17.00 -19.72
CA ASN C 372 -26.96 -17.13 -21.12
C ASN C 372 -28.18 -17.21 -22.03
N ASP C 373 -29.27 -17.79 -21.53
CA ASP C 373 -30.51 -17.89 -22.29
C ASP C 373 -31.32 -16.63 -22.00
N PRO C 374 -31.48 -15.72 -22.97
CA PRO C 374 -32.09 -14.41 -22.65
C PRO C 374 -33.49 -14.49 -22.07
N ILE C 375 -34.18 -15.63 -22.22
CA ILE C 375 -35.44 -15.87 -21.49
C ILE C 375 -35.28 -15.43 -20.04
N PHE C 376 -34.06 -15.57 -19.50
CA PHE C 376 -33.79 -15.17 -18.12
C PHE C 376 -34.34 -13.79 -17.80
N VAL C 377 -33.90 -12.78 -18.57
CA VAL C 377 -34.32 -11.41 -18.34
C VAL C 377 -35.82 -11.33 -18.12
N LEU C 378 -36.58 -11.76 -19.12
CA LEU C 378 -38.04 -11.69 -19.07
C LEU C 378 -38.60 -12.56 -17.97
N LEU C 379 -38.03 -13.77 -17.82
CA LEU C 379 -38.39 -14.62 -16.69
C LEU C 379 -38.22 -13.86 -15.38
N HIS C 380 -37.20 -13.04 -15.27
CA HIS C 380 -36.99 -12.43 -13.96
C HIS C 380 -37.68 -11.10 -13.80
N THR C 381 -37.91 -10.37 -14.90
CA THR C 381 -38.82 -9.23 -14.80
C THR C 381 -40.15 -9.69 -14.24
N PHE C 382 -40.71 -10.77 -14.79
CA PHE C 382 -41.96 -11.27 -14.24
C PHE C 382 -41.78 -11.66 -12.77
N THR C 383 -40.72 -12.39 -12.46
CA THR C 383 -40.47 -12.70 -11.05
C THR C 383 -40.36 -11.43 -10.23
N ASP C 384 -39.74 -10.38 -10.80
CA ASP C 384 -39.65 -9.13 -10.07
C ASP C 384 -41.01 -8.48 -9.98
N ALA C 385 -41.87 -8.71 -10.98
CA ALA C 385 -43.20 -8.11 -10.95
C ALA C 385 -44.04 -8.68 -9.81
N VAL C 386 -43.90 -9.99 -9.55
CA VAL C 386 -44.54 -10.57 -8.37
C VAL C 386 -43.95 -9.99 -7.09
N PHE C 387 -42.63 -9.78 -7.07
CA PHE C 387 -42.01 -9.15 -5.91
C PHE C 387 -42.64 -7.79 -5.66
N ASP C 388 -42.68 -6.95 -6.70
CA ASP C 388 -43.15 -5.57 -6.54
C ASP C 388 -44.62 -5.51 -6.17
N GLU C 389 -45.45 -6.34 -6.78
CA GLU C 389 -46.84 -6.40 -6.37
C GLU C 389 -46.97 -6.84 -4.92
N TRP C 390 -46.14 -7.80 -4.48
CA TRP C 390 -46.13 -8.16 -3.08
C TRP C 390 -45.80 -6.94 -2.22
N LEU C 391 -44.78 -6.18 -2.63
CA LEU C 391 -44.36 -5.04 -1.85
C LEU C 391 -45.48 -4.00 -1.72
N ARG C 392 -46.19 -3.72 -2.82
CA ARG C 392 -47.28 -2.74 -2.77
C ARG C 392 -48.36 -3.19 -1.80
N ARG C 393 -48.72 -4.46 -1.90
CA ARG C 393 -49.81 -5.04 -1.13
C ARG C 393 -49.56 -5.02 0.37
N TYR C 394 -48.28 -5.08 0.79
CA TYR C 394 -47.91 -5.18 2.20
C TYR C 394 -47.04 -4.03 2.67
N ASN C 395 -47.18 -2.85 2.05
CA ASN C 395 -46.37 -1.67 2.34
C ASN C 395 -44.96 -2.04 2.73
N ALA C 396 -44.29 -2.85 1.90
CA ALA C 396 -42.86 -3.14 2.03
C ALA C 396 -42.47 -3.53 3.46
N ASP C 397 -43.19 -4.49 4.02
CA ASP C 397 -42.97 -4.88 5.42
C ASP C 397 -41.68 -5.67 5.52
N ILE C 398 -40.59 -4.98 5.89
CA ILE C 398 -39.27 -5.62 5.87
C ILE C 398 -38.98 -6.45 7.12
N SER C 399 -39.93 -6.55 8.06
CA SER C 399 -39.59 -7.06 9.39
C SER C 399 -39.11 -8.50 9.37
N THR C 400 -39.51 -9.30 8.38
CA THR C 400 -39.12 -10.71 8.35
C THR C 400 -37.84 -10.95 7.58
N PHE C 401 -37.28 -9.92 6.97
CA PHE C 401 -36.05 -10.02 6.21
C PHE C 401 -34.91 -10.02 7.22
N PRO C 402 -34.22 -11.14 7.43
CA PRO C 402 -33.34 -11.24 8.58
C PRO C 402 -32.12 -10.35 8.44
N LEU C 403 -31.66 -9.83 9.59
CA LEU C 403 -30.38 -9.14 9.73
C LEU C 403 -29.26 -10.06 10.17
N GLU C 404 -29.56 -11.25 10.68
CA GLU C 404 -28.48 -12.18 11.03
C GLU C 404 -28.96 -13.61 10.82
N ASN C 405 -28.00 -14.52 10.77
CA ASN C 405 -28.20 -15.96 10.67
C ASN C 405 -28.86 -16.39 9.37
N ALA C 406 -28.94 -15.48 8.38
CA ALA C 406 -29.33 -15.87 7.05
C ALA C 406 -28.18 -16.64 6.39
N PRO C 407 -28.45 -17.33 5.28
CA PRO C 407 -27.34 -17.80 4.45
C PRO C 407 -26.39 -16.64 4.18
N ILE C 408 -25.09 -16.90 4.24
CA ILE C 408 -24.14 -15.85 3.93
C ILE C 408 -24.54 -15.21 2.61
N GLY C 409 -24.44 -13.90 2.53
CA GLY C 409 -24.88 -13.16 1.37
C GLY C 409 -26.32 -12.69 1.42
N HIS C 410 -27.12 -13.20 2.34
CA HIS C 410 -28.54 -12.89 2.39
C HIS C 410 -28.95 -12.07 3.59
N ASN C 411 -28.06 -11.85 4.56
CA ASN C 411 -28.38 -10.91 5.63
C ASN C 411 -28.83 -9.60 5.02
N ARG C 412 -29.79 -8.97 5.69
CA ARG C 412 -30.47 -7.82 5.13
C ARG C 412 -29.48 -6.73 4.72
N GLN C 413 -28.45 -6.52 5.53
CA GLN C 413 -27.52 -5.42 5.31
C GLN C 413 -26.25 -5.88 4.62
N TYR C 414 -26.29 -7.04 3.96
CA TYR C 414 -25.15 -7.58 3.24
C TYR C 414 -25.03 -6.87 1.90
N ASN C 415 -23.82 -6.44 1.55
CA ASN C 415 -23.56 -5.94 0.22
C ASN C 415 -23.77 -7.09 -0.77
N MET C 416 -24.81 -6.99 -1.61
CA MET C 416 -25.14 -8.06 -2.55
C MET C 416 -23.95 -8.37 -3.47
N VAL C 417 -23.55 -9.64 -3.53
CA VAL C 417 -22.34 -10.06 -4.29
C VAL C 417 -22.62 -10.34 -5.78
N PRO C 418 -21.84 -9.73 -6.71
CA PRO C 418 -20.67 -8.86 -6.66
C PRO C 418 -20.93 -7.49 -7.28
N PHE C 419 -22.02 -6.82 -6.91
CA PHE C 419 -22.34 -5.57 -7.57
C PHE C 419 -21.50 -4.44 -7.02
N TRP C 420 -21.23 -3.46 -7.86
CA TRP C 420 -20.48 -2.29 -7.48
C TRP C 420 -21.18 -1.04 -8.04
N PRO C 421 -21.16 0.08 -7.28
CA PRO C 421 -20.68 0.20 -5.89
C PRO C 421 -21.64 -0.54 -4.94
N PRO C 422 -21.25 -0.78 -3.68
CA PRO C 422 -22.00 -1.72 -2.85
C PRO C 422 -23.47 -1.35 -2.72
N VAL C 423 -24.32 -2.35 -2.82
CA VAL C 423 -25.77 -2.20 -2.68
C VAL C 423 -26.27 -3.26 -1.71
N THR C 424 -26.91 -2.84 -0.62
CA THR C 424 -27.52 -3.80 0.28
C THR C 424 -28.86 -4.29 -0.27
N ASN C 425 -29.32 -5.42 0.30
CA ASN C 425 -30.66 -5.92 0.01
C ASN C 425 -31.72 -4.89 0.41
N THR C 426 -31.51 -4.18 1.53
CA THR C 426 -32.45 -3.17 1.97
C THR C 426 -32.74 -2.16 0.87
N GLU C 427 -31.71 -1.72 0.16
CA GLU C 427 -31.94 -0.65 -0.83
C GLU C 427 -32.95 -1.08 -1.88
N MET C 428 -33.10 -2.38 -2.15
CA MET C 428 -34.04 -2.82 -3.17
C MET C 428 -35.37 -3.26 -2.57
N PHE C 429 -35.47 -3.29 -1.25
CA PHE C 429 -36.71 -3.72 -0.62
C PHE C 429 -37.65 -2.52 -0.51
N VAL C 430 -38.04 -2.01 -1.69
CA VAL C 430 -38.85 -0.80 -1.82
C VAL C 430 -39.72 -0.97 -3.05
N THR C 431 -40.85 -0.25 -3.10
CA THR C 431 -41.70 -0.29 -4.29
C THR C 431 -41.02 0.38 -5.47
N ALA C 432 -41.06 -0.29 -6.61
CA ALA C 432 -40.30 0.21 -7.77
C ALA C 432 -40.77 1.59 -8.22
N PRO C 433 -42.07 1.86 -8.44
CA PRO C 433 -42.44 3.16 -9.06
C PRO C 433 -42.03 4.35 -8.21
N ASP C 434 -42.19 4.25 -6.90
CA ASP C 434 -41.86 5.36 -6.01
C ASP C 434 -40.37 5.61 -5.94
N ASN C 435 -39.58 4.54 -5.93
CA ASN C 435 -38.19 4.64 -5.51
C ASN C 435 -37.20 4.26 -6.58
N LEU C 436 -37.54 3.34 -7.47
CA LEU C 436 -36.58 2.84 -8.44
C LEU C 436 -36.88 3.24 -9.88
N GLY C 437 -37.94 4.00 -10.11
CA GLY C 437 -38.13 4.59 -11.42
C GLY C 437 -38.78 3.70 -12.45
N TYR C 438 -39.36 2.56 -12.05
CA TYR C 438 -40.05 1.70 -12.99
C TYR C 438 -41.30 1.10 -12.33
N THR C 439 -42.29 0.78 -13.17
CA THR C 439 -43.50 0.07 -12.76
C THR C 439 -43.80 -0.99 -13.81
N TYR C 440 -44.75 -1.87 -13.52
CA TYR C 440 -45.17 -2.93 -14.43
C TYR C 440 -46.59 -2.66 -14.88
N GLU C 441 -46.82 -2.65 -16.19
CA GLU C 441 -48.18 -2.75 -16.70
C GLU C 441 -48.59 -4.19 -16.54
N ILE C 442 -49.43 -4.45 -15.55
CA ILE C 442 -49.69 -5.80 -15.08
C ILE C 442 -51.05 -5.79 -14.40
N GLN C 443 -51.84 -6.82 -14.67
CA GLN C 443 -53.09 -7.06 -13.97
C GLN C 443 -53.06 -8.45 -13.35
N TRP C 444 -53.47 -8.54 -12.01
CA TRP C 444 -53.24 -9.75 -11.24
C TRP C 444 -54.50 -10.62 -11.13
N PRO C 445 -54.34 -11.94 -11.15
CA PRO C 445 -55.50 -12.83 -11.12
C PRO C 445 -56.27 -12.75 -9.80
N SER C 446 -57.59 -12.91 -9.90
CA SER C 446 -58.50 -12.98 -8.75
C SER C 446 -59.95 -13.06 -9.23
N GLN D 1 -15.64 14.48 21.67
CA GLN D 1 -16.13 13.43 22.57
C GLN D 1 -17.61 13.16 22.29
N PHE D 2 -18.15 12.34 23.02
CA PHE D 2 -19.24 11.72 22.29
C PHE D 2 -20.60 12.25 22.74
N PRO D 3 -21.58 12.24 21.83
CA PRO D 3 -22.95 12.55 22.22
C PRO D 3 -23.40 11.64 23.36
N ARG D 4 -24.10 12.22 24.33
CA ARG D 4 -24.56 11.43 25.47
C ARG D 4 -25.38 10.22 25.02
N GLN D 5 -26.13 10.36 23.94
CA GLN D 5 -26.92 9.23 23.47
C GLN D 5 -26.07 8.11 22.91
N CYS D 6 -24.74 8.27 22.96
CA CYS D 6 -23.79 7.24 22.55
C CYS D 6 -22.90 6.79 23.71
N ALA D 7 -22.94 7.50 24.83
CA ALA D 7 -22.14 7.11 25.95
C ALA D 7 -22.88 6.04 26.75
N THR D 8 -23.66 5.20 26.06
CA THR D 8 -24.37 4.09 26.65
C THR D 8 -23.60 2.80 26.45
N VAL D 9 -23.91 1.80 27.27
CA VAL D 9 -23.28 0.50 27.00
C VAL D 9 -23.80 -0.09 25.67
N GLU D 10 -25.07 0.11 25.34
CA GLU D 10 -25.60 -0.39 24.06
C GLU D 10 -24.75 0.08 22.89
N ALA D 11 -24.75 1.39 22.65
CA ALA D 11 -24.04 1.93 21.50
C ALA D 11 -22.55 1.58 21.54
N LEU D 12 -21.94 1.57 22.72
CA LEU D 12 -20.52 1.25 22.79
C LEU D 12 -20.24 -0.19 22.34
N ARG D 13 -20.89 -1.18 22.99
CA ARG D 13 -20.62 -2.57 22.64
C ARG D 13 -20.83 -2.82 21.16
N SER D 14 -21.86 -2.20 20.56
CA SER D 14 -22.01 -2.25 19.11
C SER D 14 -20.97 -1.42 18.38
N GLY D 15 -20.26 -0.53 19.07
CA GLY D 15 -19.42 0.45 18.39
C GLY D 15 -20.15 1.27 17.36
N MET D 16 -21.43 1.58 17.62
CA MET D 16 -22.27 2.34 16.70
C MET D 16 -22.75 3.62 17.40
N CYS D 17 -22.31 4.76 16.90
CA CYS D 17 -22.76 6.06 17.39
C CYS D 17 -23.53 6.70 16.24
N CYS D 18 -24.77 6.24 16.06
CA CYS D 18 -25.72 6.79 15.08
C CYS D 18 -26.99 7.07 15.87
N PRO D 19 -27.07 8.24 16.50
CA PRO D 19 -28.23 8.55 17.36
C PRO D 19 -29.49 8.82 16.56
N ASP D 20 -30.63 8.72 17.25
CA ASP D 20 -31.89 9.03 16.60
C ASP D 20 -32.02 10.54 16.39
N LEU D 21 -32.87 10.93 15.44
CA LEU D 21 -33.22 12.33 15.26
C LEU D 21 -34.68 12.56 15.71
N SER D 22 -35.65 12.18 14.86
CA SER D 22 -37.08 12.21 15.20
C SER D 22 -37.61 10.78 15.10
N PRO D 23 -37.55 10.03 16.19
CA PRO D 23 -38.07 8.65 16.15
C PRO D 23 -39.58 8.59 16.31
N VAL D 24 -40.29 8.60 15.17
CA VAL D 24 -41.75 8.54 15.14
C VAL D 24 -42.32 7.14 15.27
N SER D 25 -41.46 6.10 15.24
CA SER D 25 -41.90 4.71 15.30
C SER D 25 -41.15 3.93 16.37
N GLY D 26 -40.55 4.62 17.34
CA GLY D 26 -39.79 3.99 18.40
C GLY D 26 -38.29 4.16 18.19
N PRO D 27 -37.49 3.62 19.12
CA PRO D 27 -36.02 3.74 19.00
C PRO D 27 -35.47 3.13 17.70
N GLY D 28 -34.35 3.68 17.23
CA GLY D 28 -33.65 3.18 16.07
C GLY D 28 -34.29 3.52 14.72
N THR D 29 -35.51 4.04 14.72
CA THR D 29 -36.19 4.22 13.45
C THR D 29 -35.65 5.42 12.66
N ASP D 30 -35.11 6.42 13.35
CA ASP D 30 -34.56 7.58 12.65
C ASP D 30 -33.09 7.78 13.03
N ARG D 31 -32.29 6.72 12.91
CA ARG D 31 -30.85 6.90 13.08
C ARG D 31 -30.32 7.89 12.05
N CYS D 32 -29.64 8.93 12.52
CA CYS D 32 -29.01 9.95 11.69
C CYS D 32 -30.01 10.69 10.82
N GLY D 33 -31.28 10.71 11.22
CA GLY D 33 -32.32 11.28 10.38
C GLY D 33 -32.45 10.61 9.02
N SER D 34 -32.39 9.27 8.99
CA SER D 34 -32.63 8.54 7.75
C SER D 34 -34.07 8.66 7.29
N SER D 35 -35.02 8.74 8.23
CA SER D 35 -36.44 8.87 7.90
C SER D 35 -36.82 10.26 7.42
N SER D 36 -35.97 11.26 7.66
CA SER D 36 -35.95 12.49 6.88
C SER D 36 -34.86 12.35 5.82
N GLY D 37 -34.71 13.35 4.97
CA GLY D 37 -33.72 13.22 3.92
C GLY D 37 -32.31 13.50 4.39
N ARG D 38 -32.10 13.45 5.71
CA ARG D 38 -30.99 14.19 6.30
C ARG D 38 -29.68 13.40 6.40
N GLY D 39 -29.72 12.10 6.65
CA GLY D 39 -28.46 11.38 6.69
C GLY D 39 -28.62 9.89 6.89
N ARG D 40 -27.51 9.27 7.27
CA ARG D 40 -27.36 7.84 7.09
C ARG D 40 -26.27 7.35 8.03
N CYS D 41 -26.46 6.16 8.59
CA CYS D 41 -25.51 5.50 9.47
C CYS D 41 -24.57 4.61 8.67
N GLU D 42 -23.27 4.88 8.73
CA GLU D 42 -22.32 4.21 7.85
C GLU D 42 -20.96 4.08 8.56
N ALA D 43 -20.04 3.36 7.91
CA ALA D 43 -18.72 3.14 8.49
C ALA D 43 -17.94 4.44 8.62
N VAL D 44 -17.08 4.50 9.63
CA VAL D 44 -16.25 5.70 9.80
C VAL D 44 -15.04 5.61 8.88
N THR D 45 -14.79 6.67 8.11
CA THR D 45 -13.54 6.75 7.34
C THR D 45 -12.42 7.15 8.28
N ALA D 46 -11.59 6.21 8.70
CA ALA D 46 -10.40 6.59 9.45
C ALA D 46 -9.15 6.49 8.57
N ASP D 47 -8.10 7.17 9.01
CA ASP D 47 -6.85 7.21 8.25
C ASP D 47 -6.03 5.96 8.58
N SER D 48 -5.51 5.32 7.53
CA SER D 48 -4.76 4.08 7.64
C SER D 48 -3.26 4.25 7.44
N ARG D 49 -2.86 5.26 6.67
CA ARG D 49 -1.51 5.69 6.31
C ARG D 49 -0.51 5.60 7.46
N PRO D 50 0.78 5.44 7.17
CA PRO D 50 1.77 5.33 8.23
C PRO D 50 2.15 6.71 8.76
N HIS D 51 2.48 6.77 10.04
CA HIS D 51 2.86 8.03 10.67
C HIS D 51 4.38 8.11 10.82
N SER D 52 4.82 9.19 11.46
CA SER D 52 6.22 9.37 11.79
C SER D 52 6.65 8.30 12.79
N PRO D 53 7.90 7.84 12.73
CA PRO D 53 8.35 6.79 13.65
C PRO D 53 8.66 7.30 15.04
N GLN D 54 8.47 8.60 15.28
CA GLN D 54 8.61 9.16 16.61
C GLN D 54 7.78 8.38 17.63
N TYR D 55 6.67 7.79 17.19
CA TYR D 55 5.72 7.11 18.06
C TYR D 55 5.86 5.61 17.89
N PRO D 56 6.33 4.89 18.90
CA PRO D 56 6.59 3.45 18.72
C PRO D 56 5.56 2.58 19.38
N HIS D 57 4.38 3.10 19.71
CA HIS D 57 3.46 2.39 20.58
C HIS D 57 2.15 2.05 19.88
N ASP D 58 2.20 1.80 18.56
CA ASP D 58 1.02 1.38 17.82
C ASP D 58 0.25 0.31 18.60
N GLY D 59 -1.02 0.60 18.87
CA GLY D 59 -1.87 -0.31 19.61
C GLY D 59 -2.02 -0.04 21.10
N ARG D 60 -1.48 1.06 21.62
CA ARG D 60 -1.51 1.32 23.05
C ARG D 60 -2.37 2.51 23.45
N ASP D 61 -2.80 3.34 22.50
CA ASP D 61 -3.46 4.62 22.78
C ASP D 61 -4.76 4.75 22.02
N ASP D 62 -5.86 5.00 22.76
CA ASP D 62 -7.19 5.14 22.16
C ASP D 62 -7.25 6.21 21.08
N ARG D 63 -6.33 7.16 21.05
CA ARG D 63 -6.37 8.20 20.03
C ARG D 63 -5.80 7.75 18.70
N GLU D 64 -5.33 6.51 18.58
CA GLU D 64 -4.86 6.06 17.27
C GLU D 64 -6.05 5.74 16.37
N VAL D 65 -5.83 5.89 15.07
CA VAL D 65 -6.82 5.63 14.05
C VAL D 65 -8.20 6.08 14.53
N TRP D 66 -8.22 7.24 15.20
CA TRP D 66 -9.43 7.87 15.72
C TRP D 66 -10.52 7.95 14.66
N PRO D 67 -11.76 7.58 15.03
CA PRO D 67 -12.18 7.16 16.39
C PRO D 67 -12.41 5.69 16.56
N LEU D 68 -11.54 4.86 15.98
CA LEU D 68 -11.92 3.47 15.76
C LEU D 68 -11.90 2.64 17.02
N ARG D 69 -11.12 3.05 18.02
CA ARG D 69 -11.19 2.27 19.25
C ARG D 69 -12.50 2.47 19.98
N PHE D 70 -13.41 3.28 19.45
CA PHE D 70 -14.68 3.55 20.09
C PHE D 70 -15.89 3.29 19.20
N PHE D 71 -15.87 3.72 17.93
CA PHE D 71 -17.02 3.49 17.05
C PHE D 71 -16.56 3.27 15.61
N ASN D 72 -17.10 2.22 14.94
CA ASN D 72 -16.87 2.06 13.50
C ASN D 72 -18.05 2.50 12.66
N ARG D 73 -19.16 2.93 13.27
CA ARG D 73 -20.30 3.46 12.54
C ARG D 73 -20.64 4.86 13.05
N THR D 74 -20.77 5.81 12.12
CA THR D 74 -21.04 7.22 12.36
C THR D 74 -22.12 7.68 11.40
N CYS D 75 -22.71 8.83 11.68
CA CYS D 75 -23.62 9.43 10.74
C CYS D 75 -22.82 10.21 9.71
N HIS D 76 -23.13 9.97 8.45
CA HIS D 76 -22.72 10.85 7.38
C HIS D 76 -23.96 11.59 6.92
N CYS D 77 -23.87 12.90 6.91
CA CYS D 77 -25.07 13.65 6.70
C CYS D 77 -25.18 14.00 5.23
N ASN D 78 -26.41 13.97 4.76
CA ASN D 78 -26.71 14.21 3.38
C ASN D 78 -26.64 15.72 3.12
N GLY D 79 -26.24 16.07 1.90
CA GLY D 79 -26.33 17.46 1.45
C GLY D 79 -25.60 18.42 2.36
N ASN D 80 -26.20 19.59 2.57
CA ASN D 80 -25.64 20.62 3.43
C ASN D 80 -26.07 20.45 4.89
N PHE D 81 -26.62 19.29 5.24
CA PHE D 81 -26.90 18.96 6.63
C PHE D 81 -25.60 18.60 7.36
N SER D 82 -25.66 18.59 8.69
CA SER D 82 -24.51 18.26 9.50
C SER D 82 -24.97 17.88 10.89
N GLY D 83 -24.06 17.29 11.65
CA GLY D 83 -24.27 17.08 13.07
C GLY D 83 -24.18 15.62 13.44
N HIS D 84 -24.14 15.39 14.76
CA HIS D 84 -23.94 14.05 15.30
C HIS D 84 -25.12 13.14 14.95
N ASN D 85 -26.27 13.72 14.71
CA ASN D 85 -27.42 12.95 14.27
C ASN D 85 -28.05 13.65 13.09
N CYS D 86 -27.23 14.40 12.37
CA CYS D 86 -27.67 15.17 11.19
C CYS D 86 -28.83 16.09 11.52
N GLY D 87 -28.87 16.58 12.77
CA GLY D 87 -29.92 17.43 13.29
C GLY D 87 -29.79 18.91 12.98
N THR D 88 -28.73 19.33 12.30
CA THR D 88 -28.42 20.74 12.12
C THR D 88 -27.80 20.90 10.74
N CYS D 89 -27.01 21.96 10.54
CA CYS D 89 -26.53 22.29 9.22
C CYS D 89 -25.01 22.45 9.22
N ARG D 90 -24.43 22.35 8.02
CA ARG D 90 -23.01 22.57 7.82
C ARG D 90 -22.68 24.03 8.10
N PRO D 91 -21.42 24.33 8.41
CA PRO D 91 -21.04 25.72 8.68
C PRO D 91 -21.34 26.61 7.48
N GLY D 92 -21.94 27.76 7.76
CA GLY D 92 -22.39 28.66 6.72
C GLY D 92 -23.81 28.46 6.25
N TRP D 93 -24.60 27.66 6.96
CA TRP D 93 -25.92 27.27 6.48
C TRP D 93 -26.92 27.14 7.63
N ARG D 94 -28.14 27.63 7.41
CA ARG D 94 -29.23 27.44 8.35
C ARG D 94 -30.51 27.17 7.55
N GLY D 95 -31.62 27.19 8.27
CA GLY D 95 -32.89 26.77 7.73
C GLY D 95 -33.15 25.30 8.04
N ALA D 96 -34.42 24.96 8.17
CA ALA D 96 -34.74 23.55 8.34
C ALA D 96 -34.15 22.73 7.21
N ALA D 97 -33.98 23.32 6.04
CA ALA D 97 -33.45 22.59 4.89
C ALA D 97 -31.98 22.90 4.61
N CYS D 98 -31.31 23.61 5.51
CA CYS D 98 -29.93 24.05 5.29
C CYS D 98 -29.73 24.61 3.89
N ASP D 99 -30.62 25.54 3.51
CA ASP D 99 -30.60 26.15 2.19
C ASP D 99 -30.44 27.66 2.23
N GLN D 100 -30.18 28.22 3.39
CA GLN D 100 -29.93 29.66 3.54
C GLN D 100 -28.54 29.83 4.10
N ARG D 101 -27.84 30.87 3.66
CA ARG D 101 -26.43 31.04 4.00
C ARG D 101 -26.24 32.05 5.13
N VAL D 102 -25.14 31.88 5.89
CA VAL D 102 -24.80 32.81 6.97
C VAL D 102 -23.35 33.20 6.89
N LEU D 103 -23.07 34.48 7.16
CA LEU D 103 -21.71 34.97 7.25
C LEU D 103 -21.62 35.86 8.51
N ILE D 104 -21.08 35.31 9.59
CA ILE D 104 -20.79 36.12 10.76
C ILE D 104 -19.41 36.75 10.60
N VAL D 105 -19.16 37.84 11.33
CA VAL D 105 -17.89 38.56 11.24
C VAL D 105 -17.19 38.51 12.59
N ARG D 106 -15.98 37.94 12.59
CA ARG D 106 -15.11 37.96 13.75
C ARG D 106 -14.28 39.24 13.73
N ARG D 107 -14.38 40.03 14.80
CA ARG D 107 -13.74 41.35 14.84
C ARG D 107 -12.71 41.43 15.98
N ASN D 108 -11.80 42.40 15.86
CA ASN D 108 -10.87 42.70 16.95
C ASN D 108 -11.63 43.04 18.22
N LEU D 109 -11.32 42.34 19.30
CA LEU D 109 -12.08 42.50 20.54
C LEU D 109 -12.14 43.96 20.97
N LEU D 110 -11.03 44.68 20.79
CA LEU D 110 -10.97 46.06 21.24
C LEU D 110 -11.85 47.01 20.44
N ASP D 111 -12.43 46.57 19.33
CA ASP D 111 -13.29 47.43 18.51
C ASP D 111 -14.78 47.33 18.86
N LEU D 112 -15.21 46.33 19.62
CA LEU D 112 -16.64 46.16 19.79
C LEU D 112 -17.17 47.26 20.70
N SER D 113 -18.49 47.38 20.76
CA SER D 113 -19.09 48.41 21.59
C SER D 113 -19.07 47.97 23.06
N LYS D 114 -19.27 48.95 23.94
CA LYS D 114 -19.36 48.67 25.38
C LYS D 114 -20.29 47.49 25.67
N GLU D 115 -21.43 47.40 24.98
CA GLU D 115 -22.39 46.34 25.27
C GLU D 115 -21.98 45.03 24.60
N GLU D 116 -21.48 45.08 23.37
CA GLU D 116 -20.92 43.87 22.78
C GLU D 116 -19.84 43.27 23.67
N LYS D 117 -18.87 44.11 24.12
CA LYS D 117 -17.82 43.66 25.03
C LYS D 117 -18.40 42.96 26.25
N ASN D 118 -19.33 43.63 26.92
CA ASN D 118 -19.96 43.03 28.09
C ASN D 118 -20.72 41.74 27.71
N HIS D 119 -21.39 41.76 26.55
CA HIS D 119 -22.09 40.56 26.07
C HIS D 119 -21.13 39.41 25.78
N PHE D 120 -19.91 39.70 25.34
CA PHE D 120 -18.97 38.61 25.10
C PHE D 120 -18.61 37.94 26.41
N VAL D 121 -18.04 38.71 27.33
CA VAL D 121 -17.56 38.17 28.60
C VAL D 121 -18.70 37.46 29.32
N ARG D 122 -19.85 38.12 29.45
CA ARG D 122 -21.03 37.47 30.04
C ARG D 122 -21.34 36.14 29.34
N ALA D 123 -21.22 36.10 28.00
CA ALA D 123 -21.48 34.86 27.27
C ALA D 123 -20.44 33.80 27.59
N LEU D 124 -19.15 34.18 27.64
CA LEU D 124 -18.11 33.24 28.08
C LEU D 124 -18.42 32.69 29.45
N ASP D 125 -18.79 33.57 30.38
CA ASP D 125 -19.06 33.14 31.74
C ASP D 125 -20.15 32.08 31.76
N MET D 126 -21.27 32.35 31.11
CA MET D 126 -22.34 31.36 30.99
C MET D 126 -21.83 30.04 30.40
N ALA D 127 -20.97 30.12 29.37
CA ALA D 127 -20.40 28.91 28.78
C ALA D 127 -19.63 28.09 29.81
N LYS D 128 -18.90 28.75 30.71
CA LYS D 128 -18.15 28.06 31.76
C LYS D 128 -19.06 27.35 32.74
N ARG D 129 -20.32 27.78 32.84
CA ARG D 129 -21.21 27.40 33.92
C ARG D 129 -22.38 26.55 33.45
N THR D 130 -22.58 26.44 32.14
CA THR D 130 -23.73 25.75 31.54
C THR D 130 -23.31 24.37 31.06
N THR D 131 -24.03 23.34 31.50
CA THR D 131 -23.70 21.99 31.08
C THR D 131 -23.84 21.85 29.56
N HIS D 132 -22.85 21.22 28.93
CA HIS D 132 -22.94 20.99 27.50
C HIS D 132 -24.16 20.12 27.18
N PRO D 133 -25.04 20.55 26.26
CA PRO D 133 -26.26 19.77 26.02
C PRO D 133 -25.98 18.43 25.37
N LEU D 134 -24.87 18.31 24.68
CA LEU D 134 -24.66 17.22 23.75
C LEU D 134 -23.49 16.33 24.12
N PHE D 135 -22.37 16.89 24.58
CA PHE D 135 -21.18 16.09 24.83
C PHE D 135 -21.00 15.76 26.31
N VAL D 136 -20.55 14.53 26.55
CA VAL D 136 -20.08 14.07 27.84
C VAL D 136 -18.61 13.69 27.64
N ILE D 137 -17.86 13.58 28.74
CA ILE D 137 -16.42 13.30 28.62
C ILE D 137 -16.07 12.04 29.39
N ALA D 138 -15.17 11.25 28.80
CA ALA D 138 -14.69 10.00 29.39
C ALA D 138 -13.68 10.29 30.48
N THR D 139 -13.83 9.62 31.61
CA THR D 139 -12.89 9.73 32.70
C THR D 139 -11.87 8.60 32.73
N ARG D 140 -12.15 7.52 32.00
CA ARG D 140 -11.28 6.35 31.92
C ARG D 140 -10.99 6.05 30.44
N ARG D 141 -9.91 5.30 30.20
CA ARG D 141 -9.61 4.91 28.84
C ARG D 141 -10.54 3.78 28.39
N SER D 142 -10.55 3.50 27.08
CA SER D 142 -11.55 2.56 26.55
C SER D 142 -11.42 1.17 27.15
N GLU D 143 -10.23 0.81 27.65
CA GLU D 143 -10.07 -0.41 28.43
C GLU D 143 -11.11 -0.49 29.54
N GLU D 144 -11.17 0.54 30.39
CA GLU D 144 -12.02 0.55 31.58
C GLU D 144 -13.28 1.40 31.40
N ILE D 145 -13.70 1.67 30.18
CA ILE D 145 -14.68 2.74 30.00
C ILE D 145 -16.11 2.27 30.21
N LEU D 146 -16.31 1.05 30.69
CA LEU D 146 -17.62 0.65 31.16
C LEU D 146 -17.58 0.22 32.63
N GLY D 147 -16.80 0.93 33.46
CA GLY D 147 -16.75 0.70 34.89
C GLY D 147 -16.28 -0.70 35.21
N PRO D 148 -16.16 -1.05 36.50
CA PRO D 148 -15.84 -2.45 36.81
C PRO D 148 -16.95 -3.39 36.36
N ASP D 149 -18.21 -2.96 36.50
CA ASP D 149 -19.34 -3.83 36.25
C ASP D 149 -19.76 -3.86 34.80
N GLY D 150 -18.81 -3.77 33.86
CA GLY D 150 -19.08 -3.74 32.44
C GLY D 150 -20.35 -3.04 31.98
N ASN D 151 -20.97 -2.24 32.86
CA ASN D 151 -22.31 -1.72 32.61
C ASN D 151 -22.51 -0.29 33.15
N THR D 152 -21.46 0.37 33.66
CA THR D 152 -21.59 1.75 34.13
C THR D 152 -20.62 2.63 33.35
N PRO D 153 -21.06 3.18 32.21
CA PRO D 153 -20.18 4.01 31.38
C PRO D 153 -19.50 5.11 32.18
N GLN D 154 -18.22 5.31 31.92
CA GLN D 154 -17.38 6.19 32.76
C GLN D 154 -17.25 7.57 32.13
N PHE D 155 -18.40 8.23 32.05
CA PHE D 155 -18.53 9.57 31.48
C PHE D 155 -19.07 10.53 32.54
N GLU D 156 -18.65 11.78 32.46
CA GLU D 156 -19.22 12.81 33.31
C GLU D 156 -19.83 13.90 32.44
N ASN D 157 -20.71 14.67 33.05
CA ASN D 157 -21.20 15.85 32.40
C ASN D 157 -20.13 16.92 32.51
N ILE D 158 -20.08 17.82 31.53
CA ILE D 158 -19.10 18.88 31.59
C ILE D 158 -19.68 20.12 30.92
N SER D 159 -19.28 21.29 31.43
CA SER D 159 -19.82 22.54 30.92
C SER D 159 -19.30 22.82 29.52
N ILE D 160 -20.01 23.71 28.83
CA ILE D 160 -19.69 24.03 27.45
C ILE D 160 -18.23 24.43 27.32
N TYR D 161 -17.81 25.43 28.10
CA TYR D 161 -16.42 25.89 27.97
C TYR D 161 -15.45 24.85 28.48
N ASN D 162 -15.81 24.08 29.49
CA ASN D 162 -14.90 23.06 29.97
C ASN D 162 -14.67 21.97 28.92
N TYR D 163 -15.68 21.69 28.07
CA TYR D 163 -15.48 20.79 26.94
C TYR D 163 -14.40 21.33 25.99
N PHE D 164 -14.39 22.64 25.79
CA PHE D 164 -13.29 23.29 25.08
C PHE D 164 -11.95 22.95 25.72
N VAL D 165 -11.87 23.01 27.05
CA VAL D 165 -10.60 22.71 27.71
C VAL D 165 -10.26 21.23 27.54
N TRP D 166 -11.26 20.36 27.71
CA TRP D 166 -10.98 18.93 27.77
C TRP D 166 -10.51 18.38 26.43
N THR D 167 -11.20 18.73 25.34
CA THR D 167 -10.74 18.25 24.04
C THR D 167 -9.29 18.65 23.76
N HIS D 168 -8.91 19.86 24.12
CA HIS D 168 -7.52 20.27 23.91
C HIS D 168 -6.56 19.48 24.81
N TYR D 169 -6.97 19.16 26.05
CA TYR D 169 -6.14 18.32 26.90
C TYR D 169 -6.00 16.92 26.35
N TYR D 170 -7.13 16.31 25.95
CA TYR D 170 -7.13 14.94 25.45
C TYR D 170 -6.22 14.79 24.25
N SER D 171 -6.02 15.86 23.48
CA SER D 171 -5.15 15.77 22.32
C SER D 171 -3.67 15.91 22.66
N VAL D 172 -3.32 16.34 23.87
CA VAL D 172 -1.91 16.52 24.23
C VAL D 172 -1.45 15.57 25.33
N LYS D 173 -2.38 14.94 26.06
CA LYS D 173 -2.02 14.06 27.16
C LYS D 173 -1.03 13.00 26.72
N LYS D 174 -0.25 12.50 27.67
CA LYS D 174 0.76 11.46 27.41
C LYS D 174 0.09 10.09 27.21
N THR D 175 0.72 9.27 26.35
CA THR D 175 0.25 7.89 26.18
C THR D 175 0.55 7.12 27.45
N PHE D 176 -0.49 6.56 28.05
CA PHE D 176 -0.34 5.75 29.25
C PHE D 176 0.14 4.34 28.87
N LEU D 177 1.21 3.88 29.50
CA LEU D 177 1.75 2.55 29.21
C LEU D 177 1.48 1.53 30.30
N GLY D 178 1.17 1.98 31.50
CA GLY D 178 0.82 1.08 32.58
C GLY D 178 1.42 1.55 33.87
N VAL D 179 0.81 1.09 34.98
CA VAL D 179 1.11 1.59 36.32
C VAL D 179 2.58 1.35 36.63
N GLY D 180 3.30 2.43 36.96
CA GLY D 180 4.70 2.33 37.25
C GLY D 180 5.62 2.60 36.07
N GLN D 181 5.19 2.28 34.84
CA GLN D 181 5.93 2.68 33.65
C GLN D 181 5.81 4.20 33.45
N GLU D 182 6.81 4.79 32.79
CA GLU D 182 6.74 6.20 32.51
C GLU D 182 5.92 6.43 31.25
N SER D 183 4.97 7.34 31.35
CA SER D 183 4.06 7.60 30.25
C SER D 183 4.80 8.25 29.09
N PHE D 184 4.32 8.02 27.88
CA PHE D 184 5.05 8.42 26.68
C PHE D 184 4.55 9.75 26.15
N GLY D 185 5.42 10.76 26.18
CA GLY D 185 5.06 12.14 25.90
C GLY D 185 5.41 12.76 24.57
N GLU D 186 6.18 12.08 23.72
CA GLU D 186 6.61 12.69 22.45
C GLU D 186 5.52 12.48 21.40
N VAL D 187 4.32 12.94 21.74
CA VAL D 187 3.12 12.80 20.93
C VAL D 187 2.21 13.99 21.22
N ASP D 188 1.61 14.54 20.16
CA ASP D 188 0.79 15.76 20.28
C ASP D 188 -0.12 15.78 19.05
N PHE D 189 -1.41 15.53 19.28
CA PHE D 189 -2.33 15.36 18.16
C PHE D 189 -2.80 16.69 17.59
N SER D 190 -2.38 17.80 18.20
CA SER D 190 -2.88 19.12 17.86
C SER D 190 -1.80 20.18 17.79
N HIS D 191 -0.54 19.85 18.11
CA HIS D 191 0.59 20.77 18.08
C HIS D 191 1.78 20.08 17.44
N GLU D 192 2.81 20.89 17.16
CA GLU D 192 4.07 20.39 16.62
C GLU D 192 3.84 19.52 15.41
N GLY D 193 2.92 19.94 14.55
CA GLY D 193 2.62 19.22 13.34
C GLY D 193 1.62 19.96 12.48
N PRO D 194 1.46 19.51 11.22
CA PRO D 194 0.57 20.23 10.28
C PRO D 194 -0.84 20.44 10.79
N ALA D 195 -1.36 19.55 11.63
CA ALA D 195 -2.75 19.66 12.05
C ALA D 195 -3.03 20.80 13.04
N PHE D 196 -1.98 21.53 13.47
CA PHE D 196 -2.13 22.50 14.54
C PHE D 196 -3.18 23.55 14.19
N LEU D 197 -3.07 24.19 13.02
CA LEU D 197 -4.04 25.23 12.66
C LEU D 197 -5.40 24.65 12.31
N THR D 198 -5.46 23.45 11.75
CA THR D 198 -6.76 22.89 11.44
C THR D 198 -7.45 22.43 12.70
N TRP D 199 -6.72 21.75 13.59
CA TRP D 199 -7.28 21.35 14.88
C TRP D 199 -7.91 22.55 15.61
N HIS D 200 -7.14 23.63 15.74
CA HIS D 200 -7.62 24.77 16.51
C HIS D 200 -8.72 25.54 15.76
N ARG D 201 -8.62 25.62 14.43
CA ARG D 201 -9.74 26.14 13.66
C ARG D 201 -11.06 25.45 14.03
N TYR D 202 -11.08 24.12 13.99
CA TYR D 202 -12.31 23.43 14.34
C TYR D 202 -12.63 23.58 15.83
N HIS D 203 -11.59 23.56 16.67
CA HIS D 203 -11.75 23.83 18.09
C HIS D 203 -12.58 25.11 18.31
N LEU D 204 -12.23 26.17 17.58
CA LEU D 204 -12.94 27.43 17.71
C LEU D 204 -14.32 27.36 17.03
N LEU D 205 -14.39 26.74 15.86
CA LEU D 205 -15.69 26.55 15.22
C LEU D 205 -16.69 25.94 16.20
N ARG D 206 -16.25 24.94 16.96
CA ARG D 206 -17.15 24.18 17.81
C ARG D 206 -17.65 25.02 19.00
N LEU D 207 -16.73 25.75 19.66
CA LEU D 207 -17.12 26.70 20.70
C LEU D 207 -18.12 27.72 20.19
N GLU D 208 -17.85 28.28 19.01
CA GLU D 208 -18.74 29.28 18.45
C GLU D 208 -20.14 28.71 18.25
N LYS D 209 -20.25 27.54 17.62
CA LYS D 209 -21.56 26.91 17.49
C LYS D 209 -22.20 26.66 18.86
N ASP D 210 -21.43 26.14 19.82
CA ASP D 210 -22.00 25.84 21.13
C ASP D 210 -22.55 27.09 21.79
N MET D 211 -21.76 28.17 21.77
CA MET D 211 -22.25 29.43 22.35
C MET D 211 -23.42 30.01 21.55
N GLN D 212 -23.43 29.85 20.22
CA GLN D 212 -24.60 30.24 19.43
C GLN D 212 -25.86 29.55 19.94
N GLU D 213 -25.82 28.23 20.07
CA GLU D 213 -27.03 27.53 20.52
C GLU D 213 -27.35 27.86 21.96
N MET D 214 -26.32 28.10 22.78
CA MET D 214 -26.54 28.44 24.17
C MET D 214 -27.28 29.77 24.29
N LEU D 215 -26.79 30.80 23.63
CA LEU D 215 -27.40 32.12 23.61
C LEU D 215 -28.65 32.19 22.76
N GLN D 216 -29.03 31.11 22.09
CA GLN D 216 -29.90 31.19 20.91
C GLN D 216 -29.61 32.46 20.10
N GLU D 217 -28.37 32.62 19.66
CA GLU D 217 -27.93 33.82 18.93
C GLU D 217 -27.16 33.38 17.70
N PRO D 218 -27.85 33.18 16.57
CA PRO D 218 -27.16 32.66 15.37
C PRO D 218 -25.98 33.50 14.96
N SER D 219 -26.07 34.82 15.10
CA SER D 219 -25.05 35.72 14.61
C SER D 219 -23.90 35.90 15.59
N PHE D 220 -23.85 35.12 16.67
CA PHE D 220 -22.80 35.31 17.66
C PHE D 220 -21.46 34.88 17.11
N SER D 221 -20.43 35.69 17.33
CA SER D 221 -19.13 35.43 16.76
C SER D 221 -18.07 35.54 17.83
N LEU D 222 -16.95 34.87 17.62
CA LEU D 222 -15.86 34.95 18.57
C LEU D 222 -14.90 36.03 18.12
N PRO D 223 -14.63 37.04 18.96
CA PRO D 223 -13.67 38.09 18.56
C PRO D 223 -12.25 37.56 18.63
N TYR D 224 -11.31 38.34 18.12
CA TYR D 224 -9.91 37.96 18.17
C TYR D 224 -9.10 39.01 18.93
N TRP D 225 -7.88 38.64 19.34
CA TRP D 225 -7.00 39.54 20.07
C TRP D 225 -5.73 39.74 19.27
N ASN D 226 -5.57 40.92 18.66
CA ASN D 226 -4.36 41.22 17.90
C ASN D 226 -3.16 41.29 18.83
N PHE D 227 -2.50 40.18 19.05
CA PHE D 227 -1.34 40.19 19.92
C PHE D 227 -0.06 40.53 19.18
N ALA D 228 -0.13 40.80 17.88
CA ALA D 228 1.05 41.17 17.12
C ALA D 228 1.25 42.68 17.14
N THR D 229 1.35 43.21 18.35
CA THR D 229 1.62 44.63 18.51
C THR D 229 2.90 44.89 19.29
N GLY D 230 3.66 43.85 19.62
CA GLY D 230 4.95 44.12 20.25
C GLY D 230 4.86 44.87 21.54
N LYS D 231 3.69 44.91 22.18
CA LYS D 231 3.52 45.66 23.40
C LYS D 231 4.21 44.94 24.54
N ASN D 232 4.63 45.74 25.52
CA ASN D 232 5.19 45.26 26.78
C ASN D 232 4.16 44.49 27.59
N VAL D 233 2.87 44.77 27.35
CA VAL D 233 1.79 44.49 28.29
C VAL D 233 0.64 43.85 27.53
N CYS D 234 -0.42 43.50 28.26
CA CYS D 234 -1.55 42.80 27.67
C CYS D 234 -2.72 43.78 27.52
N ASP D 235 -2.91 44.29 26.30
CA ASP D 235 -3.90 45.34 26.09
C ASP D 235 -5.35 44.89 26.29
N ILE D 236 -5.62 43.59 26.34
CA ILE D 236 -6.96 43.09 26.65
C ILE D 236 -7.06 42.56 28.08
N CYS D 237 -6.09 42.86 28.94
CA CYS D 237 -6.16 42.45 30.34
C CYS D 237 -6.70 43.60 31.19
N THR D 238 -8.01 43.80 31.07
CA THR D 238 -8.74 44.88 31.71
C THR D 238 -10.04 44.28 32.26
N ASP D 239 -10.62 44.92 33.28
CA ASP D 239 -11.80 44.32 33.87
C ASP D 239 -13.06 44.44 33.00
N ASP D 240 -13.04 45.22 31.91
CA ASP D 240 -14.19 45.19 31.02
C ASP D 240 -14.06 44.12 29.97
N LEU D 241 -12.96 43.37 29.96
CA LEU D 241 -12.75 42.25 29.08
C LEU D 241 -11.50 41.45 29.46
N MET D 242 -11.66 40.22 29.96
CA MET D 242 -10.56 39.27 30.25
C MET D 242 -9.95 39.47 31.63
N GLY D 243 -9.85 40.71 32.11
CA GLY D 243 -9.54 40.92 33.52
C GLY D 243 -8.15 41.46 33.78
N SER D 244 -8.04 42.60 34.44
CA SER D 244 -6.71 43.12 34.76
C SER D 244 -6.11 42.33 35.93
N ARG D 245 -4.87 42.65 36.26
CA ARG D 245 -4.16 41.95 37.32
C ARG D 245 -4.77 42.24 38.69
N SER D 246 -4.78 41.22 39.55
CA SER D 246 -5.26 41.37 40.93
C SER D 246 -4.28 42.22 41.72
N ASN D 247 -4.80 43.25 42.40
CA ASN D 247 -3.92 44.04 43.27
C ASN D 247 -3.48 43.29 44.51
N PHE D 248 -4.03 42.11 44.78
CA PHE D 248 -3.73 41.37 46.00
C PHE D 248 -2.85 40.15 45.77
N ASP D 249 -2.74 39.68 44.52
CA ASP D 249 -1.87 38.54 44.20
C ASP D 249 -1.52 38.69 42.73
N SER D 250 -0.25 39.05 42.45
CA SER D 250 0.18 39.40 41.09
C SER D 250 -0.14 38.36 40.05
N THR D 251 -0.33 37.10 40.42
CA THR D 251 -0.55 36.03 39.45
C THR D 251 -2.00 35.60 39.35
N LEU D 252 -2.93 36.36 39.90
CA LEU D 252 -4.34 36.06 39.74
C LEU D 252 -5.05 37.24 39.08
N ILE D 253 -6.26 36.98 38.61
CA ILE D 253 -7.05 37.99 37.93
C ILE D 253 -7.78 38.86 38.94
N SER D 254 -7.94 40.13 38.58
CA SER D 254 -8.69 41.08 39.40
C SER D 254 -10.00 40.48 39.89
N PRO D 255 -10.33 40.59 41.18
CA PRO D 255 -11.64 40.13 41.65
C PRO D 255 -12.80 40.94 41.10
N ASN D 256 -12.53 41.99 40.33
CA ASN D 256 -13.54 42.76 39.62
C ASN D 256 -13.89 42.17 38.26
N SER D 257 -13.27 41.06 37.86
CA SER D 257 -13.61 40.38 36.63
C SER D 257 -14.24 39.03 36.96
N VAL D 258 -15.25 38.65 36.18
CA VAL D 258 -15.84 37.35 36.41
C VAL D 258 -14.81 36.25 36.21
N PHE D 259 -13.72 36.53 35.50
CA PHE D 259 -12.74 35.47 35.30
C PHE D 259 -11.94 35.16 36.56
N SER D 260 -11.89 36.08 37.53
CA SER D 260 -11.23 35.73 38.78
C SER D 260 -11.94 34.63 39.51
N GLN D 261 -13.17 34.29 39.10
CA GLN D 261 -13.95 33.26 39.77
C GLN D 261 -13.79 31.88 39.17
N TRP D 262 -13.38 31.79 37.89
CA TRP D 262 -13.26 30.51 37.21
C TRP D 262 -12.30 29.57 37.94
N ARG D 263 -12.61 28.28 37.93
CA ARG D 263 -11.68 27.26 38.41
C ARG D 263 -11.33 26.27 37.29
N VAL D 264 -10.06 25.89 37.24
CA VAL D 264 -9.51 25.18 36.09
C VAL D 264 -9.88 23.71 36.17
N VAL D 265 -9.92 23.05 35.02
CA VAL D 265 -10.05 21.60 34.97
C VAL D 265 -8.75 21.05 34.42
N CYS D 266 -8.48 19.77 34.76
CA CYS D 266 -7.36 19.02 34.20
C CYS D 266 -5.98 19.41 34.69
N ASP D 267 -5.83 19.90 35.93
CA ASP D 267 -4.49 20.18 36.45
C ASP D 267 -3.96 19.08 37.35
N SER D 268 -4.56 17.90 37.34
CA SER D 268 -4.02 16.79 38.11
C SER D 268 -3.27 15.79 37.23
N LEU D 269 -2.34 16.29 36.39
CA LEU D 269 -1.63 15.41 35.47
C LEU D 269 -0.88 14.30 36.19
N GLU D 270 -0.28 14.60 37.33
CA GLU D 270 0.39 13.55 38.10
C GLU D 270 -0.55 12.37 38.35
N ASP D 271 -1.85 12.62 38.52
CA ASP D 271 -2.78 11.51 38.70
C ASP D 271 -3.02 10.75 37.42
N TYR D 272 -3.40 11.46 36.34
CA TYR D 272 -3.76 10.79 35.09
C TYR D 272 -2.62 9.90 34.61
N ASP D 273 -1.41 10.44 34.55
CA ASP D 273 -0.25 9.74 34.00
C ASP D 273 0.31 8.61 34.88
N THR D 274 -0.03 8.52 36.15
CA THR D 274 0.38 7.32 36.89
C THR D 274 -0.74 6.30 37.01
N LEU D 275 -1.99 6.73 36.92
CA LEU D 275 -3.15 5.84 37.06
C LEU D 275 -3.84 5.54 35.74
N GLY D 276 -3.46 6.21 34.65
CA GLY D 276 -4.18 6.00 33.42
C GLY D 276 -5.65 6.37 33.48
N THR D 277 -5.99 7.36 34.29
CA THR D 277 -7.29 8.00 34.22
C THR D 277 -7.18 9.27 33.38
N LEU D 278 -8.31 9.95 33.20
CA LEU D 278 -8.39 11.13 32.34
C LEU D 278 -8.94 12.33 33.11
N CYS D 279 -8.63 13.53 32.60
CA CYS D 279 -9.22 14.74 33.13
C CYS D 279 -10.73 14.60 33.26
N ASN D 280 -11.26 14.90 34.43
CA ASN D 280 -12.69 14.88 34.67
C ASN D 280 -13.18 16.31 34.86
N SER D 281 -14.49 16.45 35.05
CA SER D 281 -15.13 17.77 35.12
C SER D 281 -15.02 18.45 36.47
N THR D 282 -14.26 17.92 37.42
CA THR D 282 -14.17 18.60 38.70
C THR D 282 -13.13 19.71 38.61
N GLU D 283 -13.54 20.92 38.93
CA GLU D 283 -12.64 22.06 38.88
C GLU D 283 -11.74 22.05 40.11
N ASP D 284 -10.63 22.79 40.03
CA ASP D 284 -9.67 22.83 41.11
C ASP D 284 -9.15 24.24 41.27
N GLY D 285 -7.87 24.45 40.96
CA GLY D 285 -7.23 25.73 41.15
C GLY D 285 -7.89 26.89 40.42
N PRO D 286 -7.37 28.08 40.62
CA PRO D 286 -7.90 29.23 39.88
C PRO D 286 -6.95 29.59 38.75
N ILE D 287 -7.36 30.51 37.87
CA ILE D 287 -6.54 30.85 36.71
C ILE D 287 -5.30 31.61 37.15
N ARG D 288 -4.14 31.16 36.73
CA ARG D 288 -2.90 31.87 37.00
C ARG D 288 -2.46 32.59 35.72
N ARG D 289 -2.30 33.91 35.83
CA ARG D 289 -1.85 34.73 34.70
C ARG D 289 -0.94 35.84 35.21
N ASN D 290 0.25 35.97 34.61
CA ASN D 290 1.23 36.99 35.01
C ASN D 290 1.89 37.57 33.76
N PRO D 291 1.15 38.39 33.00
CA PRO D 291 1.67 38.83 31.68
C PRO D 291 2.99 39.57 31.81
N ALA D 292 3.90 39.26 30.87
CA ALA D 292 5.26 39.76 30.84
C ALA D 292 6.06 39.33 32.06
N GLY D 293 5.49 38.49 32.92
CA GLY D 293 6.09 38.21 34.21
C GLY D 293 7.22 37.19 34.22
N ASN D 294 7.47 36.51 33.11
CA ASN D 294 8.48 35.45 33.06
C ASN D 294 9.87 36.08 33.03
N VAL D 295 10.32 36.53 34.20
CA VAL D 295 11.61 37.24 34.27
C VAL D 295 12.77 36.32 33.94
N ALA D 296 12.60 35.01 34.15
CA ALA D 296 13.67 34.07 33.92
C ALA D 296 13.99 33.88 32.45
N ARG D 297 13.16 34.39 31.53
CA ARG D 297 13.39 34.29 30.09
C ARG D 297 12.91 35.55 29.39
N PRO D 298 13.79 36.54 29.27
CA PRO D 298 13.37 37.87 28.79
C PRO D 298 12.76 37.84 27.40
N MET D 299 12.99 36.80 26.63
CA MET D 299 12.48 36.78 25.27
C MET D 299 11.03 36.31 25.18
N VAL D 300 10.39 36.01 26.29
CA VAL D 300 8.95 35.81 26.31
C VAL D 300 8.36 36.85 27.23
N GLN D 301 9.03 38.00 27.32
CA GLN D 301 8.48 39.13 28.05
C GLN D 301 7.94 40.23 27.15
N ARG D 302 7.95 40.03 25.83
CA ARG D 302 7.25 40.94 24.93
C ARG D 302 6.63 40.14 23.79
N LEU D 303 5.50 40.68 23.28
CA LEU D 303 4.67 40.01 22.29
C LEU D 303 5.27 40.16 20.88
N PRO D 304 4.83 39.34 19.92
CA PRO D 304 5.35 39.48 18.55
C PRO D 304 5.20 40.90 18.03
N GLU D 305 6.15 41.30 17.16
CA GLU D 305 6.12 42.59 16.45
C GLU D 305 5.17 42.50 15.25
N PRO D 306 4.57 43.61 14.82
CA PRO D 306 3.65 43.53 13.68
C PRO D 306 4.32 43.00 12.42
N GLN D 307 5.61 43.29 12.25
CA GLN D 307 6.37 42.74 11.12
C GLN D 307 6.38 41.22 11.15
N ASP D 308 6.23 40.62 12.34
CA ASP D 308 6.21 39.16 12.41
C ASP D 308 5.05 38.58 11.60
N VAL D 309 3.83 39.02 11.87
CA VAL D 309 2.68 38.59 11.07
C VAL D 309 2.99 38.74 9.59
N ALA D 310 3.39 39.95 9.18
CA ALA D 310 3.68 40.20 7.76
C ALA D 310 4.70 39.22 7.21
N GLN D 311 5.81 39.03 7.94
CA GLN D 311 6.83 38.09 7.49
C GLN D 311 6.26 36.69 7.34
N CYS D 312 5.48 36.22 8.33
CA CYS D 312 5.09 34.82 8.32
C CYS D 312 4.13 34.50 7.19
N LEU D 313 3.37 35.49 6.71
CA LEU D 313 2.51 35.26 5.56
C LEU D 313 3.21 35.46 4.23
N GLU D 314 4.53 35.56 4.21
CA GLU D 314 5.25 35.38 2.97
C GLU D 314 5.77 33.96 2.84
N VAL D 315 5.75 33.20 3.93
CA VAL D 315 6.10 31.78 3.90
C VAL D 315 5.03 31.05 3.10
N GLY D 316 5.37 30.62 1.89
CA GLY D 316 4.37 30.22 0.94
C GLY D 316 4.07 28.76 0.79
N LEU D 317 4.74 27.87 1.51
CA LEU D 317 4.37 26.47 1.56
C LEU D 317 3.77 26.17 2.92
N PHE D 318 2.58 25.56 2.94
CA PHE D 318 1.90 25.33 4.20
C PHE D 318 2.82 24.61 5.19
N ASP D 319 3.34 23.46 4.79
CA ASP D 319 4.26 22.77 5.69
C ASP D 319 5.31 22.04 4.87
N THR D 320 6.48 21.86 5.48
CA THR D 320 7.63 21.24 4.85
C THR D 320 8.20 20.17 5.76
N PRO D 321 8.71 19.06 5.17
CA PRO D 321 9.22 17.95 6.02
C PRO D 321 10.30 18.47 6.99
N PRO D 322 10.43 17.82 8.17
CA PRO D 322 9.72 16.61 8.56
C PRO D 322 8.31 16.85 9.14
N PHE D 323 7.67 17.96 8.79
CA PHE D 323 6.31 18.24 9.25
C PHE D 323 6.22 18.18 10.78
N TYR D 324 7.14 18.87 11.44
CA TYR D 324 7.27 18.80 12.88
C TYR D 324 7.67 20.18 13.37
N SER D 325 8.05 20.27 14.66
CA SER D 325 8.40 21.57 15.21
C SER D 325 9.81 22.01 14.83
N ASN D 326 10.62 21.16 14.19
CA ASN D 326 11.89 21.60 13.61
C ASN D 326 11.78 21.84 12.11
N SER D 327 10.57 21.91 11.56
CA SER D 327 10.42 22.13 10.13
C SER D 327 10.79 23.56 9.77
N THR D 328 11.47 23.72 8.65
CA THR D 328 11.93 25.03 8.25
C THR D 328 11.21 25.47 6.99
N ASN D 329 11.10 26.78 6.80
CA ASN D 329 10.33 27.37 5.70
C ASN D 329 8.86 26.96 5.71
N SER D 330 8.36 26.46 6.84
CA SER D 330 6.99 25.99 6.97
C SER D 330 6.13 27.11 7.55
N PHE D 331 5.07 27.49 6.81
CA PHE D 331 4.16 28.49 7.33
C PHE D 331 3.52 28.02 8.62
N ARG D 332 3.02 26.78 8.62
CA ARG D 332 2.42 26.22 9.83
C ARG D 332 3.35 26.36 11.02
N ASN D 333 4.60 25.93 10.87
CA ASN D 333 5.56 25.99 11.97
C ASN D 333 5.98 27.42 12.29
N THR D 334 5.84 28.34 11.35
CA THR D 334 6.17 29.71 11.66
C THR D 334 5.09 30.38 12.53
N VAL D 335 3.82 30.24 12.15
CA VAL D 335 2.72 30.83 12.91
C VAL D 335 2.52 30.09 14.23
N GLU D 336 2.69 28.76 14.24
CA GLU D 336 2.68 28.07 15.52
C GLU D 336 3.78 28.60 16.41
N GLY D 337 4.96 28.85 15.85
CA GLY D 337 5.94 29.71 16.47
C GLY D 337 7.22 29.08 16.94
N PHE D 338 7.57 27.89 16.42
CA PHE D 338 8.88 27.29 16.71
C PHE D 338 9.98 27.80 15.80
N SER D 339 9.64 28.38 14.66
CA SER D 339 10.52 29.17 13.81
C SER D 339 10.32 30.66 14.09
N ASP D 340 11.31 31.46 13.70
CA ASP D 340 11.11 32.91 13.74
C ASP D 340 10.17 33.28 12.60
N PRO D 341 9.70 34.53 12.55
CA PRO D 341 8.67 34.90 11.55
C PRO D 341 9.02 34.73 10.08
N THR D 342 10.23 34.28 9.73
CA THR D 342 10.60 34.16 8.33
C THR D 342 10.73 32.72 7.86
N GLY D 343 10.66 31.74 8.76
CA GLY D 343 10.83 30.33 8.42
C GLY D 343 12.12 29.75 8.92
N LYS D 344 13.08 30.60 9.25
CA LYS D 344 14.24 30.33 10.08
C LYS D 344 13.91 29.54 11.35
N TYR D 345 14.14 28.22 11.38
CA TYR D 345 13.99 27.48 12.64
C TYR D 345 15.26 27.57 13.47
N ASP D 346 15.09 27.64 14.80
CA ASP D 346 16.17 27.72 15.77
C ASP D 346 15.60 27.44 17.17
N PRO D 347 16.12 26.43 17.88
CA PRO D 347 15.40 25.92 19.06
C PRO D 347 15.22 26.92 20.17
N ALA D 348 16.03 27.97 20.25
CA ALA D 348 15.82 28.97 21.29
C ALA D 348 14.73 29.98 20.91
N VAL D 349 14.21 29.92 19.67
CA VAL D 349 13.23 30.87 19.19
C VAL D 349 11.84 30.43 19.61
N SER D 350 11.04 31.38 20.11
CA SER D 350 9.61 31.17 20.26
C SER D 350 8.92 32.47 19.88
N SER D 351 8.22 32.47 18.74
CA SER D 351 7.52 33.66 18.23
C SER D 351 6.04 33.34 17.99
N LEU D 352 5.33 34.35 17.48
CA LEU D 352 3.91 34.28 17.16
C LEU D 352 3.12 33.48 18.20
N HIS D 353 2.37 32.46 17.76
CA HIS D 353 1.41 31.80 18.65
C HIS D 353 2.07 31.29 19.92
N ASN D 354 3.24 30.67 19.80
CA ASN D 354 3.95 30.22 20.99
C ASN D 354 4.33 31.40 21.88
N LEU D 355 4.87 32.47 21.27
CA LEU D 355 5.29 33.63 22.04
C LEU D 355 4.15 34.18 22.86
N ALA D 356 2.97 34.30 22.27
CA ALA D 356 1.82 34.84 23.01
C ALA D 356 1.46 33.94 24.19
N HIS D 357 1.54 32.62 24.02
CA HIS D 357 1.21 31.71 25.11
C HIS D 357 2.14 31.90 26.29
N LEU D 358 3.45 31.84 26.03
CA LEU D 358 4.43 31.96 27.11
C LEU D 358 4.39 33.31 27.78
N PHE D 359 4.07 34.37 27.01
CA PHE D 359 4.01 35.73 27.53
C PHE D 359 3.14 35.82 28.79
N LEU D 360 1.94 35.27 28.73
CA LEU D 360 1.04 35.26 29.87
C LEU D 360 1.66 34.70 31.14
N ASN D 361 2.80 34.00 31.04
CA ASN D 361 3.50 33.41 32.19
C ASN D 361 2.51 32.87 33.21
N GLY D 362 1.76 31.83 32.86
CA GLY D 362 0.73 31.35 33.74
C GLY D 362 -0.06 30.21 33.13
N THR D 363 -1.30 30.06 33.60
CA THR D 363 -2.08 28.91 33.14
C THR D 363 -2.10 28.84 31.64
N GLY D 364 -2.21 29.99 30.97
CA GLY D 364 -2.18 29.99 29.52
C GLY D 364 -0.86 29.60 28.90
N GLY D 365 0.21 29.51 29.68
CA GLY D 365 1.45 29.03 29.10
C GLY D 365 1.65 27.51 29.12
N GLN D 366 0.73 26.77 29.71
CA GLN D 366 0.93 25.36 30.01
C GLN D 366 0.08 24.52 29.06
N VAL D 367 0.76 23.69 28.28
CA VAL D 367 0.13 22.97 27.17
C VAL D 367 -1.14 22.25 27.60
N HIS D 368 -1.13 21.61 28.77
CA HIS D 368 -2.25 20.75 29.11
C HIS D 368 -3.42 21.52 29.72
N LEU D 369 -3.22 22.79 30.08
CA LEU D 369 -4.24 23.56 30.77
C LEU D 369 -4.66 24.83 30.06
N SER D 370 -3.93 25.27 29.04
CA SER D 370 -4.03 26.67 28.64
C SER D 370 -5.44 27.14 28.27
N PRO D 371 -6.30 26.36 27.62
CA PRO D 371 -7.64 26.91 27.29
C PRO D 371 -8.43 27.32 28.54
N ASN D 372 -7.88 27.03 29.73
CA ASN D 372 -8.50 27.49 30.97
C ASN D 372 -8.48 29.01 31.10
N ASP D 373 -7.53 29.67 30.47
CA ASP D 373 -7.51 31.11 30.41
C ASP D 373 -8.29 31.57 29.18
N PRO D 374 -9.40 32.29 29.32
CA PRO D 374 -10.20 32.62 28.12
C PRO D 374 -9.45 33.48 27.11
N ILE D 375 -8.34 34.12 27.50
CA ILE D 375 -7.45 34.76 26.53
C ILE D 375 -7.10 33.76 25.43
N PHE D 376 -7.20 32.46 25.73
CA PHE D 376 -6.92 31.44 24.71
C PHE D 376 -7.85 31.62 23.50
N VAL D 377 -9.15 31.72 23.75
CA VAL D 377 -10.12 31.84 22.67
C VAL D 377 -9.68 32.91 21.69
N LEU D 378 -9.27 34.05 22.21
CA LEU D 378 -8.93 35.17 21.35
C LEU D 378 -7.51 35.05 20.84
N LEU D 379 -6.66 34.33 21.55
CA LEU D 379 -5.33 34.02 21.04
C LEU D 379 -5.44 33.16 19.79
N HIS D 380 -6.43 32.27 19.74
CA HIS D 380 -6.48 31.35 18.63
C HIS D 380 -7.41 31.80 17.52
N THR D 381 -8.35 32.71 17.80
CA THR D 381 -9.07 33.31 16.66
C THR D 381 -8.15 34.21 15.84
N PHE D 382 -7.26 34.96 16.50
CA PHE D 382 -6.24 35.68 15.75
C PHE D 382 -5.38 34.70 14.93
N THR D 383 -4.76 33.71 15.60
CA THR D 383 -3.98 32.71 14.88
C THR D 383 -4.78 32.10 13.77
N ASP D 384 -6.08 31.92 14.01
CA ASP D 384 -6.86 31.34 12.93
C ASP D 384 -7.10 32.37 11.84
N ALA D 385 -7.17 33.64 12.19
CA ALA D 385 -7.29 34.68 11.17
C ALA D 385 -6.02 34.76 10.34
N VAL D 386 -4.85 34.65 10.98
CA VAL D 386 -3.61 34.60 10.22
C VAL D 386 -3.67 33.44 9.26
N PHE D 387 -4.10 32.28 9.76
CA PHE D 387 -4.26 31.10 8.92
C PHE D 387 -5.25 31.33 7.79
N ASP D 388 -6.37 32.00 8.08
CA ASP D 388 -7.37 32.21 7.05
C ASP D 388 -6.85 33.14 5.97
N GLU D 389 -6.20 34.23 6.37
CA GLU D 389 -5.55 35.09 5.39
C GLU D 389 -4.57 34.31 4.52
N TRP D 390 -3.83 33.38 5.12
CA TRP D 390 -2.87 32.62 4.33
C TRP D 390 -3.59 31.77 3.29
N LEU D 391 -4.65 31.07 3.71
CA LEU D 391 -5.46 30.32 2.75
C LEU D 391 -5.86 31.18 1.56
N ARG D 392 -6.30 32.42 1.80
CA ARG D 392 -6.74 33.26 0.71
C ARG D 392 -5.58 33.61 -0.22
N ARG D 393 -4.51 34.21 0.33
CA ARG D 393 -3.41 34.68 -0.51
C ARG D 393 -2.81 33.57 -1.35
N TYR D 394 -2.88 32.30 -0.91
CA TYR D 394 -2.27 31.19 -1.63
C TYR D 394 -3.27 30.12 -2.07
N ASN D 395 -4.54 30.50 -2.29
CA ASN D 395 -5.59 29.61 -2.79
C ASN D 395 -5.43 28.23 -2.13
N ALA D 396 -5.63 28.15 -0.82
CA ALA D 396 -5.87 26.87 -0.13
C ALA D 396 -4.94 25.72 -0.59
N ASP D 397 -3.69 26.04 -0.93
CA ASP D 397 -2.80 25.03 -1.53
C ASP D 397 -2.53 23.97 -0.48
N ILE D 398 -3.29 22.88 -0.53
CA ILE D 398 -3.15 21.80 0.44
C ILE D 398 -2.00 20.86 0.10
N SER D 399 -1.22 21.14 -0.95
CA SER D 399 -0.34 20.11 -1.51
C SER D 399 0.74 19.69 -0.53
N THR D 400 1.34 20.65 0.18
CA THR D 400 2.44 20.37 1.11
C THR D 400 1.97 19.91 2.50
N PHE D 401 0.68 19.60 2.65
CA PHE D 401 0.08 19.03 3.86
C PHE D 401 0.15 17.52 3.74
N PRO D 402 1.07 16.85 4.43
CA PRO D 402 1.35 15.44 4.12
C PRO D 402 0.16 14.55 4.36
N LEU D 403 -0.05 13.61 3.43
CA LEU D 403 -0.87 12.45 3.74
C LEU D 403 -0.11 11.37 4.49
N GLU D 404 1.21 11.31 4.36
CA GLU D 404 1.97 10.22 4.96
C GLU D 404 3.09 10.78 5.82
N ASN D 405 3.54 9.96 6.77
CA ASN D 405 4.79 10.09 7.51
C ASN D 405 4.78 11.25 8.51
N ALA D 406 3.67 11.94 8.68
CA ALA D 406 3.56 13.03 9.64
C ALA D 406 3.31 12.50 11.05
N PRO D 407 3.77 13.22 12.08
CA PRO D 407 3.64 12.71 13.45
C PRO D 407 2.21 12.28 13.72
N ILE D 408 2.06 11.14 14.40
CA ILE D 408 0.74 10.51 14.53
C ILE D 408 -0.26 11.57 14.94
N GLY D 409 -1.41 11.61 14.22
CA GLY D 409 -2.43 12.61 14.41
C GLY D 409 -2.55 13.62 13.28
N HIS D 410 -1.48 13.84 12.52
CA HIS D 410 -1.42 15.00 11.64
C HIS D 410 -1.56 14.68 10.15
N ASN D 411 -1.65 13.41 9.76
CA ASN D 411 -1.86 13.09 8.35
C ASN D 411 -3.14 13.73 7.84
N ARG D 412 -3.03 14.35 6.66
CA ARG D 412 -4.14 14.98 5.97
C ARG D 412 -5.53 14.50 6.36
N GLN D 413 -5.75 13.20 6.30
CA GLN D 413 -7.10 12.63 6.39
C GLN D 413 -7.31 11.98 7.74
N TYR D 414 -6.41 12.21 8.68
CA TYR D 414 -6.62 11.83 10.07
C TYR D 414 -7.80 12.62 10.67
N ASN D 415 -8.75 11.90 11.25
CA ASN D 415 -9.81 12.54 12.02
C ASN D 415 -9.19 13.23 13.23
N MET D 416 -9.42 14.55 13.35
CA MET D 416 -8.78 15.38 14.36
C MET D 416 -9.29 15.02 15.75
N VAL D 417 -8.36 14.69 16.64
CA VAL D 417 -8.64 14.06 17.93
C VAL D 417 -8.89 15.07 19.01
N PRO D 418 -10.04 14.97 19.73
CA PRO D 418 -11.07 13.95 19.71
C PRO D 418 -12.45 14.42 19.21
N PHE D 419 -12.47 15.08 18.07
CA PHE D 419 -13.69 15.75 17.65
C PHE D 419 -14.70 14.78 17.11
N TRP D 420 -15.96 15.06 17.37
CA TRP D 420 -17.07 14.23 16.95
C TRP D 420 -18.19 15.12 16.44
N PRO D 421 -18.82 14.71 15.32
CA PRO D 421 -18.52 13.57 14.43
C PRO D 421 -17.16 13.67 13.77
N PRO D 422 -16.66 12.55 13.26
CA PRO D 422 -15.29 12.56 12.73
C PRO D 422 -15.12 13.67 11.72
N VAL D 423 -13.98 14.34 11.79
CA VAL D 423 -13.73 15.48 10.92
C VAL D 423 -12.24 15.53 10.60
N THR D 424 -11.90 15.52 9.30
CA THR D 424 -10.51 15.46 8.84
C THR D 424 -9.89 16.85 8.83
N ASN D 425 -8.55 16.90 8.87
CA ASN D 425 -7.89 18.18 8.64
C ASN D 425 -8.31 18.79 7.31
N THR D 426 -8.54 17.95 6.28
CA THR D 426 -8.96 18.48 4.98
C THR D 426 -10.18 19.38 5.13
N GLU D 427 -11.20 18.91 5.85
CA GLU D 427 -12.47 19.63 5.91
C GLU D 427 -12.27 21.04 6.44
N MET D 428 -11.24 21.27 7.28
CA MET D 428 -10.91 22.61 7.81
C MET D 428 -10.02 23.42 6.87
N PHE D 429 -9.43 22.81 5.85
CA PHE D 429 -8.43 23.51 5.02
C PHE D 429 -9.15 24.20 3.86
N VAL D 430 -9.88 25.27 4.20
CA VAL D 430 -10.75 25.95 3.25
C VAL D 430 -10.81 27.43 3.64
N THR D 431 -10.96 28.33 2.66
CA THR D 431 -11.13 29.75 2.99
C THR D 431 -12.44 29.92 3.76
N ALA D 432 -12.34 30.34 5.01
CA ALA D 432 -13.51 30.43 5.88
C ALA D 432 -14.73 31.18 5.32
N PRO D 433 -14.63 32.34 4.63
CA PRO D 433 -15.87 33.06 4.23
C PRO D 433 -16.79 32.29 3.29
N ASP D 434 -16.24 31.55 2.35
CA ASP D 434 -17.04 30.88 1.35
C ASP D 434 -17.40 29.45 1.73
N ASN D 435 -16.74 28.89 2.75
CA ASN D 435 -16.92 27.47 3.07
C ASN D 435 -17.27 27.17 4.52
N LEU D 436 -17.11 28.12 5.46
CA LEU D 436 -17.29 27.87 6.88
C LEU D 436 -18.15 28.90 7.59
N GLY D 437 -18.75 29.84 6.87
CA GLY D 437 -19.78 30.69 7.45
C GLY D 437 -19.28 31.82 8.31
N TYR D 438 -18.02 32.21 8.15
CA TYR D 438 -17.47 33.27 8.98
C TYR D 438 -16.27 33.87 8.27
N THR D 439 -15.93 35.10 8.68
CA THR D 439 -14.81 35.83 8.10
C THR D 439 -14.21 36.76 9.15
N TYR D 440 -12.98 37.18 8.92
CA TYR D 440 -12.30 38.07 9.86
C TYR D 440 -12.31 39.49 9.31
N GLU D 441 -12.71 40.44 10.16
CA GLU D 441 -12.53 41.85 9.87
C GLU D 441 -11.16 42.25 10.38
N ILE D 442 -10.21 42.43 9.48
CA ILE D 442 -8.84 42.64 9.91
C ILE D 442 -8.04 43.14 8.72
N GLN D 443 -7.01 43.95 8.99
CA GLN D 443 -6.09 44.38 7.95
C GLN D 443 -4.67 44.09 8.39
N TRP D 444 -3.95 43.60 7.52
CA TRP D 444 -2.61 43.07 7.60
C TRP D 444 -1.58 44.12 7.22
N PRO D 445 -0.44 44.09 7.88
CA PRO D 445 0.58 45.12 7.63
C PRO D 445 1.23 44.94 6.26
N SER D 446 1.72 46.06 5.73
CA SER D 446 2.77 46.08 4.69
C SER D 446 3.08 47.52 4.28
#